data_7PVJ
#
_entry.id   7PVJ
#
_cell.length_a   147.333
_cell.length_b   261.659
_cell.length_c   130.289
_cell.angle_alpha   90.000
_cell.angle_beta   90.000
_cell.angle_gamma   90.000
#
_symmetry.space_group_name_H-M   'C 2 2 21'
#
loop_
_entity.id
_entity.type
_entity.pdbx_description
1 polymer 'Glutaredoxin domain-containing protein'
2 non-polymer 'FLAVIN-ADENINE DINUCLEOTIDE'
3 non-polymer "2'-MONOPHOSPHOADENOSINE-5'-DIPHOSPHATE"
4 non-polymer (4S)-2-METHYL-2,4-PENTANEDIOL
5 non-polymer 'SODIUM ION'
6 non-polymer 'GOLD ION'
#
_entity_poly.entity_id   1
_entity_poly.type   'polypeptide(L)'
_entity_poly.pdbx_seq_one_letter_code
;MSPIPNRVSSGSLADAVFKSACEERILLAYADYNPDMTKVVNLFSKYNETVNTVRVSNDAVKDILEIVGWPSMPLIFVKG
NCCGGFKELYQLEESGFLNEWLKEHEYDLAIVGGGSGGLAAAKEAVRLGKKVVCLDFVKPSAMGTTWGLGGTCVNVGCIP
KKLMHQAALLGEYIEDAKKFGWEIPEGAIKLNWHQLKNAVQNHIASLNWGYRVQLKEKSVTYMNSYATFTGSHELSVKNK
KGKVEKVTADRFLIAVGLRPRFPDVPGALECCISSDDLFSLPYNPGKTLCVGASYVSLECAGFLKGIGNDVTVMVRSVLL
RGFDQDMAERIKKHMTERGVKFVQCVPIKYERLKKPTDSEPGMIRVHTMQEDEDGTKEVTEDFNTVLMAIGRDAMTDDLG
LDVVGVNRAKSGKIIGRREQSVSCPYVYAIGDVLYGSPELTPVAIQAGKVLMRRLFTGSSELTEYDKIPTTVFTPLEYGS
CGLSEYSAIQKYGKENINVYHNVFIPLEYAVTERKEKTHCYCKLICLKNEQDLILGFHILTPNAGEITQGFAIALKFDAK
KADFDRLIGIHPTVAENFTTLTLVKEDGQTLKATGCUG
;
_entity_poly.pdbx_strand_id   A,B,C
#
loop_
_chem_comp.id
_chem_comp.type
_chem_comp.name
_chem_comp.formula
ATR non-polymer 2'-MONOPHOSPHOADENOSINE-5'-DIPHOSPHATE 'C10 H16 N5 O13 P3'
AU non-polymer 'GOLD ION' 'Au 1'
FAD non-polymer 'FLAVIN-ADENINE DINUCLEOTIDE' 'C27 H33 N9 O15 P2'
MPD non-polymer (4S)-2-METHYL-2,4-PENTANEDIOL 'C6 H14 O2'
NA non-polymer 'SODIUM ION' 'Na 1'
#
# COMPACT_ATOMS: atom_id res chain seq x y z
N SER A 12 51.94 -19.81 32.55
CA SER A 12 51.19 -20.21 33.79
C SER A 12 49.74 -20.54 33.45
N LEU A 13 49.02 -19.65 32.77
CA LEU A 13 47.60 -19.83 32.35
C LEU A 13 47.53 -20.28 30.88
N ALA A 14 46.31 -20.58 30.39
CA ALA A 14 46.02 -21.17 29.06
C ALA A 14 46.70 -20.35 27.96
N ASP A 15 46.36 -19.06 27.89
CA ASP A 15 46.91 -18.13 26.88
C ASP A 15 48.42 -18.39 26.74
N ALA A 16 49.17 -18.19 27.81
CA ALA A 16 50.65 -18.33 27.86
C ALA A 16 51.09 -19.70 27.31
N VAL A 17 50.36 -20.78 27.66
CA VAL A 17 50.67 -22.16 27.16
C VAL A 17 50.53 -22.14 25.63
N PHE A 18 49.41 -21.60 25.12
CA PHE A 18 49.04 -21.77 23.70
C PHE A 18 49.95 -20.92 22.81
N LYS A 19 50.43 -19.77 23.29
CA LYS A 19 51.40 -18.89 22.59
C LYS A 19 52.77 -19.58 22.59
N SER A 20 53.28 -20.00 23.76
CA SER A 20 54.52 -20.82 23.89
C SER A 20 54.48 -21.98 22.89
N ALA A 21 53.33 -22.65 22.77
CA ALA A 21 53.14 -23.77 21.83
C ALA A 21 53.36 -23.29 20.38
N CYS A 22 52.80 -22.10 20.00
CA CYS A 22 52.93 -21.46 18.65
C CYS A 22 54.41 -21.10 18.42
N GLU A 23 55.05 -20.40 19.37
CA GLU A 23 56.46 -19.92 19.30
C GLU A 23 57.43 -21.10 19.18
N GLU A 24 57.26 -22.13 20.02
CA GLU A 24 58.27 -23.21 20.21
C GLU A 24 58.10 -24.35 19.21
N ARG A 25 59.23 -24.96 18.82
CA ARG A 25 59.33 -26.17 17.98
C ARG A 25 58.70 -27.36 18.74
N ILE A 26 59.12 -27.62 19.98
CA ILE A 26 58.65 -28.78 20.79
C ILE A 26 58.25 -28.25 22.16
N LEU A 27 57.04 -28.56 22.63
CA LEU A 27 56.62 -28.13 24.01
C LEU A 27 56.02 -29.31 24.77
N LEU A 28 56.39 -29.43 26.05
CA LEU A 28 55.78 -30.32 27.06
C LEU A 28 55.06 -29.45 28.10
N ALA A 29 53.75 -29.66 28.26
CA ALA A 29 52.94 -29.00 29.29
C ALA A 29 52.58 -30.03 30.38
N TYR A 30 52.87 -29.69 31.65
CA TYR A 30 52.58 -30.54 32.83
C TYR A 30 51.89 -29.74 33.95
N ALA A 31 51.48 -30.43 35.01
CA ALA A 31 50.85 -29.81 36.20
C ALA A 31 51.70 -30.17 37.43
N ASP A 32 52.00 -31.46 37.55
CA ASP A 32 52.86 -32.10 38.58
C ASP A 32 53.61 -33.17 37.82
N TYR A 33 54.95 -33.18 37.85
CA TYR A 33 55.65 -34.12 36.94
C TYR A 33 55.48 -35.59 37.38
N ASN A 34 55.23 -36.48 36.40
CA ASN A 34 55.16 -37.96 36.51
C ASN A 34 56.39 -38.56 35.81
N PRO A 35 56.84 -39.78 36.18
CA PRO A 35 57.91 -40.46 35.43
C PRO A 35 57.50 -40.68 33.96
N ASP A 36 58.41 -41.25 33.15
CA ASP A 36 58.27 -41.45 31.68
C ASP A 36 58.42 -40.11 30.93
N MET A 37 58.52 -38.97 31.63
CA MET A 37 58.69 -37.63 30.99
C MET A 37 60.15 -37.45 30.57
N THR A 38 61.10 -38.02 31.32
CA THR A 38 62.51 -38.17 30.89
C THR A 38 62.51 -38.98 29.59
N LYS A 39 61.89 -40.16 29.61
CA LYS A 39 61.77 -41.10 28.46
C LYS A 39 61.34 -40.37 27.19
N VAL A 40 60.51 -39.33 27.32
CA VAL A 40 60.08 -38.46 26.18
C VAL A 40 61.25 -37.57 25.74
N VAL A 41 61.85 -36.80 26.66
CA VAL A 41 62.97 -35.86 26.33
C VAL A 41 64.11 -36.67 25.69
N ASN A 42 64.40 -37.86 26.22
CA ASN A 42 65.36 -38.85 25.65
C ASN A 42 64.99 -39.14 24.19
N LEU A 43 63.71 -39.35 23.91
CA LEU A 43 63.17 -39.68 22.56
C LEU A 43 63.57 -38.59 21.55
N PHE A 44 63.38 -37.30 21.91
CA PHE A 44 63.66 -36.13 21.04
C PHE A 44 65.18 -35.85 21.04
N SER A 45 65.88 -36.13 22.15
CA SER A 45 67.36 -36.15 22.20
C SER A 45 67.89 -36.87 20.94
N LYS A 46 67.23 -37.96 20.55
CA LYS A 46 67.68 -38.72 19.36
C LYS A 46 67.58 -37.78 18.14
N TYR A 47 66.80 -36.70 18.23
CA TYR A 47 66.65 -35.83 17.04
C TYR A 47 67.37 -34.51 17.25
N ASN A 48 68.37 -34.49 18.10
CA ASN A 48 69.06 -33.20 18.40
C ASN A 48 68.03 -32.09 18.65
N GLU A 49 66.85 -32.44 19.17
CA GLU A 49 65.73 -31.48 19.37
C GLU A 49 65.69 -31.03 20.82
N THR A 50 65.71 -29.71 21.06
CA THR A 50 65.36 -29.07 22.36
C THR A 50 63.89 -29.40 22.64
N VAL A 51 63.52 -29.55 23.92
CA VAL A 51 62.13 -29.79 24.40
C VAL A 51 61.83 -28.76 25.47
N ASN A 52 61.19 -27.64 25.13
CA ASN A 52 60.79 -26.61 26.12
C ASN A 52 59.73 -27.23 27.05
N THR A 53 59.33 -26.57 28.14
CA THR A 53 58.46 -27.16 29.20
C THR A 53 57.65 -26.07 29.93
N VAL A 54 56.41 -26.40 30.33
CA VAL A 54 55.48 -25.43 30.99
C VAL A 54 54.72 -26.10 32.14
N ARG A 55 54.79 -25.48 33.33
CA ARG A 55 53.95 -25.76 34.51
C ARG A 55 52.63 -25.01 34.35
N VAL A 56 51.54 -25.73 34.12
CA VAL A 56 50.16 -25.16 34.13
C VAL A 56 49.69 -25.12 35.59
N SER A 57 48.85 -24.13 35.89
CA SER A 57 48.18 -24.03 37.20
C SER A 57 47.01 -25.03 37.18
N ASN A 58 46.51 -25.43 38.34
CA ASN A 58 45.36 -26.37 38.38
C ASN A 58 44.10 -25.71 37.78
N ASP A 59 43.96 -24.41 38.01
CA ASP A 59 42.78 -23.64 37.53
C ASP A 59 42.70 -23.71 36.00
N ALA A 60 43.83 -23.63 35.30
CA ALA A 60 43.83 -23.62 33.82
C ALA A 60 43.82 -25.02 33.21
N VAL A 61 43.94 -26.07 34.01
CA VAL A 61 43.99 -27.44 33.42
C VAL A 61 42.70 -27.83 32.70
N LYS A 62 41.56 -27.57 33.33
CA LYS A 62 40.22 -28.01 32.87
C LYS A 62 39.91 -27.36 31.52
N ASP A 63 40.25 -26.06 31.36
CA ASP A 63 40.02 -25.29 30.10
C ASP A 63 40.88 -25.88 28.97
N ILE A 64 42.20 -25.94 29.20
CA ILE A 64 43.22 -26.36 28.19
C ILE A 64 42.84 -27.72 27.63
N LEU A 65 42.54 -28.69 28.49
CA LEU A 65 42.09 -30.04 28.07
C LEU A 65 40.81 -29.93 27.22
N GLU A 66 39.89 -29.03 27.61
CA GLU A 66 38.60 -28.86 26.91
C GLU A 66 38.86 -28.33 25.50
N ILE A 67 39.69 -27.28 25.36
CA ILE A 67 40.06 -26.70 24.03
C ILE A 67 40.67 -27.81 23.14
N VAL A 68 41.78 -28.42 23.53
CA VAL A 68 42.52 -29.37 22.63
C VAL A 68 41.79 -30.71 22.53
N GLY A 69 40.87 -31.01 23.45
CA GLY A 69 40.01 -32.21 23.38
C GLY A 69 40.77 -33.49 23.72
N TRP A 70 41.68 -33.44 24.70
CA TRP A 70 42.38 -34.64 25.21
C TRP A 70 41.94 -34.87 26.67
N PRO A 71 41.97 -36.12 27.17
CA PRO A 71 41.41 -36.46 28.48
C PRO A 71 42.27 -36.08 29.70
N SER A 72 43.60 -36.21 29.62
CA SER A 72 44.54 -36.32 30.78
C SER A 72 45.60 -35.23 30.80
N MET A 73 46.39 -35.20 31.89
CA MET A 73 47.33 -34.12 32.34
C MET A 73 48.36 -33.78 31.26
N PRO A 74 49.34 -34.70 30.97
CA PRO A 74 50.56 -34.30 30.25
C PRO A 74 50.27 -34.12 28.75
N LEU A 75 50.72 -32.99 28.18
CA LEU A 75 50.45 -32.61 26.77
C LEU A 75 51.78 -32.34 26.03
N ILE A 76 51.96 -32.97 24.85
CA ILE A 76 53.08 -32.64 23.91
C ILE A 76 52.52 -31.83 22.75
N PHE A 77 53.25 -30.77 22.36
CA PHE A 77 53.01 -29.98 21.12
C PHE A 77 54.27 -30.05 20.24
N VAL A 78 54.03 -30.24 18.94
CA VAL A 78 55.09 -30.35 17.89
C VAL A 78 54.79 -29.35 16.76
N LYS A 79 55.76 -28.51 16.39
CA LYS A 79 55.60 -27.39 15.44
C LYS A 79 54.16 -26.87 15.51
N GLY A 80 53.71 -26.50 16.72
CA GLY A 80 52.43 -25.83 16.99
C GLY A 80 51.20 -26.71 16.75
N ASN A 81 51.32 -28.04 16.90
CA ASN A 81 50.20 -29.02 16.81
C ASN A 81 50.22 -29.96 18.02
N CYS A 82 49.08 -30.10 18.68
CA CYS A 82 48.88 -30.89 19.92
C CYS A 82 48.75 -32.37 19.54
N CYS A 83 49.63 -33.22 20.08
CA CYS A 83 49.77 -34.66 19.71
C CYS A 83 49.02 -35.54 20.71
N GLY A 84 48.91 -35.08 21.96
CA GLY A 84 48.35 -35.82 23.12
C GLY A 84 49.38 -36.03 24.24
N GLY A 85 49.28 -37.17 24.92
CA GLY A 85 50.27 -37.66 25.90
C GLY A 85 51.39 -38.45 25.24
N PHE A 86 52.19 -39.14 26.05
CA PHE A 86 53.35 -39.96 25.60
C PHE A 86 52.84 -41.12 24.74
N LYS A 87 51.73 -41.73 25.17
CA LYS A 87 51.03 -42.83 24.45
C LYS A 87 50.96 -42.50 22.95
N GLU A 88 50.46 -41.31 22.61
CA GLU A 88 50.26 -40.82 21.23
C GLU A 88 51.63 -40.55 20.58
N LEU A 89 52.58 -40.00 21.34
CA LEU A 89 53.92 -39.63 20.82
C LEU A 89 54.67 -40.90 20.37
N TYR A 90 54.64 -41.95 21.18
CA TYR A 90 55.35 -43.23 20.86
C TYR A 90 54.76 -43.87 19.59
N GLN A 91 53.49 -43.66 19.30
CA GLN A 91 52.81 -44.12 18.05
C GLN A 91 53.49 -43.45 16.86
N LEU A 92 53.50 -42.13 16.87
CA LEU A 92 54.17 -41.29 15.84
C LEU A 92 55.59 -41.79 15.58
N GLU A 93 56.39 -42.05 16.62
CA GLU A 93 57.81 -42.52 16.50
C GLU A 93 57.83 -43.96 15.98
N GLU A 94 57.16 -44.91 16.65
CA GLU A 94 57.02 -46.33 16.22
C GLU A 94 56.65 -46.38 14.72
N SER A 95 55.81 -45.45 14.23
CA SER A 95 55.33 -45.39 12.81
C SER A 95 56.34 -44.72 11.86
N GLY A 96 57.39 -44.08 12.36
CA GLY A 96 58.38 -43.34 11.55
C GLY A 96 57.92 -41.93 11.20
N PHE A 97 56.64 -41.62 11.44
CA PHE A 97 55.96 -40.33 11.17
C PHE A 97 56.73 -39.18 11.83
N LEU A 98 57.12 -39.31 13.10
CA LEU A 98 57.82 -38.28 13.92
C LEU A 98 59.11 -37.83 13.23
N ASN A 99 59.97 -38.78 12.81
CA ASN A 99 61.23 -38.47 12.07
C ASN A 99 60.91 -37.66 10.78
N GLU A 100 59.93 -38.08 9.97
CA GLU A 100 59.53 -37.35 8.73
C GLU A 100 59.00 -35.96 9.09
N TRP A 101 58.17 -35.87 10.12
CA TRP A 101 57.45 -34.63 10.56
C TRP A 101 58.46 -33.53 10.90
N LEU A 102 59.58 -33.88 11.56
CA LEU A 102 60.54 -32.90 12.12
C LEU A 102 61.39 -32.30 11.00
N LYS A 103 61.58 -33.02 9.89
CA LYS A 103 62.30 -32.52 8.69
C LYS A 103 61.63 -31.24 8.16
N GLU A 104 62.43 -30.34 7.58
CA GLU A 104 61.98 -29.14 6.84
C GLU A 104 61.09 -29.61 5.67
N HIS A 105 60.11 -28.80 5.30
CA HIS A 105 59.10 -29.12 4.25
C HIS A 105 58.92 -27.89 3.37
N GLU A 106 58.45 -28.10 2.14
CA GLU A 106 58.30 -27.07 1.10
C GLU A 106 57.31 -26.01 1.58
N TYR A 107 56.17 -26.45 2.13
CA TYR A 107 55.05 -25.53 2.51
C TYR A 107 54.75 -25.63 4.01
N ASP A 108 54.27 -24.51 4.59
CA ASP A 108 53.82 -24.43 6.00
C ASP A 108 52.49 -25.16 6.14
N LEU A 109 51.67 -25.11 5.10
CA LEU A 109 50.29 -25.64 5.09
C LEU A 109 49.90 -25.98 3.67
N ALA A 110 49.42 -27.21 3.43
CA ALA A 110 48.84 -27.61 2.12
C ALA A 110 47.33 -27.71 2.31
N ILE A 111 46.60 -26.98 1.48
CA ILE A 111 45.11 -26.92 1.54
C ILE A 111 44.58 -27.72 0.35
N VAL A 112 43.84 -28.79 0.62
CA VAL A 112 43.18 -29.61 -0.42
C VAL A 112 41.71 -29.16 -0.53
N GLY A 113 41.41 -28.39 -1.57
CA GLY A 113 40.10 -27.84 -1.90
C GLY A 113 40.14 -26.33 -2.06
N GLY A 114 39.67 -25.85 -3.21
CA GLY A 114 39.59 -24.41 -3.54
C GLY A 114 38.19 -23.89 -3.36
N GLY A 115 37.50 -24.37 -2.33
CA GLY A 115 36.13 -23.97 -1.99
C GLY A 115 36.05 -22.86 -0.96
N SER A 116 34.84 -22.70 -0.44
CA SER A 116 34.49 -21.68 0.57
C SER A 116 35.56 -21.70 1.68
N GLY A 117 35.72 -22.84 2.37
CA GLY A 117 36.69 -23.00 3.47
C GLY A 117 38.13 -22.91 2.98
N GLY A 118 38.49 -23.72 1.99
CA GLY A 118 39.84 -23.69 1.43
C GLY A 118 40.34 -22.26 1.18
N LEU A 119 39.58 -21.46 0.42
CA LEU A 119 40.07 -20.12 -0.01
C LEU A 119 40.16 -19.20 1.21
N ALA A 120 39.18 -19.29 2.12
CA ALA A 120 39.12 -18.53 3.39
C ALA A 120 40.38 -18.79 4.23
N ALA A 121 40.63 -20.09 4.44
CA ALA A 121 41.81 -20.60 5.16
C ALA A 121 43.07 -20.07 4.48
N ALA A 122 43.20 -20.28 3.18
CA ALA A 122 44.38 -19.81 2.41
C ALA A 122 44.60 -18.31 2.61
N LYS A 123 43.55 -17.49 2.45
CA LYS A 123 43.71 -16.03 2.64
C LYS A 123 44.14 -15.77 4.09
N GLU A 124 43.48 -16.39 5.07
CA GLU A 124 43.79 -16.06 6.48
C GLU A 124 45.22 -16.47 6.86
N ALA A 125 45.66 -17.66 6.45
CA ALA A 125 47.01 -18.22 6.70
C ALA A 125 48.08 -17.23 6.24
N VAL A 126 48.03 -16.85 4.97
CA VAL A 126 49.04 -15.96 4.33
C VAL A 126 49.00 -14.57 4.98
N ARG A 127 47.83 -14.10 5.44
CA ARG A 127 47.73 -12.84 6.22
C ARG A 127 48.59 -12.94 7.48
N LEU A 128 48.79 -14.15 8.03
CA LEU A 128 49.67 -14.41 9.21
C LEU A 128 51.04 -14.85 8.74
N GLY A 129 51.39 -14.51 7.51
CA GLY A 129 52.74 -14.61 6.90
C GLY A 129 53.28 -16.03 6.84
N LYS A 130 52.51 -16.99 6.32
CA LYS A 130 52.89 -18.42 6.21
C LYS A 130 52.85 -18.87 4.75
N LYS A 131 53.80 -19.71 4.34
CA LYS A 131 53.90 -20.26 2.96
C LYS A 131 52.82 -21.33 2.77
N VAL A 132 51.89 -21.09 1.87
CA VAL A 132 50.64 -21.89 1.71
C VAL A 132 50.48 -22.31 0.25
N VAL A 133 50.02 -23.52 0.01
CA VAL A 133 49.65 -24.02 -1.34
C VAL A 133 48.17 -24.47 -1.30
N CYS A 134 47.42 -24.08 -2.34
CA CYS A 134 45.98 -24.41 -2.52
C CYS A 134 45.81 -25.27 -3.76
N LEU A 135 45.16 -26.43 -3.59
CA LEU A 135 44.91 -27.41 -4.66
C LEU A 135 43.40 -27.47 -4.92
N ASP A 136 42.90 -27.03 -6.09
CA ASP A 136 41.51 -27.26 -6.52
C ASP A 136 41.51 -28.03 -7.84
N PHE A 137 40.64 -29.03 -7.98
CA PHE A 137 40.35 -29.71 -9.26
C PHE A 137 38.90 -30.15 -9.24
N VAL A 138 38.17 -29.99 -10.35
CA VAL A 138 36.74 -30.39 -10.45
C VAL A 138 36.64 -31.64 -11.34
N LYS A 139 36.48 -32.81 -10.71
CA LYS A 139 36.11 -34.05 -11.41
C LYS A 139 34.71 -33.80 -11.99
N PRO A 140 34.51 -34.05 -13.30
CA PRO A 140 33.30 -33.58 -13.97
C PRO A 140 32.06 -34.41 -13.60
N SER A 141 30.86 -33.86 -13.73
CA SER A 141 29.58 -34.60 -13.52
C SER A 141 29.55 -35.81 -14.45
N ALA A 142 28.59 -36.69 -14.27
CA ALA A 142 28.41 -37.87 -15.15
C ALA A 142 28.04 -37.43 -16.57
N MET A 143 27.39 -36.28 -16.71
CA MET A 143 27.03 -35.64 -18.00
C MET A 143 28.27 -34.88 -18.51
N GLY A 144 29.30 -34.73 -17.70
CA GLY A 144 30.61 -34.20 -18.15
C GLY A 144 30.81 -32.73 -17.84
N THR A 145 29.93 -32.12 -17.04
CA THR A 145 30.00 -30.70 -16.64
C THR A 145 31.19 -30.50 -15.72
N THR A 146 31.91 -29.40 -15.92
CA THR A 146 33.06 -28.96 -15.07
C THR A 146 32.97 -27.44 -14.87
N TRP A 147 33.84 -26.84 -14.06
CA TRP A 147 33.83 -25.38 -13.75
C TRP A 147 35.13 -24.92 -13.09
N GLY A 148 35.22 -23.62 -12.85
CA GLY A 148 36.43 -22.96 -12.32
C GLY A 148 36.47 -22.89 -10.80
N LEU A 149 37.40 -22.07 -10.32
CA LEU A 149 37.78 -21.92 -8.90
C LEU A 149 36.62 -21.31 -8.13
N GLY A 150 36.48 -21.69 -6.87
CA GLY A 150 35.47 -21.10 -5.96
C GLY A 150 34.66 -22.18 -5.26
N GLY A 151 34.60 -23.38 -5.83
CA GLY A 151 33.91 -24.52 -5.20
C GLY A 151 32.41 -24.43 -5.36
N THR A 152 31.68 -25.17 -4.52
CA THR A 152 30.24 -25.50 -4.75
C THR A 152 29.40 -24.23 -4.77
N CYS A 153 29.63 -23.34 -3.80
CA CYS A 153 28.81 -22.12 -3.63
C CYS A 153 28.87 -21.26 -4.90
N VAL A 154 30.08 -20.94 -5.35
CA VAL A 154 30.33 -19.98 -6.46
C VAL A 154 29.72 -20.56 -7.74
N ASN A 155 29.92 -21.85 -7.99
CA ASN A 155 29.80 -22.45 -9.34
C ASN A 155 28.46 -23.17 -9.47
N VAL A 156 28.02 -23.91 -8.47
CA VAL A 156 26.86 -24.82 -8.64
C VAL A 156 26.00 -24.88 -7.37
N GLY A 157 25.94 -23.80 -6.58
CA GLY A 157 25.27 -23.78 -5.27
C GLY A 157 24.62 -22.46 -4.99
N CYS A 158 24.80 -21.88 -3.80
CA CYS A 158 24.15 -20.63 -3.31
C CYS A 158 24.07 -19.57 -4.44
N ILE A 159 25.20 -19.20 -5.07
CA ILE A 159 25.29 -18.03 -5.99
C ILE A 159 24.32 -18.19 -7.16
N PRO A 160 24.47 -19.17 -8.05
CA PRO A 160 23.54 -19.31 -9.17
C PRO A 160 22.09 -19.51 -8.71
N LYS A 161 21.90 -20.36 -7.73
CA LYS A 161 20.58 -20.71 -7.14
C LYS A 161 19.83 -19.43 -6.76
N LYS A 162 20.45 -18.56 -5.96
CA LYS A 162 19.82 -17.30 -5.48
C LYS A 162 19.47 -16.44 -6.69
N LEU A 163 20.39 -16.33 -7.66
CA LEU A 163 20.17 -15.54 -8.90
C LEU A 163 18.96 -16.10 -9.67
N MET A 164 18.82 -17.42 -9.74
CA MET A 164 17.67 -18.04 -10.45
C MET A 164 16.38 -17.89 -9.63
N HIS A 165 16.46 -17.96 -8.31
CA HIS A 165 15.34 -17.56 -7.40
C HIS A 165 14.91 -16.12 -7.72
N GLN A 166 15.87 -15.19 -7.77
CA GLN A 166 15.62 -13.74 -7.97
C GLN A 166 14.88 -13.52 -9.29
N ALA A 167 15.30 -14.25 -10.33
CA ALA A 167 14.62 -14.34 -11.63
C ALA A 167 13.15 -14.70 -11.37
N ALA A 168 12.91 -15.79 -10.66
CA ALA A 168 11.53 -16.26 -10.40
C ALA A 168 10.75 -15.15 -9.65
N LEU A 169 11.33 -14.56 -8.61
CA LEU A 169 10.66 -13.43 -7.89
C LEU A 169 10.32 -12.29 -8.86
N LEU A 170 11.28 -11.88 -9.71
CA LEU A 170 11.04 -10.72 -10.62
C LEU A 170 9.82 -10.97 -11.51
N GLY A 171 9.58 -12.23 -11.88
CA GLY A 171 8.34 -12.67 -12.53
C GLY A 171 7.11 -12.24 -11.75
N GLU A 172 7.05 -12.56 -10.45
CA GLU A 172 5.86 -12.22 -9.63
C GLU A 172 5.79 -10.69 -9.48
N TYR A 173 6.91 -9.97 -9.63
CA TYR A 173 7.02 -8.49 -9.42
C TYR A 173 6.41 -7.75 -10.61
N ILE A 174 6.55 -8.31 -11.81
CA ILE A 174 5.92 -7.75 -13.04
C ILE A 174 4.42 -7.60 -12.78
N GLU A 175 3.80 -8.66 -12.25
CA GLU A 175 2.34 -8.70 -11.99
C GLU A 175 2.00 -7.63 -10.94
N ASP A 176 2.82 -7.46 -9.92
CA ASP A 176 2.63 -6.43 -8.87
C ASP A 176 2.72 -5.04 -9.50
N ALA A 177 3.74 -4.80 -10.32
CA ALA A 177 3.95 -3.51 -11.03
C ALA A 177 2.61 -3.02 -11.61
N LYS A 178 1.87 -3.90 -12.28
CA LYS A 178 0.57 -3.60 -12.94
C LYS A 178 -0.47 -3.15 -11.89
N LYS A 179 -0.53 -3.79 -10.72
CA LYS A 179 -1.57 -3.48 -9.70
C LYS A 179 -1.26 -2.12 -9.07
N PHE A 180 0.00 -1.67 -9.16
CA PHE A 180 0.47 -0.38 -8.58
C PHE A 180 0.34 0.74 -9.62
N GLY A 181 0.02 0.42 -10.88
CA GLY A 181 -0.37 1.40 -11.92
C GLY A 181 0.57 1.46 -13.10
N TRP A 182 1.55 0.55 -13.19
CA TRP A 182 2.51 0.59 -14.31
C TRP A 182 1.85 -0.04 -15.53
N GLU A 183 1.61 0.75 -16.58
CA GLU A 183 1.00 0.29 -17.85
C GLU A 183 2.01 -0.55 -18.63
N ILE A 184 2.00 -1.87 -18.43
CA ILE A 184 2.84 -2.85 -19.17
C ILE A 184 2.01 -3.38 -20.33
N PRO A 185 2.52 -3.38 -21.59
CA PRO A 185 1.77 -3.95 -22.71
C PRO A 185 1.32 -5.37 -22.28
N GLU A 186 0.06 -5.72 -22.56
CA GLU A 186 -0.57 -7.01 -22.15
C GLU A 186 -0.32 -8.04 -23.26
N GLY A 187 -0.43 -9.32 -22.90
CA GLY A 187 0.14 -10.46 -23.66
C GLY A 187 1.13 -11.20 -22.79
N ALA A 188 1.11 -12.53 -22.82
CA ALA A 188 1.92 -13.44 -21.97
C ALA A 188 3.39 -13.02 -22.06
N ILE A 189 4.04 -12.87 -20.92
CA ILE A 189 5.49 -12.56 -20.88
C ILE A 189 6.22 -13.86 -20.57
N LYS A 190 7.11 -14.30 -21.47
CA LYS A 190 7.90 -15.56 -21.33
C LYS A 190 9.32 -15.20 -20.86
N LEU A 191 9.98 -16.13 -20.15
CA LEU A 191 11.39 -15.95 -19.72
C LEU A 191 12.29 -16.76 -20.64
N ASN A 192 13.33 -16.12 -21.20
CA ASN A 192 14.34 -16.77 -22.07
C ASN A 192 15.43 -17.38 -21.19
N TRP A 193 15.44 -18.70 -21.07
CA TRP A 193 16.41 -19.47 -20.26
C TRP A 193 17.84 -19.12 -20.65
N HIS A 194 18.14 -19.10 -21.95
CA HIS A 194 19.49 -18.85 -22.51
C HIS A 194 20.06 -17.54 -21.99
N GLN A 195 19.25 -16.49 -21.90
CA GLN A 195 19.65 -15.16 -21.35
C GLN A 195 20.00 -15.30 -19.87
N LEU A 196 19.08 -15.82 -19.04
CA LEU A 196 19.29 -16.04 -17.59
C LEU A 196 20.58 -16.82 -17.35
N LYS A 197 20.72 -17.97 -18.02
CA LYS A 197 21.88 -18.87 -17.87
C LYS A 197 23.17 -18.10 -18.18
N ASN A 198 23.24 -17.38 -19.30
CA ASN A 198 24.48 -16.64 -19.67
C ASN A 198 24.71 -15.52 -18.65
N ALA A 199 23.64 -14.82 -18.26
CA ALA A 199 23.68 -13.76 -17.24
C ALA A 199 24.39 -14.31 -16.00
N VAL A 200 23.90 -15.44 -15.51
CA VAL A 200 24.43 -16.17 -14.33
C VAL A 200 25.89 -16.54 -14.58
N GLN A 201 26.15 -17.32 -15.62
CA GLN A 201 27.51 -17.87 -15.90
C GLN A 201 28.55 -16.73 -16.10
N ASN A 202 28.14 -15.59 -16.62
CA ASN A 202 29.06 -14.42 -16.71
C ASN A 202 29.51 -14.02 -15.31
N HIS A 203 28.61 -14.01 -14.32
CA HIS A 203 28.95 -13.59 -12.94
C HIS A 203 29.91 -14.65 -12.37
N ILE A 204 29.50 -15.92 -12.46
CA ILE A 204 30.34 -17.08 -12.04
C ILE A 204 31.74 -16.92 -12.62
N ALA A 205 31.86 -16.58 -13.91
CA ALA A 205 33.16 -16.35 -14.58
C ALA A 205 33.97 -15.28 -13.83
N SER A 206 33.33 -14.14 -13.56
CA SER A 206 33.95 -12.97 -12.88
C SER A 206 34.43 -13.39 -11.49
N LEU A 207 33.60 -14.16 -10.77
CA LEU A 207 34.01 -14.74 -9.44
C LEU A 207 35.22 -15.65 -9.63
N ASN A 208 35.09 -16.71 -10.45
CA ASN A 208 36.17 -17.66 -10.78
C ASN A 208 37.47 -16.88 -10.96
N TRP A 209 37.40 -15.87 -11.81
CA TRP A 209 38.62 -15.12 -12.20
C TRP A 209 39.12 -14.29 -11.01
N GLY A 210 38.21 -13.56 -10.37
CA GLY A 210 38.47 -12.82 -9.12
C GLY A 210 39.25 -13.65 -8.12
N TYR A 211 38.75 -14.84 -7.77
CA TYR A 211 39.40 -15.71 -6.75
C TYR A 211 40.81 -16.10 -7.21
N ARG A 212 40.97 -16.48 -8.49
CA ARG A 212 42.26 -16.93 -9.06
C ARG A 212 43.25 -15.77 -8.96
N VAL A 213 42.81 -14.55 -9.28
CA VAL A 213 43.65 -13.33 -9.14
C VAL A 213 44.02 -13.14 -7.67
N GLN A 214 43.00 -13.02 -6.82
CA GLN A 214 43.15 -12.78 -5.35
C GLN A 214 44.27 -13.66 -4.76
N LEU A 215 44.37 -14.93 -5.14
CA LEU A 215 45.40 -15.86 -4.60
C LEU A 215 46.79 -15.39 -5.03
N LYS A 216 46.95 -15.08 -6.32
CA LYS A 216 48.22 -14.60 -6.90
C LYS A 216 48.58 -13.25 -6.26
N GLU A 217 47.64 -12.31 -6.16
CA GLU A 217 47.81 -11.00 -5.46
C GLU A 217 48.35 -11.21 -4.03
N LYS A 218 47.90 -12.24 -3.32
CA LYS A 218 48.18 -12.43 -1.87
C LYS A 218 49.37 -13.39 -1.64
N SER A 219 50.02 -13.88 -2.69
CA SER A 219 51.19 -14.80 -2.63
C SER A 219 50.80 -16.21 -2.18
N VAL A 220 49.62 -16.70 -2.54
CA VAL A 220 49.24 -18.14 -2.34
C VAL A 220 49.55 -18.93 -3.62
N THR A 221 50.35 -19.98 -3.57
CA THR A 221 50.55 -20.91 -4.72
C THR A 221 49.25 -21.66 -4.98
N TYR A 222 48.76 -21.63 -6.23
CA TYR A 222 47.50 -22.33 -6.63
C TYR A 222 47.85 -23.41 -7.65
N MET A 223 47.49 -24.67 -7.38
CA MET A 223 47.66 -25.75 -8.39
C MET A 223 46.30 -26.37 -8.77
N ASN A 224 45.90 -26.27 -10.04
CA ASN A 224 44.66 -26.90 -10.58
C ASN A 224 44.93 -28.38 -10.79
N SER A 225 45.06 -29.12 -9.70
CA SER A 225 45.53 -30.52 -9.69
C SER A 225 44.80 -31.30 -8.60
N TYR A 226 44.32 -32.49 -8.91
CA TYR A 226 43.64 -33.38 -7.92
C TYR A 226 44.69 -34.07 -7.07
N ALA A 227 44.53 -34.01 -5.73
CA ALA A 227 45.56 -34.37 -4.75
C ALA A 227 45.22 -35.69 -4.05
N THR A 228 46.23 -36.54 -3.79
CA THR A 228 46.10 -37.78 -2.98
C THR A 228 47.35 -37.94 -2.11
N PHE A 229 47.20 -38.39 -0.85
CA PHE A 229 48.33 -38.60 0.10
C PHE A 229 49.13 -39.82 -0.32
N THR A 230 50.42 -39.64 -0.62
CA THR A 230 51.31 -40.76 -1.03
C THR A 230 52.39 -41.01 0.02
N GLY A 231 52.52 -40.10 1.00
CA GLY A 231 53.43 -40.22 2.15
C GLY A 231 52.90 -39.51 3.38
N SER A 232 53.58 -39.64 4.52
CA SER A 232 53.18 -39.04 5.82
C SER A 232 53.05 -37.54 5.66
N HIS A 233 53.88 -36.93 4.80
CA HIS A 233 53.89 -35.46 4.55
C HIS A 233 53.99 -35.16 3.06
N GLU A 234 53.43 -36.05 2.21
CA GLU A 234 53.56 -35.98 0.74
C GLU A 234 52.19 -36.15 0.09
N LEU A 235 51.77 -35.13 -0.66
CA LEU A 235 50.64 -35.21 -1.61
C LEU A 235 51.21 -35.43 -3.02
N SER A 236 50.68 -36.41 -3.74
CA SER A 236 50.83 -36.53 -5.22
C SER A 236 49.61 -35.90 -5.86
N VAL A 237 49.85 -34.97 -6.79
CA VAL A 237 48.77 -34.13 -7.39
C VAL A 237 48.87 -34.25 -8.91
N LYS A 238 47.74 -34.57 -9.54
CA LYS A 238 47.64 -34.82 -11.00
C LYS A 238 46.84 -33.68 -11.64
N ASN A 239 47.40 -33.03 -12.67
CA ASN A 239 46.72 -31.89 -13.36
C ASN A 239 45.92 -32.44 -14.55
N LYS A 240 45.24 -31.56 -15.29
CA LYS A 240 44.33 -31.94 -16.43
C LYS A 240 45.15 -32.63 -17.53
N LYS A 241 46.33 -32.10 -17.88
CA LYS A 241 47.21 -32.69 -18.92
C LYS A 241 47.56 -34.14 -18.56
N GLY A 242 47.61 -34.48 -17.27
CA GLY A 242 47.98 -35.81 -16.75
C GLY A 242 49.27 -35.75 -15.95
N LYS A 243 49.98 -34.61 -16.04
CA LYS A 243 51.22 -34.30 -15.29
C LYS A 243 50.96 -34.53 -13.80
N VAL A 244 51.92 -35.15 -13.11
CA VAL A 244 51.84 -35.55 -11.68
C VAL A 244 53.04 -34.97 -10.93
N GLU A 245 52.76 -34.18 -9.89
CA GLU A 245 53.77 -33.49 -9.06
C GLU A 245 53.66 -33.96 -7.62
N LYS A 246 54.76 -33.82 -6.87
CA LYS A 246 54.83 -34.10 -5.42
C LYS A 246 54.85 -32.75 -4.68
N VAL A 247 54.05 -32.66 -3.61
CA VAL A 247 53.96 -31.47 -2.72
C VAL A 247 54.19 -31.96 -1.29
N THR A 248 54.95 -31.19 -0.51
CA THR A 248 55.27 -31.51 0.92
C THR A 248 54.95 -30.32 1.82
N ALA A 249 54.47 -30.62 3.04
CA ALA A 249 54.10 -29.60 4.04
C ALA A 249 54.15 -30.15 5.47
N ASP A 250 54.26 -29.23 6.41
CA ASP A 250 54.24 -29.46 7.88
C ASP A 250 52.81 -29.72 8.35
N ARG A 251 51.83 -29.24 7.60
CA ARG A 251 50.38 -29.34 7.93
C ARG A 251 49.53 -29.50 6.67
N PHE A 252 48.39 -30.18 6.82
CA PHE A 252 47.37 -30.34 5.74
C PHE A 252 45.98 -29.95 6.26
N LEU A 253 45.25 -29.24 5.40
CA LEU A 253 43.81 -28.93 5.60
C LEU A 253 43.02 -29.65 4.50
N ILE A 254 42.12 -30.55 4.87
CA ILE A 254 41.23 -31.25 3.89
C ILE A 254 39.88 -30.53 3.87
N ALA A 255 39.51 -29.97 2.72
CA ALA A 255 38.36 -29.09 2.50
C ALA A 255 37.80 -29.41 1.12
N VAL A 256 37.52 -30.70 0.91
CA VAL A 256 37.08 -31.27 -0.39
C VAL A 256 35.55 -31.14 -0.56
N GLY A 257 34.80 -30.98 0.53
CA GLY A 257 33.34 -30.94 0.45
C GLY A 257 32.73 -32.21 -0.16
N LEU A 258 31.48 -32.12 -0.66
CA LEU A 258 30.65 -33.25 -1.12
C LEU A 258 30.29 -33.13 -2.62
N ARG A 259 29.59 -34.14 -3.14
CA ARG A 259 29.11 -34.21 -4.55
C ARG A 259 27.71 -34.84 -4.59
N PRO A 260 26.86 -34.47 -5.57
CA PRO A 260 25.49 -34.98 -5.62
C PRO A 260 25.43 -36.51 -5.54
N ARG A 261 24.52 -37.03 -4.72
CA ARG A 261 24.22 -38.48 -4.59
C ARG A 261 23.26 -38.94 -5.68
N PHE A 262 23.52 -40.10 -6.28
CA PHE A 262 22.64 -40.83 -7.22
C PHE A 262 22.22 -42.18 -6.63
N PRO A 263 21.00 -42.67 -6.92
CA PRO A 263 20.54 -43.93 -6.36
C PRO A 263 20.97 -45.10 -7.26
N ASP A 264 20.92 -46.31 -6.70
CA ASP A 264 21.17 -47.57 -7.42
C ASP A 264 19.85 -47.94 -8.09
N VAL A 265 19.45 -47.17 -9.11
CA VAL A 265 18.23 -47.44 -9.93
C VAL A 265 18.60 -47.41 -11.40
N PRO A 266 18.14 -48.41 -12.18
CA PRO A 266 18.32 -48.42 -13.63
C PRO A 266 18.05 -47.10 -14.37
N GLY A 267 19.12 -46.49 -14.86
CA GLY A 267 19.11 -45.36 -15.81
C GLY A 267 19.27 -44.02 -15.12
N ALA A 268 19.52 -44.01 -13.82
CA ALA A 268 19.58 -42.79 -12.98
C ALA A 268 20.70 -41.87 -13.48
N LEU A 269 21.94 -42.38 -13.49
CA LEU A 269 23.18 -41.67 -13.91
C LEU A 269 23.11 -41.33 -15.39
N GLU A 270 22.48 -42.18 -16.22
CA GLU A 270 22.34 -41.99 -17.68
C GLU A 270 21.37 -40.84 -17.95
N CYS A 271 20.17 -40.91 -17.38
CA CYS A 271 19.01 -40.08 -17.78
C CYS A 271 18.90 -38.80 -16.92
N CYS A 272 19.34 -38.77 -15.64
CA CYS A 272 19.03 -37.63 -14.73
C CYS A 272 20.22 -36.68 -14.55
N ILE A 273 19.94 -35.37 -14.51
CA ILE A 273 20.95 -34.28 -14.26
C ILE A 273 21.02 -34.09 -12.75
N SER A 274 21.93 -33.24 -12.26
CA SER A 274 22.05 -32.82 -10.85
C SER A 274 22.25 -31.29 -10.75
N SER A 275 22.22 -30.75 -9.52
CA SER A 275 22.68 -29.40 -9.16
C SER A 275 23.90 -29.03 -10.03
N ASP A 276 24.88 -29.92 -10.22
CA ASP A 276 26.15 -29.58 -10.92
C ASP A 276 25.87 -29.21 -12.37
N ASP A 277 24.81 -29.75 -12.94
CA ASP A 277 24.51 -29.66 -14.40
C ASP A 277 23.54 -28.51 -14.68
N LEU A 278 22.64 -28.25 -13.74
CA LEU A 278 21.41 -27.44 -13.93
C LEU A 278 21.77 -25.99 -14.27
N PHE A 279 22.80 -25.43 -13.66
CA PHE A 279 23.04 -23.96 -13.69
C PHE A 279 23.80 -23.51 -14.93
N SER A 280 24.10 -24.46 -15.83
CA SER A 280 24.85 -24.23 -17.07
C SER A 280 24.21 -25.00 -18.22
N LEU A 281 22.96 -25.47 -18.06
CA LEU A 281 22.23 -26.26 -19.08
C LEU A 281 22.19 -25.43 -20.34
N PRO A 282 22.51 -26.01 -21.52
CA PRO A 282 22.33 -25.34 -22.81
C PRO A 282 20.89 -25.29 -23.33
N TYR A 283 19.94 -25.82 -22.56
CA TYR A 283 18.50 -25.87 -22.91
C TYR A 283 17.65 -25.48 -21.71
N ASN A 284 16.45 -24.99 -22.02
CA ASN A 284 15.34 -24.86 -21.06
C ASN A 284 14.97 -26.26 -20.59
N PRO A 285 15.00 -26.54 -19.28
CA PRO A 285 14.75 -27.88 -18.74
C PRO A 285 13.37 -28.45 -19.10
N GLY A 286 12.41 -27.57 -19.44
CA GLY A 286 11.05 -27.98 -19.85
C GLY A 286 10.29 -28.62 -18.71
N LYS A 287 9.40 -29.58 -19.01
CA LYS A 287 8.61 -30.32 -17.99
C LYS A 287 9.59 -31.09 -17.09
N THR A 288 9.59 -30.78 -15.79
CA THR A 288 10.67 -31.20 -14.89
C THR A 288 10.13 -31.98 -13.68
N LEU A 289 10.81 -33.09 -13.39
CA LEU A 289 10.65 -33.95 -12.20
C LEU A 289 11.87 -33.73 -11.30
N CYS A 290 11.64 -33.33 -10.04
CA CYS A 290 12.66 -33.23 -8.97
C CYS A 290 12.50 -34.42 -8.03
N VAL A 291 13.56 -35.23 -7.91
CA VAL A 291 13.58 -36.43 -7.03
C VAL A 291 14.38 -36.11 -5.77
N GLY A 292 13.71 -36.06 -4.63
CA GLY A 292 14.27 -35.74 -3.31
C GLY A 292 13.45 -34.68 -2.60
N ALA A 293 13.55 -34.65 -1.27
CA ALA A 293 12.84 -33.69 -0.38
C ALA A 293 13.83 -32.70 0.23
N SER A 294 15.09 -32.77 -0.16
CA SER A 294 16.17 -31.91 0.37
C SER A 294 15.83 -30.44 0.12
N TYR A 295 16.43 -29.50 0.83
CA TYR A 295 16.26 -28.05 0.52
C TYR A 295 16.57 -27.84 -0.97
N VAL A 296 17.58 -28.51 -1.52
CA VAL A 296 18.00 -28.30 -2.94
C VAL A 296 16.82 -28.61 -3.88
N SER A 297 16.19 -29.78 -3.74
CA SER A 297 15.04 -30.23 -4.58
C SER A 297 13.97 -29.13 -4.59
N LEU A 298 13.53 -28.74 -3.40
CA LEU A 298 12.44 -27.74 -3.20
C LEU A 298 12.87 -26.37 -3.77
N GLU A 299 14.03 -25.84 -3.38
CA GLU A 299 14.53 -24.51 -3.86
C GLU A 299 14.44 -24.46 -5.39
N CYS A 300 14.95 -25.50 -6.06
CA CYS A 300 15.01 -25.62 -7.54
C CYS A 300 13.60 -25.74 -8.12
N ALA A 301 12.86 -26.78 -7.70
CA ALA A 301 11.43 -26.99 -8.06
C ALA A 301 10.73 -25.62 -8.01
N GLY A 302 10.92 -24.88 -6.93
CA GLY A 302 10.47 -23.50 -6.73
C GLY A 302 10.75 -22.64 -7.94
N PHE A 303 12.01 -22.39 -8.29
CA PHE A 303 12.33 -21.33 -9.27
C PHE A 303 11.95 -21.83 -10.67
N LEU A 304 12.12 -23.13 -10.87
CA LEU A 304 11.74 -23.75 -12.17
C LEU A 304 10.24 -23.49 -12.44
N LYS A 305 9.38 -23.63 -11.44
CA LYS A 305 7.93 -23.28 -11.55
C LYS A 305 7.79 -21.77 -11.79
N GLY A 306 8.62 -20.99 -11.13
CA GLY A 306 8.52 -19.52 -11.18
C GLY A 306 8.94 -18.94 -12.50
N ILE A 307 9.74 -19.65 -13.30
CA ILE A 307 10.10 -19.17 -14.66
C ILE A 307 9.20 -19.84 -15.72
N GLY A 308 8.18 -20.60 -15.30
CA GLY A 308 7.05 -20.97 -16.18
C GLY A 308 6.95 -22.45 -16.46
N ASN A 309 7.94 -23.24 -16.05
CA ASN A 309 7.98 -24.70 -16.33
C ASN A 309 6.92 -25.43 -15.51
N ASP A 310 6.40 -26.53 -16.06
CA ASP A 310 5.61 -27.56 -15.33
C ASP A 310 6.59 -28.36 -14.46
N VAL A 311 6.41 -28.26 -13.14
CA VAL A 311 7.31 -28.86 -12.11
C VAL A 311 6.55 -29.91 -11.31
N THR A 312 7.18 -31.06 -11.09
CA THR A 312 6.70 -32.13 -10.18
C THR A 312 7.82 -32.50 -9.19
N VAL A 313 7.48 -32.73 -7.93
CA VAL A 313 8.45 -33.20 -6.88
C VAL A 313 8.01 -34.58 -6.41
N MET A 314 8.91 -35.57 -6.52
CA MET A 314 8.65 -36.94 -6.00
C MET A 314 9.44 -37.10 -4.70
N VAL A 315 8.75 -37.38 -3.59
CA VAL A 315 9.44 -37.49 -2.28
C VAL A 315 8.81 -38.79 -1.79
N ARG A 316 9.54 -39.54 -0.95
CA ARG A 316 9.02 -40.83 -0.44
C ARG A 316 8.69 -40.72 1.05
N SER A 317 9.33 -39.79 1.75
CA SER A 317 9.08 -39.64 3.21
C SER A 317 8.87 -38.13 3.29
N VAL A 318 9.20 -37.53 4.44
CA VAL A 318 8.80 -36.16 4.85
C VAL A 318 9.63 -35.16 4.07
N LEU A 319 9.23 -33.89 4.12
CA LEU A 319 9.92 -32.79 3.41
C LEU A 319 10.90 -32.11 4.37
N LEU A 320 12.05 -31.68 3.86
CA LEU A 320 12.98 -30.93 4.74
C LEU A 320 13.13 -31.66 6.08
N ARG A 321 13.35 -32.98 6.04
CA ARG A 321 13.84 -33.79 7.19
C ARG A 321 15.00 -33.03 7.82
N GLY A 322 14.91 -32.71 9.13
CA GLY A 322 15.87 -31.84 9.86
C GLY A 322 15.26 -30.50 10.25
N PHE A 323 14.28 -30.04 9.47
CA PHE A 323 13.62 -28.73 9.68
C PHE A 323 12.25 -28.92 10.35
N ASP A 324 11.77 -27.83 10.94
CA ASP A 324 10.43 -27.74 11.60
C ASP A 324 9.34 -28.18 10.62
N GLN A 325 8.76 -29.35 10.88
CA GLN A 325 7.79 -30.01 9.98
C GLN A 325 6.47 -29.22 9.94
N ASP A 326 6.15 -28.41 10.95
CA ASP A 326 5.09 -27.38 10.82
C ASP A 326 5.46 -26.48 9.63
N MET A 327 6.65 -25.88 9.65
CA MET A 327 7.06 -24.92 8.58
C MET A 327 7.15 -25.67 7.25
N ALA A 328 7.64 -26.91 7.24
CA ALA A 328 7.69 -27.71 6.01
C ALA A 328 6.28 -27.92 5.47
N GLU A 329 5.33 -28.27 6.32
CA GLU A 329 3.97 -28.49 5.79
C GLU A 329 3.44 -27.19 5.19
N ARG A 330 3.70 -26.06 5.84
CA ARG A 330 3.21 -24.75 5.36
C ARG A 330 3.80 -24.45 3.99
N ILE A 331 5.07 -24.75 3.79
CA ILE A 331 5.75 -24.50 2.50
C ILE A 331 5.10 -25.35 1.42
N LYS A 332 4.80 -26.61 1.75
CA LYS A 332 4.21 -27.54 0.76
C LYS A 332 2.85 -27.01 0.30
N LYS A 333 2.04 -26.53 1.22
CA LYS A 333 0.70 -26.03 0.83
C LYS A 333 0.84 -24.84 -0.11
N HIS A 334 1.77 -23.95 0.20
CA HIS A 334 1.98 -22.72 -0.61
C HIS A 334 2.47 -23.13 -2.00
N MET A 335 3.62 -23.82 -2.04
CA MET A 335 4.19 -24.35 -3.31
C MET A 335 3.09 -25.14 -4.06
N THR A 336 2.15 -25.78 -3.37
CA THR A 336 1.01 -26.48 -4.04
C THR A 336 0.10 -25.44 -4.70
N GLU A 337 -0.36 -24.43 -3.96
CA GLU A 337 -1.20 -23.31 -4.47
C GLU A 337 -0.45 -22.62 -5.62
N ARG A 338 0.89 -22.69 -5.69
CA ARG A 338 1.65 -22.05 -6.80
C ARG A 338 1.86 -23.01 -7.97
N GLY A 339 1.22 -24.19 -7.96
CA GLY A 339 1.13 -25.03 -9.16
C GLY A 339 2.18 -26.12 -9.20
N VAL A 340 3.03 -26.21 -8.18
CA VAL A 340 3.96 -27.37 -8.05
C VAL A 340 3.15 -28.59 -7.61
N LYS A 341 3.42 -29.76 -8.18
CA LYS A 341 2.73 -31.05 -7.90
C LYS A 341 3.63 -31.92 -7.04
N PHE A 342 3.11 -32.45 -5.93
CA PHE A 342 3.88 -33.28 -4.97
C PHE A 342 3.34 -34.71 -5.02
N VAL A 343 4.22 -35.72 -5.09
CA VAL A 343 3.78 -37.14 -5.06
C VAL A 343 4.73 -38.01 -4.21
N GLN A 344 4.14 -38.99 -3.53
CA GLN A 344 4.87 -39.80 -2.54
C GLN A 344 5.51 -41.03 -3.22
N CYS A 345 5.51 -41.12 -4.55
CA CYS A 345 6.19 -42.27 -5.25
C CYS A 345 7.72 -42.08 -5.30
N VAL A 346 8.40 -43.16 -5.68
CA VAL A 346 9.87 -43.25 -5.89
C VAL A 346 10.11 -44.02 -7.18
N PRO A 347 10.77 -43.42 -8.19
CA PRO A 347 10.92 -44.06 -9.50
C PRO A 347 11.64 -45.40 -9.39
N ILE A 348 11.21 -46.40 -10.16
CA ILE A 348 11.79 -47.76 -10.08
C ILE A 348 12.70 -47.99 -11.30
N LYS A 349 12.63 -47.12 -12.31
CA LYS A 349 13.52 -47.13 -13.50
C LYS A 349 13.38 -45.79 -14.24
N TYR A 350 14.45 -45.31 -14.88
CA TYR A 350 14.41 -44.14 -15.82
C TYR A 350 14.82 -44.64 -17.21
N GLU A 351 14.04 -44.34 -18.25
CA GLU A 351 14.34 -44.78 -19.65
C GLU A 351 14.48 -43.52 -20.52
N ARG A 352 15.56 -43.42 -21.31
CA ARG A 352 15.79 -42.25 -22.21
C ARG A 352 15.02 -42.48 -23.51
N LEU A 353 14.14 -41.55 -23.89
CA LEU A 353 13.35 -41.61 -25.15
C LEU A 353 14.05 -40.76 -26.23
N LYS A 354 14.66 -39.65 -25.84
CA LYS A 354 15.30 -38.62 -26.72
C LYS A 354 16.56 -38.10 -26.02
N LYS A 355 17.61 -37.78 -26.78
CA LYS A 355 18.83 -37.10 -26.26
C LYS A 355 18.54 -35.61 -26.32
N PRO A 356 19.06 -34.81 -25.36
CA PRO A 356 18.89 -33.36 -25.44
C PRO A 356 19.75 -32.93 -26.63
N THR A 357 19.37 -31.90 -27.38
CA THR A 357 20.09 -31.54 -28.62
C THR A 357 19.67 -30.19 -29.15
N ASP A 358 20.62 -29.48 -29.78
CA ASP A 358 20.38 -28.19 -30.48
C ASP A 358 19.68 -27.21 -29.53
N SER A 359 20.23 -27.04 -28.33
CA SER A 359 19.63 -26.14 -27.31
C SER A 359 18.14 -26.47 -27.10
N GLU A 360 17.75 -27.73 -27.34
CA GLU A 360 16.43 -28.30 -26.94
C GLU A 360 16.65 -29.43 -25.94
N PRO A 361 15.74 -29.65 -24.97
CA PRO A 361 15.87 -30.74 -24.01
C PRO A 361 15.48 -32.08 -24.64
N GLY A 362 15.82 -33.17 -23.95
CA GLY A 362 15.47 -34.55 -24.34
C GLY A 362 14.18 -34.96 -23.66
N MET A 363 13.91 -36.26 -23.62
CA MET A 363 12.68 -36.81 -23.01
C MET A 363 13.02 -38.09 -22.26
N ILE A 364 12.72 -38.11 -20.97
CA ILE A 364 12.84 -39.29 -20.07
C ILE A 364 11.44 -39.84 -19.74
N ARG A 365 11.38 -41.16 -19.71
CA ARG A 365 10.19 -41.94 -19.32
C ARG A 365 10.51 -42.46 -17.92
N VAL A 366 9.67 -42.08 -16.95
CA VAL A 366 9.83 -42.41 -15.51
C VAL A 366 8.80 -43.47 -15.14
N HIS A 367 9.29 -44.63 -14.68
CA HIS A 367 8.52 -45.84 -14.27
C HIS A 367 8.24 -45.78 -12.76
N THR A 368 6.97 -45.88 -12.41
CA THR A 368 6.44 -45.70 -11.03
C THR A 368 5.54 -46.90 -10.76
N MET A 369 5.47 -47.40 -9.53
CA MET A 369 4.58 -48.53 -9.12
C MET A 369 3.41 -47.93 -8.32
N GLN A 370 2.18 -48.05 -8.83
CA GLN A 370 0.97 -47.41 -8.22
C GLN A 370 0.04 -48.52 -7.74
N GLU A 371 -0.99 -48.18 -6.96
CA GLU A 371 -2.04 -49.13 -6.48
C GLU A 371 -3.38 -48.70 -7.07
N ASP A 372 -4.13 -49.65 -7.64
CA ASP A 372 -5.48 -49.38 -8.18
C ASP A 372 -6.49 -49.90 -7.13
N GLU A 373 -7.72 -50.18 -7.51
CA GLU A 373 -8.72 -50.73 -6.56
C GLU A 373 -8.33 -52.17 -6.22
N ASP A 374 -8.52 -53.19 -7.08
CA ASP A 374 -8.13 -54.60 -6.78
C ASP A 374 -6.70 -54.76 -7.36
N GLY A 375 -5.69 -54.11 -6.77
CA GLY A 375 -4.27 -54.52 -6.91
C GLY A 375 -3.25 -53.38 -6.99
N THR A 376 -2.00 -53.69 -7.41
CA THR A 376 -0.87 -52.74 -7.64
C THR A 376 -0.24 -53.00 -9.02
N LYS A 377 0.16 -51.95 -9.73
CA LYS A 377 0.45 -51.97 -11.19
C LYS A 377 1.55 -50.98 -11.52
N GLU A 378 2.32 -51.23 -12.58
CA GLU A 378 3.37 -50.30 -13.08
C GLU A 378 2.72 -49.20 -13.95
N VAL A 379 3.30 -48.02 -13.89
CA VAL A 379 2.82 -46.79 -14.58
C VAL A 379 4.07 -46.08 -15.09
N THR A 380 3.94 -45.29 -16.16
CA THR A 380 5.05 -44.42 -16.66
C THR A 380 4.54 -42.98 -16.79
N GLU A 381 5.45 -42.02 -16.70
CA GLU A 381 5.14 -40.62 -17.10
C GLU A 381 6.35 -39.99 -17.77
N ASP A 382 6.10 -39.12 -18.75
CA ASP A 382 7.15 -38.51 -19.62
C ASP A 382 7.50 -37.13 -19.09
N PHE A 383 8.78 -36.89 -18.79
CA PHE A 383 9.31 -35.56 -18.42
C PHE A 383 10.43 -35.20 -19.40
N ASN A 384 10.69 -33.91 -19.59
CA ASN A 384 11.80 -33.44 -20.46
C ASN A 384 13.13 -33.66 -19.73
N THR A 385 13.13 -33.39 -18.43
CA THR A 385 14.31 -33.24 -17.54
C THR A 385 13.99 -33.80 -16.15
N VAL A 386 14.84 -34.69 -15.61
CA VAL A 386 14.73 -35.26 -14.24
C VAL A 386 15.94 -34.82 -13.43
N LEU A 387 15.73 -34.08 -12.34
CA LEU A 387 16.84 -33.58 -11.51
C LEU A 387 16.93 -34.44 -10.27
N MET A 388 18.11 -35.02 -10.01
CA MET A 388 18.28 -35.89 -8.82
C MET A 388 18.76 -35.01 -7.67
N ALA A 389 17.94 -34.91 -6.62
CA ALA A 389 18.27 -34.06 -5.46
C ALA A 389 18.24 -34.90 -4.18
N ILE A 390 18.68 -36.15 -4.28
CA ILE A 390 18.63 -37.06 -3.11
C ILE A 390 19.52 -36.55 -1.98
N GLY A 391 20.74 -36.11 -2.30
CA GLY A 391 21.64 -35.61 -1.24
C GLY A 391 23.04 -35.43 -1.75
N ARG A 392 23.99 -35.13 -0.87
CA ARG A 392 25.40 -34.94 -1.29
C ARG A 392 26.29 -35.83 -0.42
N ASP A 393 27.25 -36.53 -1.03
CA ASP A 393 28.12 -37.46 -0.27
C ASP A 393 29.60 -37.13 -0.51
N ALA A 394 30.45 -37.47 0.45
CA ALA A 394 31.90 -37.22 0.46
C ALA A 394 32.59 -38.25 -0.44
N MET A 395 33.35 -37.79 -1.43
CA MET A 395 34.08 -38.65 -2.39
C MET A 395 35.55 -38.66 -1.98
N THR A 396 35.90 -39.44 -0.96
CA THR A 396 37.23 -39.39 -0.29
C THR A 396 38.00 -40.72 -0.42
N ASP A 397 37.50 -41.67 -1.19
CA ASP A 397 38.17 -43.00 -1.36
C ASP A 397 39.54 -42.78 -2.02
N ASP A 398 39.61 -41.96 -3.06
CA ASP A 398 40.84 -41.82 -3.89
C ASP A 398 41.74 -40.72 -3.31
N LEU A 399 41.60 -40.40 -2.03
CA LEU A 399 42.42 -39.37 -1.34
C LEU A 399 43.65 -40.00 -0.67
N GLY A 400 43.63 -41.30 -0.41
CA GLY A 400 44.71 -42.00 0.30
C GLY A 400 44.84 -41.52 1.74
N LEU A 401 43.71 -41.28 2.40
CA LEU A 401 43.66 -40.95 3.86
C LEU A 401 44.13 -42.15 4.69
N ASP A 402 43.97 -43.36 4.16
CA ASP A 402 44.52 -44.63 4.73
C ASP A 402 46.06 -44.53 4.90
N VAL A 403 46.78 -43.87 3.98
CA VAL A 403 48.26 -43.67 4.01
C VAL A 403 48.64 -42.84 5.24
N VAL A 404 47.95 -41.73 5.49
CA VAL A 404 48.23 -40.84 6.64
C VAL A 404 47.44 -41.30 7.87
N GLY A 405 46.61 -42.34 7.72
CA GLY A 405 45.84 -42.93 8.82
C GLY A 405 44.87 -41.93 9.38
N VAL A 406 44.16 -41.22 8.50
CA VAL A 406 43.07 -40.26 8.86
C VAL A 406 41.75 -41.03 8.81
N ASN A 407 41.17 -41.29 9.98
CA ASN A 407 39.93 -42.09 10.13
C ASN A 407 38.77 -41.29 9.55
N ARG A 408 37.86 -42.02 8.87
CA ARG A 408 36.60 -41.52 8.26
C ARG A 408 35.41 -42.20 8.92
N ALA A 409 34.24 -41.57 8.90
CA ALA A 409 32.93 -42.12 9.30
C ALA A 409 32.45 -43.06 8.19
N LYS A 410 31.31 -43.74 8.37
CA LYS A 410 30.79 -44.72 7.37
C LYS A 410 30.57 -44.00 6.03
N SER A 411 29.95 -42.81 6.04
CA SER A 411 29.99 -41.82 4.92
C SER A 411 31.43 -41.37 4.79
N GLY A 412 31.81 -40.72 3.71
CA GLY A 412 33.26 -40.49 3.49
C GLY A 412 33.83 -39.40 4.37
N LYS A 413 33.08 -38.91 5.35
CA LYS A 413 33.44 -37.67 6.10
C LYS A 413 34.57 -37.98 7.10
N ILE A 414 35.40 -36.99 7.39
CA ILE A 414 36.56 -37.11 8.31
C ILE A 414 36.09 -36.88 9.74
N ILE A 415 36.37 -37.84 10.61
CA ILE A 415 36.12 -37.75 12.07
C ILE A 415 37.21 -36.87 12.68
N GLY A 416 36.77 -35.86 13.42
CA GLY A 416 37.63 -34.79 13.98
C GLY A 416 37.64 -34.84 15.49
N ARG A 417 38.76 -34.39 16.08
CA ARG A 417 38.85 -33.80 17.43
C ARG A 417 38.81 -32.29 17.20
N ARG A 418 37.64 -31.70 17.42
CA ARG A 418 37.26 -30.42 16.79
C ARG A 418 37.62 -30.63 15.30
N GLU A 419 38.41 -29.72 14.71
CA GLU A 419 38.79 -29.70 13.28
C GLU A 419 40.07 -30.53 13.08
N GLN A 420 40.70 -31.03 14.14
CA GLN A 420 41.91 -31.88 14.01
C GLN A 420 41.49 -33.33 13.67
N SER A 421 42.10 -34.03 12.71
CA SER A 421 41.80 -35.48 12.53
C SER A 421 42.05 -36.17 13.88
N VAL A 422 41.10 -37.00 14.32
CA VAL A 422 41.14 -37.64 15.66
C VAL A 422 42.34 -38.57 15.70
N SER A 423 42.73 -39.10 14.54
CA SER A 423 43.85 -40.05 14.39
C SER A 423 45.18 -39.30 14.23
N CYS A 424 45.28 -38.34 13.31
CA CYS A 424 46.57 -37.72 12.89
C CYS A 424 46.67 -36.25 13.26
N PRO A 425 47.60 -35.85 14.17
CA PRO A 425 47.67 -34.49 14.71
C PRO A 425 48.03 -33.29 13.84
N TYR A 426 48.54 -33.50 12.62
CA TYR A 426 49.01 -32.41 11.71
C TYR A 426 48.09 -32.33 10.47
N VAL A 427 47.02 -33.13 10.42
CA VAL A 427 45.98 -33.09 9.37
C VAL A 427 44.65 -32.62 9.98
N TYR A 428 44.06 -31.57 9.40
CA TYR A 428 42.81 -30.94 9.86
C TYR A 428 41.77 -31.00 8.75
N ALA A 429 40.49 -30.78 9.11
CA ALA A 429 39.36 -30.80 8.16
C ALA A 429 38.30 -29.78 8.56
N ILE A 430 37.70 -29.12 7.57
CA ILE A 430 36.65 -28.06 7.75
C ILE A 430 35.58 -28.19 6.66
N GLY A 431 34.45 -27.53 6.90
CA GLY A 431 33.32 -27.48 5.96
C GLY A 431 32.68 -28.86 5.86
N ASP A 432 32.19 -29.20 4.67
CA ASP A 432 31.13 -30.22 4.51
C ASP A 432 31.71 -31.56 4.86
N VAL A 433 33.00 -31.79 4.57
CA VAL A 433 33.69 -33.10 4.73
C VAL A 433 34.00 -33.39 6.19
N LEU A 434 33.95 -32.40 7.10
CA LEU A 434 34.15 -32.62 8.57
C LEU A 434 32.90 -33.27 9.20
N TYR A 435 33.03 -34.51 9.69
CA TYR A 435 31.91 -35.26 10.30
C TYR A 435 31.11 -34.39 11.27
N GLY A 436 29.80 -34.25 11.01
CA GLY A 436 28.86 -33.47 11.84
C GLY A 436 29.07 -31.96 11.77
N SER A 437 29.76 -31.42 10.77
CA SER A 437 29.76 -29.95 10.48
C SER A 437 28.49 -29.63 9.70
N PRO A 438 27.74 -28.59 10.08
CA PRO A 438 26.60 -28.15 9.29
C PRO A 438 27.11 -27.76 7.90
N GLU A 439 26.41 -28.16 6.85
CA GLU A 439 26.88 -28.04 5.44
C GLU A 439 26.43 -26.65 4.91
N LEU A 440 27.12 -25.58 5.32
CA LEU A 440 26.76 -24.17 5.01
C LEU A 440 27.99 -23.31 4.71
N THR A 441 27.92 -22.42 3.73
CA THR A 441 29.09 -21.64 3.28
C THR A 441 29.72 -20.88 4.45
N PRO A 442 28.98 -19.99 5.15
CA PRO A 442 29.53 -19.21 6.26
C PRO A 442 30.20 -20.02 7.38
N VAL A 443 29.78 -21.28 7.58
CA VAL A 443 30.41 -22.19 8.58
C VAL A 443 31.81 -22.59 8.10
N ALA A 444 31.92 -23.02 6.84
CA ALA A 444 33.23 -23.40 6.27
C ALA A 444 34.19 -22.23 6.48
N ILE A 445 33.75 -21.06 6.08
CA ILE A 445 34.60 -19.83 6.06
C ILE A 445 35.08 -19.54 7.48
N GLN A 446 34.15 -19.53 8.43
CA GLN A 446 34.44 -19.18 9.83
C GLN A 446 35.41 -20.24 10.36
N ALA A 447 35.06 -21.52 10.19
CA ALA A 447 35.89 -22.67 10.65
C ALA A 447 37.31 -22.50 10.11
N GLY A 448 37.45 -22.15 8.84
CA GLY A 448 38.77 -21.90 8.24
C GLY A 448 39.48 -20.72 8.88
N LYS A 449 38.87 -19.54 8.83
CA LYS A 449 39.47 -18.30 9.39
C LYS A 449 39.96 -18.56 10.83
N VAL A 450 39.10 -19.14 11.69
CA VAL A 450 39.41 -19.31 13.14
C VAL A 450 40.55 -20.31 13.33
N LEU A 451 40.43 -21.49 12.73
CA LEU A 451 41.45 -22.56 12.80
C LEU A 451 42.83 -21.95 12.55
N MET A 452 42.97 -21.23 11.44
CA MET A 452 44.26 -20.60 11.04
C MET A 452 44.76 -19.70 12.19
N ARG A 453 43.86 -18.96 12.83
CA ARG A 453 44.22 -18.05 13.96
C ARG A 453 44.64 -18.87 15.19
N ARG A 454 44.00 -20.02 15.42
CA ARG A 454 44.45 -20.96 16.49
C ARG A 454 45.85 -21.48 16.17
N LEU A 455 46.02 -22.14 15.02
CA LEU A 455 47.30 -22.81 14.61
C LEU A 455 48.48 -21.85 14.65
N PHE A 456 48.34 -20.65 14.09
CA PHE A 456 49.48 -19.76 13.78
C PHE A 456 49.61 -18.58 14.76
N THR A 457 48.67 -18.43 15.69
CA THR A 457 48.68 -17.34 16.70
C THR A 457 48.61 -17.92 18.12
N GLY A 458 48.11 -19.14 18.27
CA GLY A 458 47.88 -19.78 19.57
C GLY A 458 46.81 -19.07 20.37
N SER A 459 45.73 -18.65 19.69
CA SER A 459 44.49 -18.19 20.35
C SER A 459 43.64 -19.41 20.69
N SER A 460 42.67 -19.24 21.59
CA SER A 460 41.79 -20.31 22.12
C SER A 460 40.39 -20.15 21.55
N GLU A 461 40.25 -19.41 20.45
CA GLU A 461 38.95 -19.01 19.84
C GLU A 461 38.35 -20.22 19.14
N LEU A 462 37.09 -20.57 19.42
CA LEU A 462 36.40 -21.73 18.79
C LEU A 462 35.28 -21.24 17.87
N THR A 463 35.10 -21.88 16.71
CA THR A 463 33.91 -21.62 15.85
C THR A 463 32.68 -22.07 16.65
N GLU A 464 31.61 -21.29 16.61
CA GLU A 464 30.35 -21.52 17.36
C GLU A 464 29.35 -22.18 16.41
N TYR A 465 29.24 -23.49 16.53
CA TYR A 465 28.47 -24.39 15.64
C TYR A 465 27.03 -24.57 16.19
N ASP A 466 26.67 -23.94 17.30
CA ASP A 466 25.27 -24.01 17.83
C ASP A 466 24.50 -22.75 17.43
N LYS A 467 23.18 -22.88 17.30
CA LYS A 467 22.24 -21.76 17.06
C LYS A 467 22.59 -21.07 15.75
N ILE A 468 22.86 -21.83 14.69
CA ILE A 468 23.23 -21.28 13.35
C ILE A 468 21.96 -20.91 12.62
N PRO A 469 21.79 -19.65 12.18
CA PRO A 469 20.64 -19.28 11.38
C PRO A 469 20.76 -19.82 9.95
N THR A 470 19.65 -20.28 9.37
CA THR A 470 19.53 -20.66 7.94
C THR A 470 18.39 -19.92 7.27
N THR A 471 18.37 -19.95 5.94
CA THR A 471 17.20 -19.59 5.11
C THR A 471 17.09 -20.59 3.96
N VAL A 472 15.94 -21.22 3.80
CA VAL A 472 15.54 -21.98 2.58
C VAL A 472 14.93 -21.02 1.55
N PHE A 473 15.48 -20.89 0.35
CA PHE A 473 15.01 -19.92 -0.67
C PHE A 473 13.93 -20.55 -1.55
N THR A 474 12.89 -21.07 -0.91
CA THR A 474 11.62 -21.52 -1.54
C THR A 474 10.88 -20.29 -2.08
N PRO A 475 9.89 -20.48 -2.99
CA PRO A 475 9.18 -19.37 -3.60
C PRO A 475 8.75 -18.30 -2.60
N LEU A 476 8.25 -18.73 -1.44
CA LEU A 476 8.08 -17.89 -0.23
C LEU A 476 9.13 -18.35 0.79
N GLU A 477 10.11 -17.48 1.09
CA GLU A 477 11.34 -17.83 1.83
C GLU A 477 11.01 -18.24 3.29
N TYR A 478 11.77 -19.18 3.82
CA TYR A 478 11.69 -19.71 5.21
C TYR A 478 13.02 -19.51 5.94
N GLY A 479 13.00 -18.67 6.99
CA GLY A 479 14.15 -18.33 7.85
C GLY A 479 13.95 -18.90 9.23
N SER A 480 15.00 -19.43 9.84
CA SER A 480 14.91 -20.27 11.07
C SER A 480 16.18 -20.05 11.88
N CYS A 481 16.07 -20.22 13.19
CA CYS A 481 17.25 -20.25 14.08
C CYS A 481 16.86 -20.96 15.38
N GLY A 482 17.65 -21.93 15.80
CA GLY A 482 17.40 -22.62 17.09
C GLY A 482 16.54 -23.85 16.93
N LEU A 483 15.95 -24.32 18.03
CA LEU A 483 15.12 -25.53 18.05
C LEU A 483 13.82 -25.32 17.25
N SER A 484 13.37 -26.37 16.59
CA SER A 484 11.98 -26.51 16.12
C SER A 484 11.06 -26.70 17.33
N GLU A 485 9.77 -26.51 17.11
CA GLU A 485 8.72 -26.66 18.14
C GLU A 485 8.78 -28.09 18.64
N TYR A 486 9.10 -29.06 17.77
CA TYR A 486 9.20 -30.50 18.13
C TYR A 486 10.41 -30.70 19.06
N SER A 487 11.62 -30.40 18.59
CA SER A 487 12.85 -30.58 19.39
C SER A 487 12.64 -30.03 20.82
N ALA A 488 12.11 -28.80 20.91
CA ALA A 488 11.82 -28.10 22.19
C ALA A 488 10.93 -28.96 23.08
N ILE A 489 9.86 -29.51 22.52
CA ILE A 489 8.90 -30.34 23.32
C ILE A 489 9.56 -31.66 23.68
N GLN A 490 10.14 -32.37 22.72
CA GLN A 490 10.94 -33.59 22.95
C GLN A 490 11.90 -33.36 24.12
N LYS A 491 12.57 -32.22 24.17
CA LYS A 491 13.67 -32.00 25.15
C LYS A 491 13.15 -31.58 26.52
N TYR A 492 12.17 -30.68 26.59
CA TYR A 492 11.76 -29.95 27.82
C TYR A 492 10.34 -30.31 28.30
N GLY A 493 9.48 -30.82 27.41
CA GLY A 493 8.11 -31.24 27.76
C GLY A 493 7.10 -30.13 27.56
N LYS A 494 5.92 -30.48 27.04
CA LYS A 494 4.89 -29.54 26.52
C LYS A 494 4.52 -28.51 27.59
N GLU A 495 4.47 -28.93 28.86
CA GLU A 495 4.10 -28.07 30.01
C GLU A 495 5.10 -26.91 30.17
N ASN A 496 6.31 -26.99 29.59
CA ASN A 496 7.37 -25.98 29.83
C ASN A 496 7.73 -25.20 28.58
N ILE A 497 6.95 -25.35 27.50
CA ILE A 497 7.22 -24.64 26.22
C ILE A 497 6.06 -23.71 25.92
N ASN A 498 6.31 -22.41 25.83
CA ASN A 498 5.38 -21.45 25.20
C ASN A 498 5.78 -21.27 23.75
N VAL A 499 4.81 -21.38 22.85
CA VAL A 499 4.96 -20.97 21.43
C VAL A 499 4.11 -19.72 21.19
N TYR A 500 4.65 -18.64 20.82
CA TYR A 500 3.93 -17.40 20.48
C TYR A 500 4.01 -17.27 18.97
N HIS A 501 2.96 -16.80 18.33
CA HIS A 501 2.94 -16.83 16.84
C HIS A 501 1.92 -15.85 16.32
N ASN A 502 1.98 -15.54 15.04
CA ASN A 502 1.00 -14.61 14.43
C ASN A 502 1.11 -14.68 12.91
N VAL A 503 0.06 -14.39 12.31
CA VAL A 503 -0.04 -14.24 10.84
C VAL A 503 0.10 -12.76 10.52
N PHE A 504 0.45 -12.42 9.28
CA PHE A 504 0.64 -11.02 8.85
C PHE A 504 0.66 -10.96 7.33
N ILE A 505 0.63 -9.76 6.77
CA ILE A 505 0.56 -9.49 5.31
C ILE A 505 1.56 -8.39 4.97
N PRO A 506 2.69 -8.73 4.37
CA PRO A 506 3.67 -7.72 4.02
C PRO A 506 2.97 -6.65 3.17
N LEU A 507 3.27 -5.38 3.48
CA LEU A 507 2.52 -4.22 2.94
C LEU A 507 2.68 -4.21 1.42
N GLU A 508 3.86 -4.58 0.96
CA GLU A 508 4.21 -4.73 -0.48
C GLU A 508 3.18 -5.60 -1.21
N TYR A 509 2.44 -6.45 -0.48
CA TYR A 509 1.44 -7.39 -1.07
C TYR A 509 0.00 -6.89 -0.87
N ALA A 510 -0.21 -5.77 -0.17
CA ALA A 510 -1.55 -5.36 0.34
C ALA A 510 -2.53 -5.04 -0.80
N VAL A 511 -2.05 -4.45 -1.88
CA VAL A 511 -2.89 -3.96 -3.02
C VAL A 511 -2.90 -5.00 -4.17
N THR A 512 -2.39 -6.21 -3.93
CA THR A 512 -2.25 -7.26 -4.97
C THR A 512 -3.22 -8.39 -4.67
N GLU A 513 -3.25 -9.41 -5.53
CA GLU A 513 -4.06 -10.64 -5.34
C GLU A 513 -3.07 -11.82 -5.23
N ARG A 514 -1.93 -11.64 -4.56
CA ARG A 514 -0.89 -12.70 -4.46
C ARG A 514 -1.42 -13.82 -3.57
N LYS A 515 -1.06 -15.07 -3.89
CA LYS A 515 -1.37 -16.26 -3.05
C LYS A 515 -0.62 -16.16 -1.72
N GLU A 516 0.55 -15.54 -1.74
CA GLU A 516 1.45 -15.37 -0.55
C GLU A 516 0.74 -14.63 0.59
N LYS A 517 -0.35 -13.89 0.34
CA LYS A 517 -1.01 -13.03 1.37
C LYS A 517 -1.60 -13.89 2.50
N THR A 518 -1.96 -15.15 2.21
CA THR A 518 -2.65 -16.04 3.16
C THR A 518 -1.68 -17.12 3.68
N HIS A 519 -0.36 -16.94 3.55
CA HIS A 519 0.64 -17.98 3.90
C HIS A 519 1.79 -17.45 4.77
N CYS A 520 2.00 -16.14 4.89
CA CYS A 520 3.06 -15.55 5.76
C CYS A 520 2.72 -15.84 7.24
N TYR A 521 3.71 -16.30 8.00
CA TYR A 521 3.57 -16.76 9.41
C TYR A 521 4.93 -16.72 10.10
N CYS A 522 4.97 -16.31 11.36
CA CYS A 522 6.19 -16.34 12.19
C CYS A 522 5.85 -16.96 13.53
N LYS A 523 6.85 -17.53 14.21
CA LYS A 523 6.61 -18.09 15.56
C LYS A 523 7.92 -18.11 16.34
N LEU A 524 7.76 -18.08 17.66
CA LEU A 524 8.79 -17.87 18.70
C LEU A 524 8.61 -18.95 19.76
N ILE A 525 9.65 -19.75 19.99
CA ILE A 525 9.59 -20.95 20.88
C ILE A 525 10.40 -20.66 22.14
N CYS A 526 9.75 -20.80 23.30
CA CYS A 526 10.19 -20.22 24.60
C CYS A 526 10.11 -21.23 25.73
N LEU A 527 11.12 -21.23 26.60
CA LEU A 527 11.23 -22.07 27.82
C LEU A 527 10.48 -21.37 28.96
N LYS A 528 9.26 -21.81 29.23
CA LYS A 528 8.33 -21.15 30.17
C LYS A 528 8.98 -21.08 31.57
N ASN A 529 9.63 -22.15 32.02
CA ASN A 529 10.15 -22.25 33.42
C ASN A 529 11.41 -21.39 33.57
N GLU A 530 11.90 -20.70 32.52
CA GLU A 530 13.12 -19.86 32.60
C GLU A 530 12.90 -18.52 31.90
N GLN A 531 11.76 -17.89 32.20
CA GLN A 531 11.34 -16.51 31.84
C GLN A 531 11.11 -16.39 30.33
N ASP A 532 10.58 -17.44 29.70
CA ASP A 532 10.41 -17.51 28.23
C ASP A 532 11.74 -17.20 27.56
N LEU A 533 12.83 -17.84 28.00
CA LEU A 533 14.11 -17.88 27.23
C LEU A 533 13.78 -18.39 25.83
N ILE A 534 14.37 -17.81 24.80
CA ILE A 534 14.04 -18.15 23.39
C ILE A 534 14.94 -19.30 22.92
N LEU A 535 14.35 -20.40 22.48
CA LEU A 535 15.06 -21.64 22.05
C LEU A 535 15.16 -21.66 20.53
N GLY A 536 14.24 -20.96 19.89
CA GLY A 536 14.14 -20.94 18.41
C GLY A 536 13.11 -19.94 17.91
N PHE A 537 13.34 -19.48 16.68
CA PHE A 537 12.36 -18.71 15.90
C PHE A 537 12.39 -19.16 14.45
N HIS A 538 11.25 -18.91 13.80
CA HIS A 538 10.85 -19.42 12.47
C HIS A 538 9.96 -18.38 11.79
N ILE A 539 10.30 -17.98 10.59
CA ILE A 539 9.43 -17.06 9.80
C ILE A 539 9.38 -17.49 8.34
N LEU A 540 8.18 -17.40 7.79
CA LEU A 540 7.83 -17.65 6.38
C LEU A 540 7.42 -16.31 5.76
N THR A 541 8.23 -15.75 4.86
CA THR A 541 8.01 -14.35 4.40
C THR A 541 8.93 -13.99 3.25
N PRO A 542 8.62 -12.98 2.43
CA PRO A 542 9.62 -12.30 1.63
C PRO A 542 10.81 -11.85 2.51
N ASN A 543 12.03 -11.98 2.00
CA ASN A 543 13.28 -11.49 2.64
C ASN A 543 13.54 -12.14 4.00
N ALA A 544 13.19 -13.41 4.17
CA ALA A 544 13.40 -14.14 5.44
C ALA A 544 14.89 -14.11 5.81
N GLY A 545 15.77 -14.19 4.81
CA GLY A 545 17.23 -14.23 5.05
C GLY A 545 17.67 -13.00 5.81
N GLU A 546 17.25 -11.83 5.36
CA GLU A 546 17.73 -10.52 5.83
C GLU A 546 17.13 -10.30 7.23
N ILE A 547 15.95 -10.85 7.50
CA ILE A 547 15.24 -10.63 8.79
C ILE A 547 15.91 -11.43 9.92
N THR A 548 16.17 -12.71 9.63
CA THR A 548 16.66 -13.74 10.55
C THR A 548 18.08 -13.41 11.04
N GLN A 549 18.95 -13.00 10.12
CA GLN A 549 20.39 -12.77 10.41
C GLN A 549 20.59 -12.03 11.72
N GLY A 550 19.95 -10.90 11.90
CA GLY A 550 20.19 -10.02 13.06
C GLY A 550 19.52 -10.56 14.31
N PHE A 551 18.30 -11.07 14.17
CA PHE A 551 17.54 -11.67 15.29
C PHE A 551 18.31 -12.89 15.82
N ALA A 552 19.10 -13.57 14.98
CA ALA A 552 19.92 -14.73 15.41
C ALA A 552 20.88 -14.31 16.51
N ILE A 553 21.36 -13.06 16.50
CA ILE A 553 22.36 -12.64 17.52
C ILE A 553 21.68 -12.62 18.90
N ALA A 554 20.35 -12.58 18.99
CA ALA A 554 19.63 -12.60 20.29
C ALA A 554 20.00 -13.88 21.02
N LEU A 555 20.19 -14.99 20.30
CA LEU A 555 20.42 -16.30 20.97
C LEU A 555 21.87 -16.42 21.49
N LYS A 556 22.78 -15.52 21.10
CA LYS A 556 24.14 -15.45 21.67
C LYS A 556 24.09 -14.78 23.05
N PHE A 557 22.97 -14.24 23.51
CA PHE A 557 22.84 -13.55 24.82
C PHE A 557 21.72 -14.15 25.68
N ASP A 558 21.15 -15.28 25.28
CA ASP A 558 20.05 -15.90 26.05
C ASP A 558 18.96 -14.87 26.28
N ALA A 559 18.60 -14.14 25.22
CA ALA A 559 17.40 -13.30 25.12
C ALA A 559 16.14 -14.06 25.58
N LYS A 560 15.31 -13.38 26.37
CA LYS A 560 13.94 -13.77 26.75
C LYS A 560 12.94 -13.12 25.80
N LYS A 561 11.74 -13.70 25.68
CA LYS A 561 10.56 -13.04 25.06
C LYS A 561 10.45 -11.57 25.52
N ALA A 562 10.70 -11.27 26.80
CA ALA A 562 10.63 -9.89 27.35
C ALA A 562 11.61 -8.94 26.64
N ASP A 563 12.69 -9.45 26.05
CA ASP A 563 13.71 -8.61 25.33
C ASP A 563 13.17 -8.23 23.95
N PHE A 564 12.45 -9.14 23.29
CA PHE A 564 11.81 -8.92 21.98
C PHE A 564 10.72 -7.87 22.14
N ASP A 565 9.95 -7.94 23.24
CA ASP A 565 8.79 -7.08 23.50
C ASP A 565 9.32 -5.68 23.85
N ARG A 566 10.50 -5.53 24.44
CA ARG A 566 10.96 -4.20 24.86
C ARG A 566 11.78 -3.54 23.75
N LEU A 567 11.94 -4.20 22.62
CA LEU A 567 12.65 -3.67 21.41
C LEU A 567 11.65 -2.85 20.60
N ILE A 568 11.97 -1.61 20.27
CA ILE A 568 11.08 -0.80 19.40
C ILE A 568 11.23 -1.25 17.94
N GLY A 569 10.12 -1.40 17.23
CA GLY A 569 10.06 -1.87 15.84
C GLY A 569 10.43 -0.78 14.86
N ILE A 570 10.75 -1.18 13.64
CA ILE A 570 10.84 -0.30 12.45
C ILE A 570 9.57 -0.53 11.66
N HIS A 571 8.82 0.53 11.38
CA HIS A 571 7.52 0.45 10.68
C HIS A 571 7.57 1.27 9.40
N PRO A 572 7.00 0.79 8.28
CA PRO A 572 6.44 -0.55 8.17
C PRO A 572 7.45 -1.55 7.63
N THR A 573 7.73 -2.62 8.39
CA THR A 573 8.57 -3.77 7.99
C THR A 573 7.88 -5.05 8.44
N VAL A 574 8.29 -6.20 7.90
CA VAL A 574 7.78 -7.52 8.36
C VAL A 574 8.43 -7.84 9.70
N ALA A 575 9.74 -7.63 9.77
CA ALA A 575 10.62 -7.85 10.93
C ALA A 575 9.98 -7.37 12.24
N GLU A 576 9.33 -6.20 12.26
CA GLU A 576 8.72 -5.65 13.51
C GLU A 576 7.69 -6.62 14.08
N ASN A 577 7.16 -7.54 13.29
CA ASN A 577 6.17 -8.53 13.80
C ASN A 577 6.73 -9.27 15.01
N PHE A 578 8.05 -9.50 15.10
CA PHE A 578 8.68 -10.26 16.21
C PHE A 578 8.62 -9.45 17.50
N THR A 579 8.27 -8.16 17.42
CA THR A 579 8.33 -7.28 18.60
C THR A 579 6.98 -7.21 19.27
N THR A 580 5.95 -7.85 18.73
CA THR A 580 4.53 -7.70 19.21
C THR A 580 3.79 -9.05 19.26
N LEU A 581 4.48 -10.18 19.37
CA LEU A 581 3.78 -11.48 19.55
C LEU A 581 3.08 -11.53 20.91
N THR A 582 1.82 -11.87 20.93
CA THR A 582 0.98 -11.99 22.16
C THR A 582 0.23 -13.32 22.18
N LEU A 583 -0.13 -13.87 21.01
CA LEU A 583 -0.97 -15.10 20.88
C LEU A 583 -0.16 -16.33 21.20
N VAL A 584 -0.72 -17.24 21.98
CA VAL A 584 -0.07 -18.53 22.32
C VAL A 584 -0.70 -19.65 21.50
N LYS A 585 0.14 -20.42 20.79
CA LYS A 585 -0.30 -21.63 20.03
C LYS A 585 -0.84 -22.63 21.05
N GLU A 586 -2.06 -23.13 20.88
CA GLU A 586 -2.67 -24.16 21.78
C GLU A 586 -2.89 -25.48 21.03
N ASP A 587 -1.85 -25.97 20.35
CA ASP A 587 -1.74 -27.36 19.84
C ASP A 587 -2.65 -27.53 18.61
N GLY A 588 -2.39 -26.75 17.55
CA GLY A 588 -3.22 -26.72 16.33
C GLY A 588 -2.64 -27.61 15.24
N SER B 10 11.87 -4.61 58.18
CA SER B 10 11.96 -3.62 57.07
C SER B 10 10.61 -3.54 56.34
N GLY B 11 10.42 -2.49 55.52
CA GLY B 11 9.11 -2.08 54.97
C GLY B 11 8.65 -2.94 53.80
N SER B 12 8.02 -2.32 52.79
CA SER B 12 7.50 -2.99 51.56
C SER B 12 8.42 -2.70 50.37
N LEU B 13 8.30 -3.49 49.30
CA LEU B 13 9.04 -3.28 48.02
C LEU B 13 8.11 -2.60 47.00
N ALA B 14 8.68 -2.16 45.87
CA ALA B 14 8.03 -1.39 44.79
C ALA B 14 6.76 -2.12 44.33
N ASP B 15 6.90 -3.37 43.88
CA ASP B 15 5.79 -4.29 43.50
C ASP B 15 4.56 -4.00 44.37
N ALA B 16 4.66 -4.29 45.66
CA ALA B 16 3.56 -4.17 46.65
C ALA B 16 2.99 -2.74 46.61
N VAL B 17 3.87 -1.74 46.57
CA VAL B 17 3.48 -0.30 46.63
C VAL B 17 2.61 0.01 45.41
N PHE B 18 3.11 -0.32 44.22
CA PHE B 18 2.53 0.13 42.93
C PHE B 18 1.18 -0.55 42.69
N LYS B 19 1.01 -1.80 43.12
CA LYS B 19 -0.30 -2.53 43.01
C LYS B 19 -1.28 -1.92 44.03
N SER B 20 -0.89 -1.83 45.30
CA SER B 20 -1.73 -1.19 46.34
C SER B 20 -2.12 0.23 45.91
N ALA B 21 -1.24 0.96 45.20
CA ALA B 21 -1.54 2.30 44.65
C ALA B 21 -2.67 2.22 43.62
N CYS B 22 -2.62 1.20 42.74
CA CYS B 22 -3.66 0.93 41.69
C CYS B 22 -4.98 0.53 42.37
N GLU B 23 -4.95 -0.42 43.32
CA GLU B 23 -6.13 -0.94 44.07
C GLU B 23 -6.80 0.19 44.87
N GLU B 24 -6.02 0.98 45.62
CA GLU B 24 -6.54 1.91 46.66
C GLU B 24 -6.93 3.27 46.06
N ARG B 25 -8.02 3.84 46.63
CA ARG B 25 -8.62 5.13 46.24
C ARG B 25 -7.65 6.26 46.57
N ILE B 26 -7.16 6.32 47.80
CA ILE B 26 -6.09 7.27 48.24
C ILE B 26 -5.00 6.42 48.89
N LEU B 27 -3.74 6.61 48.48
CA LEU B 27 -2.60 5.92 49.13
C LEU B 27 -1.54 6.94 49.58
N LEU B 28 -1.05 6.77 50.81
CA LEU B 28 0.14 7.46 51.35
C LEU B 28 1.27 6.44 51.49
N ALA B 29 2.37 6.65 50.75
CA ALA B 29 3.56 5.77 50.80
C ALA B 29 4.69 6.53 51.49
N TYR B 30 5.19 6.04 52.63
CA TYR B 30 6.19 6.73 53.49
C TYR B 30 7.34 5.78 53.85
N ALA B 31 8.43 6.31 54.39
CA ALA B 31 9.64 5.55 54.80
C ALA B 31 9.75 5.57 56.33
N ASP B 32 9.88 6.77 56.90
CA ASP B 32 9.91 7.07 58.35
C ASP B 32 8.70 7.96 58.66
N TYR B 33 8.20 7.98 59.91
CA TYR B 33 6.91 8.67 60.25
C TYR B 33 7.13 10.20 60.30
N ASN B 34 7.64 10.74 59.17
CA ASN B 34 7.85 12.19 58.91
C ASN B 34 6.58 12.95 59.29
N PRO B 35 6.69 14.20 59.79
CA PRO B 35 5.50 14.96 60.18
C PRO B 35 4.59 15.19 58.96
N ASP B 36 3.47 15.90 59.17
CA ASP B 36 2.57 16.41 58.10
C ASP B 36 1.71 15.28 57.53
N MET B 37 1.82 14.04 58.05
CA MET B 37 1.00 12.89 57.59
C MET B 37 -0.39 12.96 58.24
N THR B 38 -0.50 13.50 59.45
CA THR B 38 -1.79 13.93 60.06
C THR B 38 -2.46 14.92 59.10
N LYS B 39 -1.72 15.99 58.77
CA LYS B 39 -2.13 17.11 57.87
C LYS B 39 -2.78 16.55 56.59
N VAL B 40 -2.30 15.41 56.10
CA VAL B 40 -2.88 14.69 54.93
C VAL B 40 -4.24 14.06 55.31
N VAL B 41 -4.27 13.23 56.35
CA VAL B 41 -5.51 12.52 56.78
C VAL B 41 -6.59 13.57 57.06
N ASN B 42 -6.23 14.68 57.74
CA ASN B 42 -7.11 15.84 58.00
C ASN B 42 -7.69 16.36 56.67
N LEU B 43 -6.86 16.48 55.63
CA LEU B 43 -7.27 17.16 54.37
C LEU B 43 -8.40 16.35 53.73
N PHE B 44 -8.23 15.03 53.70
CA PHE B 44 -9.16 14.06 53.07
C PHE B 44 -10.36 13.79 54.00
N SER B 45 -10.19 13.90 55.33
CA SER B 45 -11.30 13.99 56.31
C SER B 45 -12.37 14.91 55.73
N LYS B 46 -11.96 16.11 55.30
CA LYS B 46 -12.86 17.15 54.72
C LYS B 46 -13.81 16.53 53.68
N TYR B 47 -13.44 15.42 53.03
CA TYR B 47 -14.19 14.81 51.90
C TYR B 47 -14.66 13.39 52.25
N ASN B 48 -14.79 13.07 53.55
CA ASN B 48 -15.28 11.76 54.06
C ASN B 48 -14.47 10.60 53.43
N GLU B 49 -13.21 10.82 53.06
CA GLU B 49 -12.36 9.83 52.35
C GLU B 49 -11.44 9.13 53.35
N THR B 50 -11.47 7.80 53.40
CA THR B 50 -10.43 6.99 54.11
C THR B 50 -9.13 7.15 53.31
N VAL B 51 -7.98 7.06 53.98
CA VAL B 51 -6.61 7.22 53.40
C VAL B 51 -5.77 5.99 53.75
N ASN B 52 -5.61 5.04 52.83
CA ASN B 52 -4.76 3.85 53.08
C ASN B 52 -3.31 4.32 53.19
N THR B 53 -2.36 3.44 53.59
CA THR B 53 -0.96 3.82 53.98
C THR B 53 0.00 2.64 53.80
N VAL B 54 1.25 2.94 53.42
CA VAL B 54 2.32 1.92 53.15
C VAL B 54 3.67 2.42 53.68
N ARG B 55 4.30 1.63 54.55
CA ARG B 55 5.72 1.76 54.97
C ARG B 55 6.58 1.04 53.92
N VAL B 56 7.33 1.83 53.13
CA VAL B 56 8.30 1.35 52.11
C VAL B 56 9.59 1.01 52.85
N SER B 57 10.34 0.01 52.35
CA SER B 57 11.74 -0.29 52.76
C SER B 57 12.65 0.79 52.19
N ASN B 58 13.81 1.03 52.79
CA ASN B 58 14.80 1.98 52.24
C ASN B 58 15.42 1.35 50.99
N ASP B 59 15.80 0.07 51.08
CA ASP B 59 16.15 -0.81 49.94
C ASP B 59 15.42 -0.45 48.63
N ALA B 60 14.24 0.17 48.71
CA ALA B 60 13.28 0.35 47.60
C ALA B 60 13.02 1.85 47.33
N VAL B 61 13.31 2.77 48.27
CA VAL B 61 12.91 4.20 48.09
C VAL B 61 13.47 4.71 46.76
N LYS B 62 14.77 4.48 46.51
CA LYS B 62 15.53 5.08 45.39
C LYS B 62 14.87 4.73 44.05
N ASP B 63 14.42 3.48 43.90
CA ASP B 63 13.79 2.96 42.65
C ASP B 63 12.43 3.64 42.45
N ILE B 64 11.56 3.55 43.47
CA ILE B 64 10.16 4.06 43.42
C ILE B 64 10.17 5.54 43.02
N LEU B 65 11.02 6.35 43.67
CA LEU B 65 11.18 7.78 43.32
C LEU B 65 11.65 7.92 41.87
N GLU B 66 12.54 7.04 41.41
CA GLU B 66 13.09 7.09 40.03
C GLU B 66 11.96 6.82 39.03
N ILE B 67 11.14 5.78 39.26
CA ILE B 67 9.97 5.47 38.37
C ILE B 67 9.02 6.68 38.31
N VAL B 68 8.46 7.12 39.42
CA VAL B 68 7.40 8.19 39.40
C VAL B 68 8.00 9.57 39.12
N GLY B 69 9.33 9.74 39.27
CA GLY B 69 10.04 10.97 38.91
C GLY B 69 9.78 12.11 39.88
N TRP B 70 9.70 11.83 41.18
CA TRP B 70 9.61 12.87 42.23
C TRP B 70 10.87 12.80 43.09
N PRO B 71 11.31 13.89 43.74
CA PRO B 71 12.62 13.92 44.39
C PRO B 71 12.69 13.24 45.77
N SER B 72 11.65 13.34 46.61
CA SER B 72 11.70 13.13 48.09
C SER B 72 10.71 12.07 48.54
N MET B 73 10.91 11.60 49.78
CA MET B 73 10.48 10.28 50.31
C MET B 73 8.96 10.12 50.32
N PRO B 74 8.14 10.93 51.06
CA PRO B 74 6.72 10.64 51.23
C PRO B 74 5.91 11.00 49.96
N LEU B 75 5.03 10.11 49.51
CA LEU B 75 4.29 10.17 48.21
C LEU B 75 2.79 9.98 48.45
N ILE B 76 1.95 10.81 47.81
CA ILE B 76 0.47 10.59 47.74
C ILE B 76 0.10 10.05 46.36
N PHE B 77 -0.79 9.06 46.33
CA PHE B 77 -1.47 8.56 45.11
C PHE B 77 -2.99 8.75 45.26
N VAL B 78 -3.64 9.22 44.18
CA VAL B 78 -5.11 9.44 44.10
C VAL B 78 -5.69 8.68 42.90
N LYS B 79 -6.73 7.88 43.11
CA LYS B 79 -7.30 6.92 42.13
C LYS B 79 -6.20 6.44 41.18
N GLY B 80 -5.10 5.92 41.74
CA GLY B 80 -4.00 5.26 40.99
C GLY B 80 -3.16 6.22 40.16
N ASN B 81 -3.05 7.48 40.58
CA ASN B 81 -2.18 8.51 39.94
C ASN B 81 -1.33 9.18 41.02
N CYS B 82 -0.01 9.23 40.81
CA CYS B 82 0.99 9.80 41.75
C CYS B 82 0.96 11.33 41.64
N CYS B 83 0.71 12.04 42.76
CA CYS B 83 0.49 13.53 42.79
C CYS B 83 1.76 14.26 43.20
N GLY B 84 2.59 13.60 44.00
CA GLY B 84 3.80 14.14 44.64
C GLY B 84 3.72 14.08 46.16
N GLY B 85 4.29 15.10 46.81
CA GLY B 85 4.19 15.33 48.27
C GLY B 85 2.97 16.16 48.62
N PHE B 86 2.91 16.65 49.87
CA PHE B 86 1.78 17.45 50.41
C PHE B 86 1.75 18.78 49.65
N LYS B 87 2.92 19.40 49.42
CA LYS B 87 3.08 20.65 48.62
C LYS B 87 2.17 20.61 47.38
N GLU B 88 2.27 19.54 46.59
CA GLU B 88 1.49 19.30 45.34
C GLU B 88 0.00 19.13 45.67
N LEU B 89 -0.29 18.37 46.73
CA LEU B 89 -1.67 17.98 47.11
C LEU B 89 -2.45 19.24 47.54
N TYR B 90 -1.85 20.11 48.35
CA TYR B 90 -2.50 21.34 48.89
C TYR B 90 -2.85 22.27 47.73
N GLN B 91 -2.06 22.26 46.65
CA GLN B 91 -2.34 23.10 45.45
C GLN B 91 -3.63 22.59 44.80
N LEU B 92 -3.68 21.30 44.50
CA LEU B 92 -4.89 20.64 43.96
C LEU B 92 -6.14 21.01 44.79
N GLU B 93 -6.08 20.96 46.13
CA GLU B 93 -7.23 21.28 47.03
C GLU B 93 -7.50 22.79 47.00
N GLU B 94 -6.50 23.64 47.28
CA GLU B 94 -6.60 25.13 47.19
C GLU B 94 -7.28 25.52 45.86
N SER B 95 -6.98 24.83 44.75
CA SER B 95 -7.49 25.11 43.39
C SER B 95 -8.91 24.55 43.15
N GLY B 96 -9.43 23.71 44.05
CA GLY B 96 -10.75 23.06 43.90
C GLY B 96 -10.71 21.80 43.05
N PHE B 97 -9.57 21.56 42.37
CA PHE B 97 -9.34 20.39 41.48
C PHE B 97 -9.60 19.07 42.22
N LEU B 98 -9.06 18.93 43.43
CA LEU B 98 -9.14 17.69 44.26
C LEU B 98 -10.61 17.29 44.52
N ASN B 99 -11.45 18.27 44.93
CA ASN B 99 -12.91 18.07 45.12
C ASN B 99 -13.57 17.52 43.84
N GLU B 100 -13.32 18.13 42.68
CA GLU B 100 -13.86 17.67 41.36
C GLU B 100 -13.32 16.26 41.05
N TRP B 101 -12.02 16.03 41.27
CA TRP B 101 -11.31 14.77 40.92
C TRP B 101 -11.94 13.58 41.66
N LEU B 102 -12.36 13.75 42.91
CA LEU B 102 -12.81 12.63 43.78
C LEU B 102 -14.23 12.19 43.39
N LYS B 103 -15.02 13.09 42.80
CA LYS B 103 -16.38 12.82 42.27
C LYS B 103 -16.30 11.68 41.25
N GLU B 104 -17.37 10.88 41.16
CA GLU B 104 -17.57 9.82 40.13
C GLU B 104 -17.54 10.51 38.76
N HIS B 105 -17.03 9.82 37.74
CA HIS B 105 -16.92 10.36 36.37
C HIS B 105 -17.42 9.34 35.37
N GLU B 106 -17.89 9.84 34.23
CA GLU B 106 -18.52 9.04 33.15
C GLU B 106 -17.53 7.97 32.67
N TYR B 107 -16.28 8.35 32.42
CA TYR B 107 -15.24 7.47 31.85
C TYR B 107 -14.04 7.32 32.80
N ASP B 108 -13.39 6.14 32.76
CA ASP B 108 -12.15 5.84 33.52
C ASP B 108 -10.97 6.59 32.89
N LEU B 109 -11.03 6.75 31.57
CA LEU B 109 -9.95 7.35 30.76
C LEU B 109 -10.56 7.98 29.51
N ALA B 110 -10.26 9.25 29.25
CA ALA B 110 -10.62 9.92 27.97
C ALA B 110 -9.35 10.07 27.15
N ILE B 111 -9.38 9.54 25.92
CA ILE B 111 -8.21 9.59 24.99
C ILE B 111 -8.55 10.62 23.93
N VAL B 112 -7.73 11.67 23.84
CA VAL B 112 -7.82 12.69 22.76
C VAL B 112 -6.81 12.34 21.67
N GLY B 113 -7.31 11.79 20.57
CA GLY B 113 -6.54 11.41 19.37
C GLY B 113 -6.78 9.96 19.02
N GLY B 114 -7.20 9.70 17.78
CA GLY B 114 -7.46 8.35 17.25
C GLY B 114 -6.31 7.89 16.39
N GLY B 115 -5.07 8.22 16.80
CA GLY B 115 -3.83 7.88 16.10
C GLY B 115 -3.21 6.57 16.57
N SER B 116 -1.96 6.38 16.16
CA SER B 116 -1.13 5.20 16.52
C SER B 116 -1.23 4.94 18.02
N GLY B 117 -0.81 5.91 18.83
CA GLY B 117 -0.85 5.86 20.30
C GLY B 117 -2.27 5.79 20.84
N GLY B 118 -3.11 6.76 20.48
CA GLY B 118 -4.52 6.75 20.91
C GLY B 118 -5.15 5.35 20.81
N LEU B 119 -5.12 4.74 19.62
CA LEU B 119 -5.87 3.48 19.37
C LEU B 119 -5.23 2.34 20.17
N ALA B 120 -3.90 2.33 20.25
CA ALA B 120 -3.09 1.34 21.01
C ALA B 120 -3.50 1.39 22.47
N ALA B 121 -3.45 2.60 23.03
CA ALA B 121 -3.84 2.90 24.42
C ALA B 121 -5.29 2.45 24.64
N ALA B 122 -6.21 2.89 23.78
CA ALA B 122 -7.65 2.52 23.86
C ALA B 122 -7.81 0.99 23.91
N LYS B 123 -7.19 0.27 22.97
CA LYS B 123 -7.29 -1.21 22.95
C LYS B 123 -6.69 -1.75 24.25
N GLU B 124 -5.50 -1.30 24.66
CA GLU B 124 -4.84 -1.89 25.86
C GLU B 124 -5.65 -1.64 27.13
N ALA B 125 -6.16 -0.42 27.31
CA ALA B 125 -6.99 0.01 28.47
C ALA B 125 -8.19 -0.93 28.66
N VAL B 126 -9.00 -1.06 27.61
CA VAL B 126 -10.24 -1.89 27.64
C VAL B 126 -9.88 -3.36 27.87
N ARG B 127 -8.75 -3.86 27.36
CA ARG B 127 -8.24 -5.23 27.67
C ARG B 127 -8.10 -5.39 29.18
N LEU B 128 -7.79 -4.31 29.92
CA LEU B 128 -7.67 -4.32 31.40
C LEU B 128 -8.97 -3.85 32.04
N GLY B 129 -10.08 -3.99 31.30
CA GLY B 129 -11.47 -3.88 31.80
C GLY B 129 -11.82 -2.50 32.32
N LYS B 130 -11.54 -1.45 31.55
CA LYS B 130 -11.78 -0.04 31.95
C LYS B 130 -12.71 0.65 30.93
N LYS B 131 -13.59 1.53 31.41
CA LYS B 131 -14.50 2.31 30.55
C LYS B 131 -13.70 3.45 29.91
N VAL B 132 -13.59 3.42 28.59
CA VAL B 132 -12.68 4.28 27.81
C VAL B 132 -13.45 4.95 26.69
N VAL B 133 -13.18 6.23 26.43
CA VAL B 133 -13.72 6.98 25.28
C VAL B 133 -12.54 7.47 24.43
N CYS B 134 -12.70 7.33 23.11
CA CYS B 134 -11.70 7.78 22.11
C CYS B 134 -12.31 8.87 21.23
N LEU B 135 -11.63 10.00 21.15
CA LEU B 135 -12.04 11.16 20.32
C LEU B 135 -11.04 11.33 19.18
N ASP B 136 -11.45 11.16 17.93
CA ASP B 136 -10.63 11.55 16.75
C ASP B 136 -11.40 12.57 15.93
N PHE B 137 -10.72 13.61 15.46
CA PHE B 137 -11.26 14.56 14.45
C PHE B 137 -10.07 15.10 13.68
N VAL B 138 -10.18 15.18 12.34
CA VAL B 138 -9.09 15.76 11.49
C VAL B 138 -9.60 17.08 10.93
N LYS B 139 -9.08 18.17 11.49
CA LYS B 139 -9.21 19.54 10.91
C LYS B 139 -8.52 19.47 9.54
N PRO B 140 -9.19 19.95 8.47
CA PRO B 140 -8.73 19.67 7.11
C PRO B 140 -7.48 20.51 6.74
N SER B 141 -6.68 20.03 5.78
CA SER B 141 -5.52 20.78 5.22
C SER B 141 -6.01 22.14 4.73
N ALA B 142 -5.09 23.03 4.38
CA ALA B 142 -5.44 24.37 3.84
C ALA B 142 -6.10 24.22 2.45
N MET B 143 -5.80 23.14 1.73
CA MET B 143 -6.42 22.77 0.43
C MET B 143 -7.74 22.07 0.72
N GLY B 144 -8.03 21.73 1.97
CA GLY B 144 -9.34 21.19 2.39
C GLY B 144 -9.40 19.67 2.46
N THR B 145 -8.27 18.98 2.38
CA THR B 145 -8.16 17.50 2.50
C THR B 145 -8.50 17.07 3.93
N THR B 146 -9.26 15.98 4.05
CA THR B 146 -9.65 15.30 5.32
C THR B 146 -9.52 13.78 5.13
N TRP B 147 -9.71 12.99 6.19
CA TRP B 147 -9.60 11.50 6.16
C TRP B 147 -10.20 10.86 7.41
N GLY B 148 -10.19 9.52 7.42
CA GLY B 148 -10.81 8.67 8.44
C GLY B 148 -9.90 8.34 9.61
N LEU B 149 -10.37 7.39 10.42
CA LEU B 149 -9.75 6.96 11.68
C LEU B 149 -8.38 6.32 11.39
N GLY B 150 -7.43 6.51 12.31
CA GLY B 150 -6.12 5.84 12.23
C GLY B 150 -4.98 6.81 12.41
N GLY B 151 -5.23 8.09 12.16
CA GLY B 151 -4.24 9.15 12.37
C GLY B 151 -3.19 9.18 11.26
N THR B 152 -2.04 9.78 11.54
CA THR B 152 -1.06 10.23 10.53
C THR B 152 -0.54 9.02 9.75
N CYS B 153 -0.16 7.95 10.45
CA CYS B 153 0.49 6.78 9.84
C CYS B 153 -0.43 6.18 8.78
N VAL B 154 -1.66 5.88 9.17
CA VAL B 154 -2.63 5.13 8.34
C VAL B 154 -2.94 5.95 7.09
N ASN B 155 -3.17 7.25 7.26
CA ASN B 155 -3.90 8.10 6.28
C ASN B 155 -2.90 8.91 5.45
N VAL B 156 -1.85 9.47 6.04
CA VAL B 156 -0.98 10.46 5.32
C VAL B 156 0.49 10.30 5.75
N GLY B 157 0.94 9.10 6.11
CA GLY B 157 2.28 8.86 6.65
C GLY B 157 2.88 7.56 6.16
N CYS B 158 3.41 6.73 7.07
CA CYS B 158 4.13 5.46 6.79
C CYS B 158 3.40 4.67 5.68
N ILE B 159 2.13 4.34 5.88
CA ILE B 159 1.38 3.37 5.03
C ILE B 159 1.37 3.83 3.58
N PRO B 160 0.78 4.98 3.21
CA PRO B 160 0.74 5.38 1.79
C PRO B 160 2.15 5.58 1.23
N LYS B 161 3.00 6.25 2.01
CA LYS B 161 4.40 6.55 1.62
C LYS B 161 5.13 5.28 1.20
N LYS B 162 5.10 4.25 2.03
CA LYS B 162 5.80 2.96 1.75
C LYS B 162 5.23 2.35 0.46
N LEU B 163 3.91 2.37 0.32
CA LEU B 163 3.22 1.84 -0.90
C LEU B 163 3.68 2.60 -2.14
N MET B 164 3.83 3.93 -2.03
CA MET B 164 4.31 4.72 -3.20
C MET B 164 5.80 4.49 -3.46
N HIS B 165 6.62 4.33 -2.41
CA HIS B 165 8.03 3.85 -2.53
C HIS B 165 8.05 2.52 -3.30
N GLN B 166 7.24 1.55 -2.88
CA GLN B 166 7.21 0.18 -3.44
C GLN B 166 6.91 0.24 -4.94
N ALA B 167 5.95 1.10 -5.31
CA ALA B 167 5.61 1.47 -6.71
C ALA B 167 6.90 1.88 -7.41
N ALA B 168 7.62 2.85 -6.84
CA ALA B 168 8.85 3.38 -7.47
C ALA B 168 9.87 2.23 -7.61
N LEU B 169 10.10 1.43 -6.57
CA LEU B 169 10.99 0.23 -6.68
C LEU B 169 10.52 -0.70 -7.81
N LEU B 170 9.23 -1.03 -7.90
CA LEU B 170 8.73 -1.98 -8.93
C LEU B 170 9.10 -1.48 -10.33
N GLY B 171 9.13 -0.15 -10.54
CA GLY B 171 9.68 0.48 -11.75
C GLY B 171 11.11 0.00 -12.02
N GLU B 172 12.01 0.07 -11.03
CA GLU B 172 13.42 -0.33 -11.21
C GLU B 172 13.48 -1.85 -11.42
N TYR B 173 12.46 -2.60 -10.94
CA TYR B 173 12.44 -4.09 -11.00
C TYR B 173 12.10 -4.58 -12.42
N ILE B 174 11.25 -3.83 -13.13
CA ILE B 174 10.91 -4.12 -14.55
C ILE B 174 12.21 -4.19 -15.34
N GLU B 175 13.10 -3.23 -15.14
CA GLU B 175 14.37 -3.13 -15.90
C GLU B 175 15.24 -4.34 -15.55
N ASP B 176 15.27 -4.74 -14.27
CA ASP B 176 16.03 -5.93 -13.80
C ASP B 176 15.46 -7.18 -14.47
N ALA B 177 14.13 -7.35 -14.46
CA ALA B 177 13.42 -8.47 -15.10
C ALA B 177 14.04 -8.77 -16.48
N LYS B 178 14.25 -7.73 -17.29
CA LYS B 178 14.81 -7.86 -18.66
C LYS B 178 16.23 -8.44 -18.62
N LYS B 179 17.07 -8.02 -17.68
CA LYS B 179 18.49 -8.47 -17.64
C LYS B 179 18.53 -9.94 -17.18
N PHE B 180 17.49 -10.42 -16.51
CA PHE B 180 17.38 -11.81 -15.99
C PHE B 180 16.72 -12.72 -17.04
N GLY B 181 16.22 -12.16 -18.15
CA GLY B 181 15.80 -12.93 -19.33
C GLY B 181 14.31 -12.82 -19.62
N TRP B 182 13.56 -12.02 -18.88
CA TRP B 182 12.10 -11.91 -19.12
C TRP B 182 11.91 -11.06 -20.38
N GLU B 183 11.36 -11.65 -21.46
CA GLU B 183 11.08 -10.93 -22.72
C GLU B 183 9.84 -10.06 -22.53
N ILE B 184 10.03 -8.80 -22.11
CA ILE B 184 8.95 -7.80 -21.92
C ILE B 184 8.85 -6.97 -23.20
N PRO B 185 7.63 -6.78 -23.77
CA PRO B 185 7.48 -5.97 -24.98
C PRO B 185 8.20 -4.63 -24.70
N GLU B 186 8.98 -4.17 -25.68
CA GLU B 186 9.83 -2.94 -25.58
C GLU B 186 8.98 -1.76 -26.04
N GLY B 187 9.38 -0.56 -25.61
CA GLY B 187 8.52 0.63 -25.57
C GLY B 187 8.46 1.14 -24.15
N ALA B 188 8.61 2.45 -23.95
CA ALA B 188 8.63 3.10 -22.62
C ALA B 188 7.39 2.66 -21.84
N ILE B 189 7.56 2.22 -20.60
CA ILE B 189 6.42 1.87 -19.71
C ILE B 189 6.22 3.05 -18.77
N LYS B 190 5.03 3.66 -18.79
CA LYS B 190 4.64 4.83 -17.95
C LYS B 190 3.84 4.34 -16.73
N LEU B 191 3.80 5.14 -15.65
CA LEU B 191 3.01 4.85 -14.43
C LEU B 191 1.78 5.74 -14.44
N ASN B 192 0.59 5.16 -14.37
CA ASN B 192 -0.70 5.90 -14.32
C ASN B 192 -0.99 6.29 -12.86
N TRP B 193 -0.86 7.57 -12.55
CA TRP B 193 -0.97 8.08 -11.16
C TRP B 193 -2.34 7.69 -10.56
N HIS B 194 -3.40 7.88 -11.36
CA HIS B 194 -4.82 7.67 -10.97
C HIS B 194 -5.00 6.25 -10.41
N GLN B 195 -4.43 5.24 -11.08
CA GLN B 195 -4.46 3.82 -10.63
C GLN B 195 -3.76 3.68 -9.26
N LEU B 196 -2.48 4.10 -9.15
CA LEU B 196 -1.67 4.03 -7.90
C LEU B 196 -2.44 4.66 -6.74
N LYS B 197 -2.89 5.89 -6.97
CA LYS B 197 -3.61 6.67 -5.93
C LYS B 197 -4.85 5.89 -5.44
N ASN B 198 -5.67 5.38 -6.36
CA ASN B 198 -6.89 4.63 -5.98
C ASN B 198 -6.47 3.34 -5.25
N ALA B 199 -5.48 2.64 -5.80
CA ALA B 199 -4.91 1.41 -5.19
C ALA B 199 -4.61 1.69 -3.71
N VAL B 200 -3.85 2.76 -3.47
CA VAL B 200 -3.42 3.22 -2.11
C VAL B 200 -4.67 3.53 -1.27
N GLN B 201 -5.51 4.47 -1.75
CA GLN B 201 -6.67 4.98 -0.99
C GLN B 201 -7.65 3.83 -0.63
N ASN B 202 -7.75 2.82 -1.50
CA ASN B 202 -8.57 1.61 -1.20
C ASN B 202 -8.04 0.96 0.08
N HIS B 203 -6.73 0.83 0.23
CA HIS B 203 -6.14 0.13 1.40
C HIS B 203 -6.42 1.00 2.64
N ILE B 204 -6.08 2.29 2.54
CA ILE B 204 -6.36 3.28 3.62
C ILE B 204 -7.82 3.13 4.07
N ALA B 205 -8.77 3.05 3.13
CA ALA B 205 -10.21 2.84 3.43
C ALA B 205 -10.40 1.58 4.31
N SER B 206 -9.81 0.46 3.89
CA SER B 206 -9.92 -0.85 4.56
C SER B 206 -9.33 -0.73 5.97
N LEU B 207 -8.21 -0.03 6.12
CA LEU B 207 -7.62 0.27 7.47
C LEU B 207 -8.61 1.10 8.30
N ASN B 208 -8.98 2.28 7.79
CA ASN B 208 -9.98 3.16 8.45
C ASN B 208 -11.12 2.30 8.98
N TRP B 209 -11.66 1.44 8.13
CA TRP B 209 -12.87 0.64 8.50
C TRP B 209 -12.48 -0.41 9.57
N GLY B 210 -11.39 -1.13 9.33
CA GLY B 210 -10.80 -2.07 10.31
C GLY B 210 -10.71 -1.47 11.71
N TYR B 211 -10.08 -0.30 11.83
CA TYR B 211 -9.87 0.36 13.15
C TYR B 211 -11.23 0.67 13.79
N ARG B 212 -12.17 1.22 12.99
CA ARG B 212 -13.51 1.65 13.46
C ARG B 212 -14.23 0.42 14.00
N VAL B 213 -14.14 -0.69 13.29
CA VAL B 213 -14.71 -2.00 13.72
C VAL B 213 -14.04 -2.42 15.04
N GLN B 214 -12.73 -2.58 15.02
CA GLN B 214 -11.94 -3.06 16.19
C GLN B 214 -12.39 -2.37 17.50
N LEU B 215 -12.67 -1.07 17.48
CA LEU B 215 -13.09 -0.32 18.69
C LEU B 215 -14.48 -0.80 19.17
N LYS B 216 -15.41 -0.95 18.22
CA LYS B 216 -16.79 -1.43 18.45
C LYS B 216 -16.71 -2.88 18.98
N GLU B 217 -15.95 -3.74 18.32
CA GLU B 217 -15.72 -5.16 18.74
C GLU B 217 -15.26 -5.20 20.20
N LYS B 218 -14.42 -4.25 20.64
CA LYS B 218 -13.73 -4.31 21.96
C LYS B 218 -14.48 -3.49 23.03
N SER B 219 -15.63 -2.89 22.70
CA SER B 219 -16.51 -2.12 23.64
C SER B 219 -15.92 -0.74 23.98
N VAL B 220 -15.17 -0.09 23.08
CA VAL B 220 -14.62 1.28 23.32
C VAL B 220 -15.54 2.30 22.66
N THR B 221 -16.05 3.29 23.39
CA THR B 221 -16.84 4.42 22.80
C THR B 221 -15.93 5.26 21.91
N TYR B 222 -16.35 5.51 20.66
CA TYR B 222 -15.65 6.39 19.69
C TYR B 222 -16.49 7.63 19.38
N MET B 223 -15.97 8.86 19.52
CA MET B 223 -16.66 10.10 19.05
C MET B 223 -15.80 10.82 18.00
N ASN B 224 -16.30 11.00 16.78
CA ASN B 224 -15.64 11.78 15.70
C ASN B 224 -15.89 13.27 15.96
N SER B 225 -15.26 13.79 17.01
CA SER B 225 -15.52 15.15 17.55
C SER B 225 -14.21 15.74 18.04
N TYR B 226 -13.95 17.01 17.72
CA TYR B 226 -12.74 17.75 18.17
C TYR B 226 -12.97 18.21 19.62
N ALA B 227 -12.01 17.91 20.50
CA ALA B 227 -12.14 18.03 21.97
C ALA B 227 -11.33 19.22 22.49
N THR B 228 -11.86 19.94 23.49
CA THR B 228 -11.16 21.05 24.19
C THR B 228 -11.52 20.96 25.68
N PHE B 229 -10.56 21.17 26.58
CA PHE B 229 -10.76 21.14 28.05
C PHE B 229 -11.54 22.39 28.48
N THR B 230 -12.72 22.22 29.08
CA THR B 230 -13.57 23.35 29.53
C THR B 230 -13.72 23.31 31.06
N GLY B 231 -13.24 22.22 31.69
CA GLY B 231 -13.17 22.07 33.15
C GLY B 231 -11.99 21.19 33.55
N SER B 232 -11.74 21.09 34.85
CA SER B 232 -10.67 20.26 35.45
C SER B 232 -10.79 18.81 34.97
N HIS B 233 -12.01 18.32 34.75
CA HIS B 233 -12.28 16.92 34.30
C HIS B 233 -13.39 16.91 33.23
N GLU B 234 -13.47 17.98 32.43
CA GLU B 234 -14.55 18.21 31.45
C GLU B 234 -13.93 18.58 30.09
N LEU B 235 -14.19 17.73 29.10
CA LEU B 235 -13.92 18.03 27.68
C LEU B 235 -15.24 18.46 27.04
N SER B 236 -15.24 19.59 26.33
CA SER B 236 -16.29 19.95 25.35
C SER B 236 -15.82 19.51 23.97
N VAL B 237 -16.66 18.75 23.27
CA VAL B 237 -16.29 18.08 22.00
C VAL B 237 -17.31 18.45 20.94
N LYS B 238 -16.83 18.96 19.80
CA LYS B 238 -17.68 19.48 18.68
C LYS B 238 -17.54 18.52 17.48
N ASN B 239 -18.66 18.04 16.92
CA ASN B 239 -18.63 17.08 15.77
C ASN B 239 -18.70 17.88 14.45
N LYS B 240 -18.75 17.18 13.30
CA LYS B 240 -18.76 17.76 11.93
C LYS B 240 -19.99 18.66 11.76
N LYS B 241 -21.18 18.21 12.17
CA LYS B 241 -22.44 18.99 12.07
C LYS B 241 -22.29 20.34 12.80
N GLY B 242 -21.50 20.37 13.88
CA GLY B 242 -21.37 21.53 14.79
C GLY B 242 -21.96 21.22 16.16
N LYS B 243 -22.67 20.09 16.29
CA LYS B 243 -23.19 19.52 17.56
C LYS B 243 -22.04 19.46 18.59
N VAL B 244 -22.32 19.85 19.84
CA VAL B 244 -21.31 19.98 20.95
C VAL B 244 -21.77 19.19 22.16
N GLU B 245 -20.93 18.30 22.67
CA GLU B 245 -21.22 17.47 23.86
C GLU B 245 -20.17 17.73 24.95
N LYS B 246 -20.51 17.44 26.20
CA LYS B 246 -19.57 17.42 27.35
C LYS B 246 -19.26 15.97 27.71
N VAL B 247 -17.98 15.67 27.94
CA VAL B 247 -17.45 14.34 28.35
C VAL B 247 -16.62 14.54 29.63
N THR B 248 -16.71 13.58 30.57
CA THR B 248 -16.02 13.63 31.88
C THR B 248 -15.28 12.31 32.14
N ALA B 249 -14.10 12.42 32.76
CA ALA B 249 -13.25 11.26 33.09
C ALA B 249 -12.31 11.54 34.26
N ASP B 250 -11.86 10.45 34.89
CA ASP B 250 -10.90 10.42 36.02
C ASP B 250 -9.50 10.67 35.50
N ARG B 251 -9.27 10.37 34.21
CA ARG B 251 -7.94 10.47 33.55
C ARG B 251 -8.10 10.92 32.09
N PHE B 252 -7.09 11.61 31.58
CA PHE B 252 -6.99 12.04 30.16
C PHE B 252 -5.63 11.62 29.61
N LEU B 253 -5.67 11.11 28.38
CA LEU B 253 -4.47 10.87 27.54
C LEU B 253 -4.54 11.82 26.34
N ILE B 254 -3.54 12.67 26.18
CA ILE B 254 -3.43 13.56 24.99
C ILE B 254 -2.47 12.89 24.01
N ALA B 255 -2.98 12.53 22.84
CA ALA B 255 -2.28 11.77 21.78
C ALA B 255 -2.65 12.38 20.43
N VAL B 256 -2.38 13.66 20.34
CA VAL B 256 -2.90 14.61 19.33
C VAL B 256 -1.96 14.65 18.12
N GLY B 257 -0.70 14.23 18.29
CA GLY B 257 0.30 14.30 17.21
C GLY B 257 0.49 15.70 16.68
N LEU B 258 1.10 15.79 15.49
CA LEU B 258 1.54 17.05 14.81
C LEU B 258 0.80 17.27 13.50
N ARG B 259 1.12 18.37 12.84
CA ARG B 259 0.59 18.75 11.49
C ARG B 259 1.70 19.44 10.70
N PRO B 260 1.73 19.28 9.36
CA PRO B 260 2.76 19.89 8.53
C PRO B 260 2.93 21.39 8.84
N ARG B 261 4.18 21.83 8.98
CA ARG B 261 4.58 23.24 9.22
C ARG B 261 4.66 23.98 7.89
N PHE B 262 4.12 25.21 7.85
CA PHE B 262 4.28 26.16 6.73
C PHE B 262 5.11 27.35 7.19
N PRO B 263 5.97 27.90 6.31
CA PRO B 263 6.77 29.07 6.66
C PRO B 263 5.95 30.35 6.39
N ASP B 264 6.37 31.44 7.02
CA ASP B 264 5.70 32.76 6.96
C ASP B 264 6.19 33.45 5.67
N VAL B 265 5.75 32.95 4.50
CA VAL B 265 6.20 33.46 3.17
C VAL B 265 4.95 33.77 2.33
N PRO B 266 4.98 34.87 1.56
CA PRO B 266 4.02 35.13 0.48
C PRO B 266 3.72 33.93 -0.44
N GLY B 267 2.49 33.41 -0.28
CA GLY B 267 1.83 32.49 -1.22
C GLY B 267 1.91 31.06 -0.75
N ALA B 268 2.50 30.81 0.41
CA ALA B 268 2.92 29.45 0.86
C ALA B 268 1.68 28.59 1.04
N LEU B 269 0.75 29.01 1.92
CA LEU B 269 -0.50 28.29 2.26
C LEU B 269 -1.44 28.25 1.03
N GLU B 270 -1.38 29.25 0.16
CA GLU B 270 -2.20 29.32 -1.09
C GLU B 270 -1.70 28.28 -2.09
N CYS B 271 -0.41 28.31 -2.42
CA CYS B 271 0.17 27.66 -3.63
C CYS B 271 0.70 26.24 -3.34
N CYS B 272 1.19 25.89 -2.15
CA CYS B 272 1.95 24.62 -1.91
C CYS B 272 1.09 23.57 -1.20
N ILE B 273 1.21 22.30 -1.60
CA ILE B 273 0.56 21.11 -0.96
C ILE B 273 1.46 20.63 0.17
N SER B 274 1.02 19.66 0.97
CA SER B 274 1.81 19.01 2.05
C SER B 274 1.63 17.48 2.01
N SER B 275 2.40 16.76 2.83
CA SER B 275 2.14 15.34 3.23
C SER B 275 0.63 15.05 3.20
N ASP B 276 -0.20 15.89 3.83
CA ASP B 276 -1.64 15.60 4.04
C ASP B 276 -2.37 15.50 2.69
N ASP B 277 -1.87 16.22 1.68
CA ASP B 277 -2.57 16.43 0.40
C ASP B 277 -2.07 15.43 -0.65
N LEU B 278 -0.80 15.05 -0.57
CA LEU B 278 -0.04 14.37 -1.66
C LEU B 278 -0.66 13.00 -1.92
N PHE B 279 -1.11 12.30 -0.87
CA PHE B 279 -1.47 10.87 -0.95
C PHE B 279 -2.90 10.69 -1.44
N SER B 280 -3.61 11.77 -1.77
CA SER B 280 -4.98 11.71 -2.30
C SER B 280 -5.17 12.67 -3.49
N LEU B 281 -4.07 13.15 -4.10
CA LEU B 281 -4.11 14.11 -5.22
C LEU B 281 -4.95 13.49 -6.34
N PRO B 282 -5.90 14.23 -6.94
CA PRO B 282 -6.61 13.74 -8.11
C PRO B 282 -5.86 13.86 -9.45
N TYR B 283 -4.64 14.42 -9.44
CA TYR B 283 -3.79 14.63 -10.64
C TYR B 283 -2.39 14.12 -10.37
N ASN B 284 -1.68 13.77 -11.44
CA ASN B 284 -0.22 13.53 -11.44
C ASN B 284 0.44 14.83 -11.04
N PRO B 285 1.26 14.87 -9.97
CA PRO B 285 1.88 16.09 -9.49
C PRO B 285 2.78 16.79 -10.51
N GLY B 286 3.25 16.05 -11.52
CA GLY B 286 4.04 16.59 -12.64
C GLY B 286 5.40 17.06 -12.19
N LYS B 287 5.93 18.13 -12.81
CA LYS B 287 7.23 18.74 -12.45
C LYS B 287 7.12 19.26 -11.03
N THR B 288 7.93 18.74 -10.13
CA THR B 288 7.71 18.92 -8.66
C THR B 288 8.96 19.49 -7.98
N LEU B 289 8.71 20.46 -7.10
CA LEU B 289 9.68 21.06 -6.16
C LEU B 289 9.31 20.58 -4.74
N CYS B 290 10.26 19.98 -4.02
CA CYS B 290 10.16 19.64 -2.58
C CYS B 290 11.00 20.64 -1.77
N VAL B 291 10.34 21.35 -0.85
CA VAL B 291 10.98 22.36 0.03
C VAL B 291 11.14 21.74 1.42
N GLY B 292 12.40 21.51 1.81
CA GLY B 292 12.77 20.94 3.12
C GLY B 292 13.79 19.82 2.95
N ALA B 293 14.55 19.56 4.02
CA ALA B 293 15.60 18.52 4.09
C ALA B 293 15.14 17.37 4.98
N SER B 294 13.91 17.43 5.50
CA SER B 294 13.38 16.40 6.42
C SER B 294 13.38 15.03 5.75
N TYR B 295 13.31 13.94 6.51
CA TYR B 295 13.12 12.58 5.92
C TYR B 295 11.92 12.62 4.96
N VAL B 296 10.84 13.30 5.33
CA VAL B 296 9.60 13.35 4.48
C VAL B 296 9.93 13.90 3.07
N SER B 297 10.59 15.05 2.99
CA SER B 297 10.97 15.72 1.71
C SER B 297 11.69 14.70 0.80
N LEU B 298 12.77 14.11 1.35
CA LEU B 298 13.66 13.17 0.61
C LEU B 298 12.87 11.92 0.20
N GLU B 299 12.18 11.26 1.15
CA GLU B 299 11.40 10.03 0.88
C GLU B 299 10.49 10.26 -0.35
N CYS B 300 9.73 11.37 -0.34
CA CYS B 300 8.76 11.77 -1.39
C CYS B 300 9.48 12.09 -2.70
N ALA B 301 10.18 13.14 -2.60
CA ALA B 301 11.10 13.56 -3.69
C ALA B 301 11.58 12.32 -4.42
N GLY B 302 12.03 11.33 -3.65
CA GLY B 302 12.42 10.00 -4.14
C GLY B 302 11.52 9.32 -5.16
N PHE B 303 10.35 8.90 -4.67
CA PHE B 303 9.38 8.10 -5.44
C PHE B 303 8.79 8.87 -6.60
N LEU B 304 8.62 10.18 -6.45
CA LEU B 304 8.08 10.95 -7.59
C LEU B 304 9.07 10.80 -8.75
N LYS B 305 10.37 10.95 -8.49
CA LYS B 305 11.36 10.72 -9.55
C LYS B 305 11.23 9.26 -9.97
N GLY B 306 10.95 8.35 -9.03
CA GLY B 306 10.88 6.92 -9.38
C GLY B 306 9.66 6.57 -10.20
N ILE B 307 8.60 7.37 -10.15
CA ILE B 307 7.40 7.12 -11.03
C ILE B 307 7.46 8.03 -12.27
N GLY B 308 8.57 8.74 -12.48
CA GLY B 308 8.89 9.34 -13.80
C GLY B 308 8.92 10.85 -13.80
N ASN B 309 8.47 11.51 -12.73
CA ASN B 309 8.41 12.99 -12.62
C ASN B 309 9.82 13.61 -12.59
N ASP B 310 9.94 14.82 -13.12
CA ASP B 310 11.07 15.74 -12.88
C ASP B 310 10.91 16.31 -11.46
N VAL B 311 11.89 15.98 -10.61
CA VAL B 311 11.90 16.34 -9.15
C VAL B 311 13.07 17.28 -8.86
N THR B 312 12.80 18.32 -8.08
CA THR B 312 13.84 19.21 -7.50
C THR B 312 13.66 19.31 -5.98
N VAL B 313 14.76 19.31 -5.22
CA VAL B 313 14.75 19.47 -3.73
C VAL B 313 15.48 20.75 -3.38
N MET B 314 14.80 21.67 -2.69
CA MET B 314 15.44 22.93 -2.21
C MET B 314 15.74 22.77 -0.73
N VAL B 315 17.01 22.91 -0.34
CA VAL B 315 17.40 22.73 1.08
C VAL B 315 17.99 24.04 1.58
N ARG B 316 17.98 24.24 2.89
CA ARG B 316 18.55 25.47 3.47
C ARG B 316 20.03 25.24 3.71
N SER B 317 20.40 24.09 4.24
CA SER B 317 21.84 23.82 4.50
C SER B 317 22.21 22.35 4.29
N VAL B 318 21.81 21.48 5.23
CA VAL B 318 22.22 20.06 5.23
C VAL B 318 20.97 19.20 5.04
N LEU B 319 21.11 17.98 4.56
CA LEU B 319 20.02 16.98 4.56
C LEU B 319 19.94 16.32 5.94
N LEU B 320 18.74 15.92 6.34
CA LEU B 320 18.53 14.97 7.46
C LEU B 320 19.32 15.43 8.70
N ARG B 321 19.23 16.72 9.05
CA ARG B 321 19.69 17.25 10.35
C ARG B 321 19.16 16.35 11.46
N GLY B 322 20.05 15.75 12.28
CA GLY B 322 19.73 14.74 13.31
C GLY B 322 20.27 13.37 12.94
N PHE B 323 20.49 13.12 11.65
CA PHE B 323 21.02 11.84 11.14
C PHE B 323 22.51 11.99 10.81
N ASP B 324 23.21 10.85 10.75
CA ASP B 324 24.64 10.74 10.41
C ASP B 324 24.87 11.43 9.05
N GLN B 325 25.56 12.58 9.09
CA GLN B 325 25.77 13.44 7.92
C GLN B 325 26.69 12.78 6.90
N ASP B 326 27.53 11.82 7.29
CA ASP B 326 28.22 10.92 6.33
C ASP B 326 27.13 10.21 5.53
N MET B 327 26.19 9.53 6.21
CA MET B 327 25.13 8.75 5.53
C MET B 327 24.26 9.71 4.70
N ALA B 328 23.93 10.86 5.23
CA ALA B 328 23.13 11.86 4.47
C ALA B 328 23.89 12.25 3.20
N GLU B 329 25.18 12.50 3.29
CA GLU B 329 25.90 12.92 2.06
C GLU B 329 25.81 11.81 1.03
N ARG B 330 25.94 10.56 1.47
CA ARG B 330 25.90 9.40 0.55
C ARG B 330 24.54 9.32 -0.13
N ILE B 331 23.46 9.58 0.59
CA ILE B 331 22.10 9.49 -0.01
C ILE B 331 22.05 10.54 -1.12
N LYS B 332 22.50 11.74 -0.79
CA LYS B 332 22.48 12.87 -1.75
C LYS B 332 23.23 12.48 -3.02
N LYS B 333 24.40 11.85 -2.89
CA LYS B 333 25.21 11.54 -4.09
C LYS B 333 24.41 10.59 -4.98
N HIS B 334 23.75 9.60 -4.37
CA HIS B 334 23.00 8.53 -5.06
C HIS B 334 21.76 9.15 -5.70
N MET B 335 20.89 9.74 -4.87
CA MET B 335 19.67 10.44 -5.36
C MET B 335 20.06 11.43 -6.47
N THR B 336 21.26 12.03 -6.43
CA THR B 336 21.75 12.92 -7.51
C THR B 336 21.97 12.09 -8.78
N GLU B 337 22.74 11.01 -8.71
CA GLU B 337 23.00 10.10 -9.87
C GLU B 337 21.66 9.56 -10.39
N ARG B 338 20.60 9.52 -9.56
CA ARG B 338 19.27 9.04 -10.01
C ARG B 338 18.43 10.17 -10.59
N GLY B 339 18.99 11.37 -10.79
CA GLY B 339 18.38 12.41 -11.62
C GLY B 339 17.58 13.41 -10.80
N VAL B 340 17.54 13.28 -9.49
CA VAL B 340 17.00 14.33 -8.60
C VAL B 340 18.00 15.49 -8.57
N LYS B 341 17.48 16.72 -8.61
CA LYS B 341 18.27 17.98 -8.61
C LYS B 341 18.19 18.60 -7.22
N PHE B 342 19.34 18.93 -6.62
CA PHE B 342 19.45 19.54 -5.28
C PHE B 342 19.92 20.99 -5.42
N VAL B 343 19.30 21.92 -4.70
CA VAL B 343 19.77 23.34 -4.66
C VAL B 343 19.67 23.93 -3.24
N GLN B 344 20.65 24.80 -2.98
CA GLN B 344 20.95 25.65 -1.79
C GLN B 344 19.86 26.68 -1.50
N CYS B 345 18.97 27.00 -2.45
CA CYS B 345 18.08 28.18 -2.32
C CYS B 345 16.93 27.93 -1.33
N VAL B 346 16.33 29.04 -0.88
CA VAL B 346 15.06 29.07 -0.09
C VAL B 346 14.13 30.10 -0.71
N PRO B 347 12.93 29.68 -1.17
CA PRO B 347 12.03 30.56 -1.92
C PRO B 347 11.66 31.79 -1.11
N ILE B 348 11.52 32.93 -1.77
CA ILE B 348 11.18 34.21 -1.07
C ILE B 348 9.69 34.52 -1.32
N LYS B 349 9.07 33.83 -2.30
CA LYS B 349 7.65 34.03 -2.66
C LYS B 349 7.21 32.87 -3.56
N TYR B 350 5.94 32.45 -3.46
CA TYR B 350 5.30 31.50 -4.40
C TYR B 350 4.13 32.23 -5.07
N GLU B 351 4.04 32.20 -6.40
CA GLU B 351 2.95 32.87 -7.18
C GLU B 351 2.19 31.79 -7.95
N ARG B 352 0.85 31.79 -7.85
CA ARG B 352 -0.02 30.83 -8.60
C ARG B 352 -0.25 31.36 -10.03
N LEU B 353 0.11 30.58 -11.05
CA LEU B 353 -0.12 30.93 -12.49
C LEU B 353 -1.40 30.26 -13.00
N LYS B 354 -1.69 29.06 -12.50
CA LYS B 354 -2.82 28.20 -12.91
C LYS B 354 -3.34 27.47 -11.67
N LYS B 355 -4.67 27.28 -11.57
CA LYS B 355 -5.28 26.40 -10.55
C LYS B 355 -5.27 25.00 -11.13
N PRO B 356 -5.17 23.94 -10.30
CA PRO B 356 -5.25 22.59 -10.84
C PRO B 356 -6.72 22.46 -11.30
N THR B 357 -6.97 21.67 -12.34
CA THR B 357 -8.32 21.13 -12.63
C THR B 357 -8.33 19.75 -11.92
N ASP B 358 -9.21 18.82 -12.27
CA ASP B 358 -8.95 17.40 -11.89
C ASP B 358 -8.31 16.77 -13.13
N SER B 359 -7.58 15.67 -12.94
CA SER B 359 -6.91 15.06 -14.11
C SER B 359 -5.81 15.97 -14.66
N GLU B 360 -5.64 17.18 -14.14
CA GLU B 360 -4.48 18.01 -14.57
C GLU B 360 -4.00 18.94 -13.45
N PRO B 361 -2.69 19.02 -13.18
CA PRO B 361 -2.14 19.90 -12.15
C PRO B 361 -2.14 21.36 -12.59
N GLY B 362 -1.90 22.25 -11.64
CA GLY B 362 -1.74 23.71 -11.87
C GLY B 362 -0.30 24.07 -12.19
N MET B 363 0.05 25.35 -12.08
CA MET B 363 1.41 25.87 -12.34
C MET B 363 1.74 26.95 -11.30
N ILE B 364 2.82 26.72 -10.56
CA ILE B 364 3.39 27.66 -9.56
C ILE B 364 4.70 28.24 -10.10
N ARG B 365 4.85 29.56 -9.97
CA ARG B 365 6.14 30.27 -10.14
C ARG B 365 6.78 30.42 -8.76
N VAL B 366 8.01 29.93 -8.64
CA VAL B 366 8.85 29.98 -7.41
C VAL B 366 9.96 31.02 -7.59
N HIS B 367 9.98 32.01 -6.71
CA HIS B 367 10.93 33.15 -6.69
C HIS B 367 12.09 32.83 -5.73
N THR B 368 13.31 32.87 -6.24
CA THR B 368 14.55 32.63 -5.46
C THR B 368 15.49 33.82 -5.69
N MET B 369 16.43 34.06 -4.79
CA MET B 369 17.45 35.09 -5.06
C MET B 369 18.78 34.37 -5.16
N GLN B 370 19.39 34.39 -6.35
CA GLN B 370 20.62 33.60 -6.62
C GLN B 370 21.78 34.60 -6.75
N GLU B 371 23.01 34.15 -6.49
CA GLU B 371 24.21 35.00 -6.27
C GLU B 371 25.24 34.67 -7.37
N ASP B 372 25.75 35.62 -8.12
CA ASP B 372 26.87 35.26 -9.04
C ASP B 372 28.13 35.84 -8.41
N GLU B 373 29.20 35.97 -9.20
CA GLU B 373 30.42 36.73 -8.80
C GLU B 373 30.02 38.22 -8.59
N ASP B 374 29.80 39.01 -9.65
CA ASP B 374 29.56 40.47 -9.51
C ASP B 374 28.05 40.71 -9.50
N GLY B 375 27.34 40.22 -8.47
CA GLY B 375 25.94 40.60 -8.19
C GLY B 375 25.11 39.55 -7.47
N THR B 376 23.99 40.05 -6.92
CA THR B 376 22.82 39.29 -6.39
C THR B 376 21.57 39.74 -7.15
N LYS B 377 20.82 38.79 -7.72
CA LYS B 377 19.71 39.06 -8.65
C LYS B 377 18.58 38.04 -8.41
N GLU B 378 17.35 38.46 -8.73
CA GLU B 378 16.11 37.68 -8.50
C GLU B 378 15.95 36.70 -9.66
N VAL B 379 15.43 35.52 -9.35
CA VAL B 379 15.24 34.42 -10.32
C VAL B 379 13.88 33.79 -10.01
N THR B 380 13.25 33.22 -11.04
CA THR B 380 12.01 32.44 -10.90
C THR B 380 12.20 31.10 -11.61
N GLU B 381 11.46 30.09 -11.17
CA GLU B 381 11.29 28.86 -11.98
C GLU B 381 9.87 28.35 -11.81
N ASP B 382 9.32 27.73 -12.87
CA ASP B 382 7.92 27.26 -12.94
C ASP B 382 7.89 25.77 -12.62
N PHE B 383 7.09 25.36 -11.64
CA PHE B 383 6.83 23.94 -11.30
C PHE B 383 5.34 23.69 -11.34
N ASN B 384 4.89 22.46 -11.60
CA ASN B 384 3.45 22.10 -11.64
C ASN B 384 2.90 22.06 -10.20
N THR B 385 3.72 21.51 -9.29
CA THR B 385 3.37 21.14 -7.89
C THR B 385 4.54 21.44 -6.97
N VAL B 386 4.32 22.16 -5.86
CA VAL B 386 5.34 22.46 -4.81
C VAL B 386 4.90 21.81 -3.50
N LEU B 387 5.73 20.92 -2.97
CA LEU B 387 5.53 20.21 -1.69
C LEU B 387 6.30 20.92 -0.59
N MET B 388 5.58 21.47 0.38
CA MET B 388 6.13 22.07 1.62
C MET B 388 6.36 20.94 2.63
N ALA B 389 7.59 20.78 3.09
CA ALA B 389 8.03 19.59 3.86
C ALA B 389 9.21 19.97 4.77
N ILE B 390 9.06 21.06 5.52
CA ILE B 390 10.17 21.63 6.34
C ILE B 390 10.05 21.06 7.76
N GLY B 391 8.85 20.96 8.32
CA GLY B 391 8.65 20.33 9.64
C GLY B 391 7.21 19.92 9.89
N ARG B 392 6.94 19.43 11.10
CA ARG B 392 5.61 19.12 11.65
C ARG B 392 5.52 19.74 13.05
N ASP B 393 4.38 20.36 13.40
CA ASP B 393 4.23 21.12 14.67
C ASP B 393 2.96 20.68 15.40
N ALA B 394 2.97 20.81 16.72
CA ALA B 394 1.84 20.48 17.61
C ALA B 394 0.80 21.61 17.53
N MET B 395 -0.45 21.28 17.20
CA MET B 395 -1.54 22.28 17.07
C MET B 395 -2.42 22.18 18.32
N THR B 396 -1.98 22.80 19.43
CA THR B 396 -2.51 22.56 20.78
C THR B 396 -3.05 23.86 21.41
N ASP B 397 -3.11 24.96 20.65
CA ASP B 397 -3.59 26.27 21.18
C ASP B 397 -5.08 26.14 21.57
N ASP B 398 -5.87 25.51 20.70
CA ASP B 398 -7.34 25.46 20.85
C ASP B 398 -7.74 24.23 21.67
N LEU B 399 -6.84 23.71 22.50
CA LEU B 399 -7.10 22.52 23.35
C LEU B 399 -7.59 22.93 24.75
N GLY B 400 -7.30 24.16 25.15
CA GLY B 400 -7.60 24.67 26.51
C GLY B 400 -6.80 23.91 27.56
N LEU B 401 -5.53 23.66 27.30
CA LEU B 401 -4.59 23.05 28.29
C LEU B 401 -4.32 24.03 29.44
N ASP B 402 -4.46 25.34 29.18
CA ASP B 402 -4.44 26.43 30.19
C ASP B 402 -5.51 26.20 31.28
N VAL B 403 -6.67 25.68 30.92
CA VAL B 403 -7.81 25.38 31.84
C VAL B 403 -7.40 24.30 32.86
N VAL B 404 -6.79 23.20 32.41
CA VAL B 404 -6.32 22.10 33.28
C VAL B 404 -4.91 22.41 33.80
N GLY B 405 -4.29 23.50 33.35
CA GLY B 405 -2.95 23.90 33.81
C GLY B 405 -1.93 22.85 33.41
N VAL B 406 -2.01 22.37 32.16
CA VAL B 406 -1.02 21.44 31.55
C VAL B 406 0.04 22.30 30.83
N ASN B 407 1.26 22.33 31.37
CA ASN B 407 2.38 23.13 30.81
C ASN B 407 2.82 22.51 29.50
N ARG B 408 3.12 23.39 28.54
CA ARG B 408 3.64 23.10 27.17
C ARG B 408 5.01 23.77 27.04
N ALA B 409 5.85 23.22 26.15
CA ALA B 409 7.14 23.81 25.73
C ALA B 409 6.86 24.98 24.78
N LYS B 410 7.89 25.69 24.32
CA LYS B 410 7.70 26.85 23.40
C LYS B 410 7.00 26.37 22.11
N SER B 411 7.42 25.22 21.56
CA SER B 411 6.65 24.43 20.56
C SER B 411 5.40 23.94 21.27
N GLY B 412 4.38 23.46 20.56
CA GLY B 412 3.10 23.20 21.23
C GLY B 412 3.13 21.95 22.09
N LYS B 413 4.30 21.35 22.28
CA LYS B 413 4.42 19.97 22.83
C LYS B 413 4.22 20.01 24.34
N ILE B 414 3.71 18.93 24.89
CA ILE B 414 3.41 18.82 26.35
C ILE B 414 4.67 18.35 27.08
N ILE B 415 5.08 19.12 28.08
CA ILE B 415 6.19 18.77 29.00
C ILE B 415 5.69 17.72 29.98
N GLY B 416 6.43 16.61 30.07
CA GLY B 416 6.09 15.42 30.85
C GLY B 416 7.05 15.19 32.00
N ARG B 417 6.54 14.57 33.07
CA ARG B 417 7.28 13.70 34.03
C ARG B 417 7.03 12.28 33.54
N ARG B 418 8.01 11.75 32.82
CA ARG B 418 7.79 10.65 31.84
C ARG B 418 6.55 11.12 31.08
N GLU B 419 5.52 10.28 30.98
CA GLU B 419 4.31 10.50 30.16
C GLU B 419 3.28 11.33 30.98
N GLN B 420 3.53 11.57 32.26
CA GLN B 420 2.59 12.33 33.13
C GLN B 420 2.82 13.84 32.89
N SER B 421 1.78 14.67 32.69
CA SER B 421 2.00 16.15 32.62
C SER B 421 2.73 16.56 33.89
N VAL B 422 3.81 17.33 33.73
CA VAL B 422 4.68 17.67 34.89
C VAL B 422 3.92 18.61 35.81
N SER B 423 2.89 19.29 35.32
CA SER B 423 2.01 20.17 36.13
C SER B 423 0.84 19.37 36.74
N CYS B 424 0.10 18.59 35.94
CA CYS B 424 -1.22 18.02 36.33
C CYS B 424 -1.20 16.51 36.37
N PRO B 425 -1.35 15.89 37.57
CA PRO B 425 -1.14 14.44 37.75
C PRO B 425 -2.08 13.41 37.12
N TYR B 426 -3.24 13.81 36.57
CA TYR B 426 -4.24 12.88 36.00
C TYR B 426 -4.34 13.09 34.48
N VAL B 427 -3.49 13.94 33.91
CA VAL B 427 -3.37 14.16 32.42
C VAL B 427 -2.00 13.66 31.96
N TYR B 428 -2.01 12.79 30.96
CA TYR B 428 -0.80 12.13 30.40
C TYR B 428 -0.72 12.45 28.91
N ALA B 429 0.44 12.23 28.31
CA ALA B 429 0.71 12.49 26.89
C ALA B 429 1.70 11.46 26.32
N ILE B 430 1.47 11.04 25.07
CA ILE B 430 2.30 10.03 24.34
C ILE B 430 2.43 10.43 22.87
N GLY B 431 3.42 9.83 22.23
CA GLY B 431 3.68 10.00 20.79
C GLY B 431 4.21 11.36 20.53
N ASP B 432 3.87 11.92 19.37
CA ASP B 432 4.64 13.02 18.76
C ASP B 432 4.50 14.26 19.65
N VAL B 433 3.34 14.45 20.30
CA VAL B 433 3.01 15.67 21.10
C VAL B 433 3.73 15.68 22.46
N LEU B 434 4.30 14.55 22.91
CA LEU B 434 5.08 14.48 24.18
C LEU B 434 6.48 15.07 23.99
N TYR B 435 6.78 16.18 24.67
CA TYR B 435 8.06 16.92 24.49
C TYR B 435 9.24 15.94 24.51
N GLY B 436 10.04 15.98 23.44
CA GLY B 436 11.25 15.17 23.23
C GLY B 436 10.97 13.69 23.01
N SER B 437 9.77 13.26 22.63
CA SER B 437 9.49 11.87 22.19
C SER B 437 9.92 11.74 20.73
N PRO B 438 10.66 10.68 20.36
CA PRO B 438 11.00 10.44 18.96
C PRO B 438 9.69 10.28 18.19
N GLU B 439 9.57 10.93 17.04
CA GLU B 439 8.29 11.01 16.28
C GLU B 439 8.24 9.80 15.33
N LEU B 440 7.93 8.61 15.88
CA LEU B 440 7.86 7.32 15.14
C LEU B 440 6.64 6.50 15.61
N THR B 441 5.98 5.81 14.69
CA THR B 441 4.73 5.06 14.99
C THR B 441 4.96 4.07 16.13
N PRO B 442 5.91 3.11 16.02
CA PRO B 442 6.09 2.08 17.05
C PRO B 442 6.36 2.64 18.46
N VAL B 443 6.89 3.86 18.57
CA VAL B 443 7.15 4.53 19.88
C VAL B 443 5.82 4.93 20.50
N ALA B 444 4.95 5.58 19.73
CA ALA B 444 3.60 5.97 20.21
C ALA B 444 2.92 4.74 20.78
N ILE B 445 2.90 3.69 19.97
CA ILE B 445 2.15 2.44 20.29
C ILE B 445 2.69 1.86 21.60
N GLN B 446 4.00 1.74 21.71
CA GLN B 446 4.67 1.13 22.89
C GLN B 446 4.34 2.00 24.09
N ALA B 447 4.60 3.30 23.97
CA ALA B 447 4.35 4.31 25.04
C ALA B 447 2.91 4.16 25.53
N GLY B 448 1.96 4.03 24.61
CA GLY B 448 0.54 3.79 24.93
C GLY B 448 0.33 2.48 25.67
N LYS B 449 0.68 1.37 25.03
CA LYS B 449 0.50 0.01 25.62
C LYS B 449 1.08 -0.01 27.04
N VAL B 450 2.31 0.47 27.24
CA VAL B 450 3.04 0.35 28.54
C VAL B 450 2.37 1.24 29.60
N LEU B 451 2.16 2.52 29.28
CA LEU B 451 1.49 3.48 30.19
C LEU B 451 0.24 2.83 30.79
N MET B 452 -0.63 2.32 29.91
CA MET B 452 -1.91 1.69 30.32
C MET B 452 -1.62 0.56 31.32
N ARG B 453 -0.56 -0.22 31.09
CA ARG B 453 -0.18 -1.34 31.99
C ARG B 453 0.35 -0.79 33.33
N ARG B 454 1.08 0.33 33.31
CA ARG B 454 1.47 1.02 34.58
C ARG B 454 0.22 1.49 35.33
N LEU B 455 -0.60 2.36 34.72
CA LEU B 455 -1.80 3.00 35.35
C LEU B 455 -2.73 1.96 35.96
N PHE B 456 -3.07 0.92 35.20
CA PHE B 456 -4.21 0.02 35.53
C PHE B 456 -3.75 -1.33 36.08
N THR B 457 -2.45 -1.62 36.14
CA THR B 457 -1.90 -2.89 36.66
C THR B 457 -0.87 -2.63 37.78
N GLY B 458 -0.30 -1.42 37.82
CA GLY B 458 0.76 -1.07 38.77
C GLY B 458 2.04 -1.84 38.50
N SER B 459 2.40 -2.02 37.23
CA SER B 459 3.74 -2.52 36.84
C SER B 459 4.72 -1.34 36.81
N SER B 460 6.02 -1.63 36.82
CA SER B 460 7.12 -0.64 36.83
C SER B 460 7.83 -0.66 35.47
N GLU B 461 7.15 -1.12 34.42
CA GLU B 461 7.70 -1.26 33.04
C GLU B 461 7.78 0.13 32.40
N LEU B 462 8.92 0.52 31.84
CA LEU B 462 9.10 1.84 31.20
C LEU B 462 9.40 1.65 29.71
N THR B 463 8.84 2.49 28.85
CA THR B 463 9.16 2.49 27.41
C THR B 463 10.63 2.88 27.28
N GLU B 464 11.38 2.19 26.43
CA GLU B 464 12.83 2.38 26.20
C GLU B 464 13.01 3.22 24.95
N TYR B 465 13.21 4.52 25.17
CA TYR B 465 13.29 5.58 24.13
C TYR B 465 14.74 5.78 23.68
N ASP B 466 15.72 5.03 24.20
CA ASP B 466 17.12 5.06 23.70
C ASP B 466 17.39 3.90 22.74
N LYS B 467 18.36 4.09 21.84
CA LYS B 467 18.82 3.06 20.86
C LYS B 467 17.64 2.59 20.00
N ILE B 468 16.82 3.49 19.50
CA ILE B 468 15.64 3.15 18.66
C ILE B 468 16.12 3.02 17.23
N PRO B 469 15.87 1.88 16.57
CA PRO B 469 16.21 1.74 15.16
C PRO B 469 15.24 2.52 14.26
N THR B 470 15.75 3.15 13.21
CA THR B 470 14.96 3.82 12.16
C THR B 470 15.35 3.29 10.80
N THR B 471 14.48 3.56 9.83
CA THR B 471 14.82 3.45 8.39
C THR B 471 14.23 4.66 7.67
N VAL B 472 15.06 5.39 6.92
CA VAL B 472 14.60 6.40 5.93
C VAL B 472 14.35 5.69 4.59
N PHE B 473 13.14 5.77 4.04
CA PHE B 473 12.76 5.03 2.80
C PHE B 473 13.07 5.85 1.55
N THR B 474 14.32 6.29 1.46
CA THR B 474 14.90 6.92 0.26
C THR B 474 15.04 5.88 -0.86
N PRO B 475 15.19 6.31 -2.13
CA PRO B 475 15.29 5.39 -3.26
C PRO B 475 16.18 4.18 -2.98
N LEU B 476 17.34 4.43 -2.36
CA LEU B 476 18.20 3.39 -1.73
C LEU B 476 18.09 3.58 -0.21
N GLU B 477 17.50 2.61 0.48
CA GLU B 477 17.06 2.72 1.89
C GLU B 477 18.29 2.88 2.82
N TYR B 478 18.11 3.65 3.89
CA TYR B 478 19.10 3.92 4.96
C TYR B 478 18.54 3.49 6.30
N GLY B 479 19.19 2.51 6.91
CA GLY B 479 18.85 1.92 8.24
C GLY B 479 19.94 2.26 9.24
N SER B 480 19.56 2.58 10.47
CA SER B 480 20.46 3.17 11.49
C SER B 480 19.97 2.71 12.86
N CYS B 481 20.91 2.64 13.79
CA CYS B 481 20.60 2.42 15.22
C CYS B 481 21.77 2.92 16.06
N GLY B 482 21.49 3.68 17.10
CA GLY B 482 22.54 4.21 18.01
C GLY B 482 23.16 5.52 17.54
N LEU B 483 24.35 5.81 18.03
CA LEU B 483 25.03 7.11 17.77
C LEU B 483 25.50 7.16 16.32
N SER B 484 25.67 8.38 15.84
CA SER B 484 26.30 8.66 14.53
C SER B 484 27.82 8.70 14.75
N GLU B 485 28.60 8.72 13.68
CA GLU B 485 30.08 8.78 13.82
C GLU B 485 30.45 9.99 14.67
N TYR B 486 29.89 11.14 14.32
CA TYR B 486 30.13 12.41 15.05
C TYR B 486 29.77 12.25 16.53
N SER B 487 28.48 12.08 16.82
CA SER B 487 28.08 12.05 18.25
C SER B 487 29.10 11.25 19.06
N ALA B 488 29.45 10.05 18.58
CA ALA B 488 30.42 9.14 19.24
C ALA B 488 31.75 9.87 19.47
N ILE B 489 32.27 10.55 18.46
CA ILE B 489 33.57 11.27 18.59
C ILE B 489 33.40 12.49 19.50
N GLN B 490 32.40 13.32 19.26
CA GLN B 490 32.01 14.44 20.17
C GLN B 490 32.00 13.94 21.62
N LYS B 491 31.45 12.76 21.90
CA LYS B 491 31.23 12.31 23.30
C LYS B 491 32.48 11.67 23.90
N TYR B 492 33.20 10.84 23.13
CA TYR B 492 34.26 9.92 23.66
C TYR B 492 35.66 10.27 23.17
N GLY B 493 35.80 11.00 22.06
CA GLY B 493 37.10 11.43 21.51
C GLY B 493 37.66 10.45 20.49
N LYS B 494 38.25 10.97 19.41
CA LYS B 494 38.55 10.19 18.18
C LYS B 494 39.45 9.01 18.49
N GLU B 495 40.38 9.21 19.43
CA GLU B 495 41.35 8.18 19.87
C GLU B 495 40.62 6.97 20.50
N ASN B 496 39.35 7.08 20.89
CA ASN B 496 38.63 5.98 21.58
C ASN B 496 37.47 5.41 20.76
N ILE B 497 37.37 5.76 19.49
CA ILE B 497 36.28 5.27 18.60
C ILE B 497 36.92 4.47 17.46
N ASN B 498 36.56 3.20 17.34
CA ASN B 498 36.81 2.43 16.09
C ASN B 498 35.54 2.48 15.26
N VAL B 499 35.68 2.81 13.98
CA VAL B 499 34.63 2.63 12.95
C VAL B 499 35.09 1.51 12.00
N TYR B 500 34.36 0.39 12.01
CA TYR B 500 34.56 -0.71 11.03
C TYR B 500 33.55 -0.47 9.91
N HIS B 501 33.95 -0.70 8.66
CA HIS B 501 33.06 -0.48 7.47
C HIS B 501 33.45 -1.35 6.28
N ASN B 502 32.50 -1.45 5.35
CA ASN B 502 32.68 -2.11 4.05
C ASN B 502 31.69 -1.58 3.02
N VAL B 503 32.09 -1.70 1.76
CA VAL B 503 31.21 -1.53 0.59
C VAL B 503 30.81 -2.92 0.11
N PHE B 504 29.73 -3.07 -0.64
CA PHE B 504 29.25 -4.41 -1.08
C PHE B 504 28.23 -4.25 -2.22
N ILE B 505 27.87 -5.36 -2.85
CA ILE B 505 26.95 -5.38 -4.02
C ILE B 505 25.91 -6.46 -3.79
N PRO B 506 24.68 -6.08 -3.45
CA PRO B 506 23.63 -7.07 -3.27
C PRO B 506 23.53 -7.92 -4.57
N LEU B 507 23.42 -9.24 -4.39
CA LEU B 507 23.57 -10.23 -5.48
C LEU B 507 22.46 -9.98 -6.49
N GLU B 508 21.30 -9.57 -6.02
CA GLU B 508 20.11 -9.25 -6.85
C GLU B 508 20.49 -8.18 -7.88
N TYR B 509 21.55 -7.41 -7.64
CA TYR B 509 22.01 -6.32 -8.55
C TYR B 509 23.22 -6.74 -9.39
N ALA B 510 23.77 -7.94 -9.20
CA ALA B 510 25.08 -8.34 -9.77
C ALA B 510 25.05 -8.40 -11.30
N VAL B 511 23.95 -8.84 -11.90
CA VAL B 511 23.85 -9.06 -13.37
C VAL B 511 23.17 -7.87 -14.06
N THR B 512 22.97 -6.77 -13.33
CA THR B 512 22.30 -5.55 -13.82
C THR B 512 23.33 -4.44 -14.02
N GLU B 513 22.91 -3.27 -14.47
CA GLU B 513 23.81 -2.07 -14.49
C GLU B 513 23.12 -1.00 -13.64
N ARG B 514 22.71 -1.37 -12.43
CA ARG B 514 22.06 -0.41 -11.50
C ARG B 514 23.10 0.61 -11.03
N LYS B 515 22.71 1.88 -10.82
CA LYS B 515 23.58 2.90 -10.19
C LYS B 515 23.79 2.55 -8.71
N GLU B 516 22.84 1.86 -8.09
CA GLU B 516 22.93 1.38 -6.68
C GLU B 516 24.20 0.51 -6.43
N LYS B 517 24.83 -0.06 -7.45
CA LYS B 517 25.95 -1.03 -7.30
C LYS B 517 27.17 -0.34 -6.69
N THR B 518 27.32 0.98 -6.86
CA THR B 518 28.51 1.73 -6.40
C THR B 518 28.18 2.57 -5.16
N HIS B 519 27.09 2.31 -4.45
CA HIS B 519 26.56 3.21 -3.39
C HIS B 519 26.19 2.48 -2.08
N CYS B 520 26.00 1.15 -2.12
CA CYS B 520 25.71 0.34 -0.91
C CYS B 520 26.94 0.38 0.00
N TYR B 521 26.72 0.59 1.29
CA TYR B 521 27.77 0.83 2.33
C TYR B 521 27.18 0.54 3.70
N CYS B 522 27.94 -0.10 4.58
CA CYS B 522 27.54 -0.31 5.99
C CYS B 522 28.71 0.08 6.90
N LYS B 523 28.42 0.45 8.14
CA LYS B 523 29.49 0.82 9.10
C LYS B 523 29.00 0.63 10.52
N LEU B 524 29.96 0.35 11.41
CA LEU B 524 29.81 -0.13 12.80
C LEU B 524 30.71 0.74 13.66
N ILE B 525 30.12 1.42 14.64
CA ILE B 525 30.81 2.44 15.46
C ILE B 525 30.97 1.88 16.87
N CYS B 526 32.20 1.86 17.36
CA CYS B 526 32.65 1.04 18.51
C CYS B 526 33.50 1.87 19.48
N LEU B 527 33.29 1.64 20.78
CA LEU B 527 34.08 2.22 21.91
C LEU B 527 35.34 1.39 22.14
N LYS B 528 36.47 1.86 21.63
CA LYS B 528 37.76 1.12 21.62
C LYS B 528 38.15 0.77 23.05
N ASN B 529 38.00 1.70 24.00
CA ASN B 529 38.52 1.51 25.39
C ASN B 529 37.60 0.54 26.16
N GLU B 530 36.53 0.01 25.58
CA GLU B 530 35.58 -0.91 26.26
C GLU B 530 35.21 -2.09 25.35
N GLN B 531 36.23 -2.68 24.73
CA GLN B 531 36.20 -3.95 23.96
C GLN B 531 35.40 -3.77 22.66
N ASP B 532 35.49 -2.60 22.04
CA ASP B 532 34.68 -2.28 20.84
C ASP B 532 33.20 -2.56 21.14
N LEU B 533 32.69 -2.06 22.27
CA LEU B 533 31.25 -1.99 22.55
C LEU B 533 30.61 -1.21 21.41
N ILE B 534 29.45 -1.64 20.93
CA ILE B 534 28.82 -1.06 19.71
C ILE B 534 27.91 0.09 20.14
N LEU B 535 28.17 1.30 19.64
CA LEU B 535 27.41 2.54 20.00
C LEU B 535 26.37 2.82 18.93
N GLY B 536 26.62 2.32 17.73
CA GLY B 536 25.76 2.57 16.56
C GLY B 536 26.15 1.74 15.35
N PHE B 537 25.16 1.47 14.51
CA PHE B 537 25.37 0.94 13.14
C PHE B 537 24.45 1.65 12.15
N HIS B 538 24.88 1.61 10.90
CA HIS B 538 24.38 2.41 9.76
C HIS B 538 24.57 1.62 8.46
N ILE B 539 23.52 1.48 7.67
CA ILE B 539 23.60 0.70 6.42
C ILE B 539 22.73 1.37 5.36
N LEU B 540 23.27 1.40 4.16
CA LEU B 540 22.67 1.94 2.93
C LEU B 540 22.47 0.77 1.96
N THR B 541 21.23 0.34 1.74
CA THR B 541 21.00 -0.95 1.02
C THR B 541 19.53 -1.15 0.70
N PRO B 542 19.19 -1.98 -0.30
CA PRO B 542 17.87 -2.57 -0.39
C PRO B 542 17.49 -3.27 0.92
N ASN B 543 16.23 -3.14 1.35
CA ASN B 543 15.65 -3.80 2.55
C ASN B 543 16.40 -3.41 3.84
N ALA B 544 16.84 -2.17 3.97
CA ALA B 544 17.52 -1.69 5.19
C ALA B 544 16.62 -1.90 6.41
N GLY B 545 15.32 -1.71 6.24
CA GLY B 545 14.35 -1.83 7.34
C GLY B 545 14.43 -3.21 7.95
N GLU B 546 14.41 -4.24 7.12
CA GLU B 546 14.27 -5.64 7.55
C GLU B 546 15.60 -6.07 8.21
N ILE B 547 16.70 -5.51 7.75
CA ILE B 547 18.07 -5.88 8.21
C ILE B 547 18.34 -5.32 9.61
N THR B 548 18.00 -4.05 9.79
CA THR B 548 18.32 -3.23 10.98
C THR B 548 17.55 -3.72 12.21
N GLN B 549 16.27 -4.01 12.02
CA GLN B 549 15.33 -4.28 13.13
C GLN B 549 15.98 -5.32 14.07
N GLY B 550 16.47 -6.44 13.56
CA GLY B 550 16.92 -7.52 14.46
C GLY B 550 18.28 -7.23 15.07
N PHE B 551 19.20 -6.69 14.28
CA PHE B 551 20.53 -6.27 14.75
C PHE B 551 20.40 -5.20 15.86
N ALA B 552 19.32 -4.41 15.84
CA ALA B 552 19.06 -3.39 16.89
C ALA B 552 18.95 -4.08 18.27
N ILE B 553 18.50 -5.32 18.33
CA ILE B 553 18.37 -5.98 19.66
C ILE B 553 19.76 -6.20 20.29
N ALA B 554 20.84 -6.20 19.49
CA ALA B 554 22.22 -6.31 20.01
C ALA B 554 22.48 -5.21 21.01
N LEU B 555 21.94 -4.02 20.79
CA LEU B 555 22.27 -2.85 21.65
C LEU B 555 21.52 -2.92 22.99
N LYS B 556 20.53 -3.78 23.13
CA LYS B 556 19.85 -4.02 24.43
C LYS B 556 20.73 -4.92 25.31
N PHE B 557 21.85 -5.46 24.81
CA PHE B 557 22.76 -6.37 25.56
C PHE B 557 24.20 -5.84 25.63
N ASP B 558 24.45 -4.60 25.22
CA ASP B 558 25.83 -4.05 25.27
C ASP B 558 26.75 -4.98 24.48
N ALA B 559 26.31 -5.47 23.34
CA ALA B 559 27.08 -6.31 22.39
C ALA B 559 28.38 -5.59 21.99
N LYS B 560 29.46 -6.36 21.90
CA LYS B 560 30.78 -5.94 21.38
C LYS B 560 30.92 -6.36 19.92
N LYS B 561 31.80 -5.70 19.16
CA LYS B 561 32.26 -6.15 17.82
C LYS B 561 32.59 -7.65 17.84
N ALA B 562 33.18 -8.18 18.91
CA ALA B 562 33.50 -9.62 19.01
C ALA B 562 32.24 -10.50 18.92
N ASP B 563 31.08 -9.99 19.31
CA ASP B 563 29.79 -10.74 19.25
C ASP B 563 29.28 -10.81 17.80
N PHE B 564 29.45 -9.74 17.03
CA PHE B 564 29.10 -9.67 15.59
C PHE B 564 29.96 -10.65 14.80
N ASP B 565 31.25 -10.74 15.14
CA ASP B 565 32.24 -11.55 14.41
C ASP B 565 32.00 -13.02 14.75
N ARG B 566 31.47 -13.34 15.93
CA ARG B 566 31.29 -14.77 16.29
C ARG B 566 29.91 -15.26 15.85
N LEU B 567 29.10 -14.40 15.27
CA LEU B 567 27.75 -14.75 14.73
C LEU B 567 27.93 -15.31 13.32
N ILE B 568 27.39 -16.50 13.06
CA ILE B 568 27.47 -17.09 11.70
C ILE B 568 26.48 -16.40 10.75
N GLY B 569 26.92 -16.10 9.55
CA GLY B 569 26.12 -15.41 8.51
C GLY B 569 25.14 -16.34 7.82
N ILE B 570 24.12 -15.76 7.20
CA ILE B 570 23.21 -16.44 6.23
C ILE B 570 23.65 -16.01 4.84
N HIS B 571 23.97 -16.96 3.97
CA HIS B 571 24.51 -16.64 2.62
C HIS B 571 23.59 -17.19 1.53
N PRO B 572 23.34 -16.44 0.45
CA PRO B 572 23.77 -15.06 0.28
C PRO B 572 22.73 -14.04 0.74
N THR B 573 23.09 -13.15 1.65
CA THR B 573 22.27 -12.00 2.11
C THR B 573 23.17 -10.78 2.23
N VAL B 574 22.60 -9.59 2.33
CA VAL B 574 23.35 -8.34 2.60
C VAL B 574 23.74 -8.32 4.07
N ALA B 575 22.76 -8.61 4.94
CA ALA B 575 22.86 -8.69 6.41
C ALA B 575 24.15 -9.40 6.88
N GLU B 576 24.57 -10.48 6.23
CA GLU B 576 25.81 -11.20 6.63
C GLU B 576 27.03 -10.27 6.58
N ASN B 577 26.97 -9.20 5.82
CA ASN B 577 28.13 -8.28 5.73
C ASN B 577 28.53 -7.77 7.13
N PHE B 578 27.59 -7.61 8.08
CA PHE B 578 27.90 -7.10 9.45
C PHE B 578 28.72 -8.12 10.25
N THR B 579 28.85 -9.33 9.69
CA THR B 579 29.40 -10.52 10.38
C THR B 579 30.90 -10.57 10.12
N THR B 580 31.41 -9.78 9.17
CA THR B 580 32.78 -9.92 8.61
C THR B 580 33.48 -8.56 8.40
N LEU B 581 33.09 -7.50 9.10
CA LEU B 581 33.81 -6.22 9.00
C LEU B 581 35.22 -6.36 9.61
N THR B 582 36.24 -5.95 8.88
CA THR B 582 37.65 -6.01 9.31
C THR B 582 38.35 -4.67 9.02
N LEU B 583 37.92 -3.90 8.02
CA LEU B 583 38.55 -2.61 7.60
C LEU B 583 38.18 -1.51 8.59
N VAL B 584 39.16 -0.73 9.04
CA VAL B 584 38.92 0.39 9.97
C VAL B 584 38.79 1.73 9.24
N LYS B 585 37.86 2.60 9.62
CA LYS B 585 37.72 3.86 8.83
C LYS B 585 39.05 4.61 8.78
N GLU B 586 39.63 4.94 9.93
CA GLU B 586 40.91 5.68 9.92
C GLU B 586 41.70 5.38 11.20
N LEU C 13 -23.74 -14.62 -14.72
CA LEU C 13 -23.75 -13.45 -15.68
C LEU C 13 -24.52 -12.29 -15.03
N ALA C 14 -24.39 -11.08 -15.61
CA ALA C 14 -25.09 -9.84 -15.18
C ALA C 14 -26.59 -10.11 -15.06
N ASP C 15 -27.19 -10.56 -16.16
CA ASP C 15 -28.61 -10.99 -16.26
C ASP C 15 -29.04 -11.60 -14.92
N ALA C 16 -28.47 -12.76 -14.59
CA ALA C 16 -28.81 -13.57 -13.39
C ALA C 16 -28.69 -12.70 -12.13
N VAL C 17 -27.62 -11.89 -12.01
CA VAL C 17 -27.33 -11.05 -10.82
C VAL C 17 -28.48 -10.07 -10.64
N PHE C 18 -28.79 -9.33 -11.71
CA PHE C 18 -29.68 -8.14 -11.63
C PHE C 18 -31.13 -8.58 -11.35
N LYS C 19 -31.56 -9.74 -11.90
CA LYS C 19 -32.92 -10.29 -11.66
C LYS C 19 -32.97 -10.83 -10.22
N SER C 20 -32.01 -11.67 -9.82
CA SER C 20 -31.95 -12.19 -8.42
C SER C 20 -31.92 -10.99 -7.44
N ALA C 21 -31.27 -9.88 -7.80
CA ALA C 21 -31.27 -8.63 -6.98
C ALA C 21 -32.71 -8.09 -6.85
N CYS C 22 -33.49 -8.06 -7.95
CA CYS C 22 -34.93 -7.62 -8.01
C CYS C 22 -35.77 -8.58 -7.15
N GLU C 23 -35.66 -9.88 -7.37
CA GLU C 23 -36.44 -10.96 -6.68
C GLU C 23 -36.15 -10.95 -5.17
N GLU C 24 -34.86 -10.92 -4.78
CA GLU C 24 -34.39 -11.23 -3.40
C GLU C 24 -34.37 -9.95 -2.54
N ARG C 25 -34.66 -10.10 -1.25
CA ARG C 25 -34.77 -8.96 -0.28
C ARG C 25 -33.38 -8.39 -0.01
N ILE C 26 -32.41 -9.23 0.35
CA ILE C 26 -30.99 -8.83 0.58
C ILE C 26 -30.10 -9.71 -0.28
N LEU C 27 -29.20 -9.11 -1.06
CA LEU C 27 -28.30 -9.91 -1.94
C LEU C 27 -26.84 -9.47 -1.75
N LEU C 28 -25.94 -10.45 -1.66
CA LEU C 28 -24.47 -10.28 -1.75
C LEU C 28 -23.96 -10.91 -3.06
N ALA C 29 -23.22 -10.14 -3.88
CA ALA C 29 -22.60 -10.61 -5.15
C ALA C 29 -21.06 -10.62 -5.03
N TYR C 30 -20.38 -11.30 -5.97
CA TYR C 30 -18.90 -11.44 -6.08
C TYR C 30 -18.55 -12.78 -6.72
N PRO C 35 -12.96 -10.09 1.43
CA PRO C 35 -12.70 -10.41 2.84
C PRO C 35 -13.63 -9.62 3.77
N ASP C 36 -13.63 -9.94 5.07
CA ASP C 36 -14.41 -9.27 6.15
C ASP C 36 -15.92 -9.55 6.00
N MET C 37 -16.29 -10.50 5.13
CA MET C 37 -17.69 -10.74 4.69
C MET C 37 -18.58 -11.22 5.85
N THR C 38 -17.98 -11.82 6.88
CA THR C 38 -18.65 -12.18 8.15
C THR C 38 -19.29 -10.91 8.73
N LYS C 39 -18.47 -9.88 8.94
CA LYS C 39 -18.86 -8.58 9.58
C LYS C 39 -20.11 -8.03 8.89
N VAL C 40 -20.29 -8.27 7.58
CA VAL C 40 -21.51 -7.89 6.81
C VAL C 40 -22.69 -8.78 7.24
N VAL C 41 -22.55 -10.11 7.16
CA VAL C 41 -23.66 -11.06 7.46
C VAL C 41 -24.11 -10.82 8.92
N ASN C 42 -23.14 -10.60 9.83
CA ASN C 42 -23.40 -10.19 11.25
C ASN C 42 -24.29 -8.95 11.29
N LEU C 43 -24.00 -7.97 10.43
CA LEU C 43 -24.70 -6.67 10.36
C LEU C 43 -26.19 -6.89 10.08
N PHE C 44 -26.54 -7.76 9.12
CA PHE C 44 -27.95 -8.08 8.74
C PHE C 44 -28.58 -9.05 9.76
N SER C 45 -27.76 -9.95 10.31
CA SER C 45 -28.14 -10.79 11.50
C SER C 45 -28.80 -9.86 12.52
N LYS C 46 -28.15 -8.72 12.83
CA LYS C 46 -28.67 -7.71 13.80
C LYS C 46 -30.18 -7.43 13.58
N TYR C 47 -30.69 -7.61 12.35
CA TYR C 47 -32.08 -7.26 11.97
C TYR C 47 -32.88 -8.49 11.53
N ASN C 48 -32.49 -9.69 11.96
CA ASN C 48 -33.19 -10.97 11.66
C ASN C 48 -33.40 -11.13 10.15
N GLU C 49 -32.50 -10.58 9.33
CA GLU C 49 -32.60 -10.58 7.84
C GLU C 49 -31.77 -11.73 7.26
N THR C 50 -32.40 -12.58 6.45
CA THR C 50 -31.75 -13.55 5.52
C THR C 50 -30.85 -12.77 4.56
N VAL C 51 -29.71 -13.35 4.13
CA VAL C 51 -28.76 -12.75 3.14
C VAL C 51 -28.50 -13.75 2.00
N ASN C 52 -29.21 -13.66 0.88
CA ASN C 52 -28.95 -14.52 -0.31
C ASN C 52 -27.55 -14.13 -0.86
N THR C 53 -27.03 -14.89 -1.84
CA THR C 53 -25.63 -14.79 -2.36
C THR C 53 -25.52 -15.19 -3.84
N VAL C 54 -24.60 -14.58 -4.57
CA VAL C 54 -24.34 -14.86 -6.02
C VAL C 54 -22.83 -14.88 -6.29
N ARG C 55 -22.35 -15.97 -6.92
CA ARG C 55 -21.00 -16.08 -7.51
C ARG C 55 -21.05 -15.50 -8.93
N VAL C 56 -20.46 -14.32 -9.12
CA VAL C 56 -20.29 -13.67 -10.46
C VAL C 56 -19.01 -14.25 -11.08
N SER C 57 -18.94 -14.34 -12.40
CA SER C 57 -17.66 -14.57 -13.14
C SER C 57 -16.86 -13.26 -13.12
N ASN C 58 -15.52 -13.35 -13.22
CA ASN C 58 -14.61 -12.19 -13.09
C ASN C 58 -14.80 -11.31 -14.34
N ASP C 59 -14.85 -11.93 -15.52
CA ASP C 59 -15.17 -11.21 -16.78
C ASP C 59 -16.36 -10.28 -16.54
N ALA C 60 -17.49 -10.84 -16.07
CA ALA C 60 -18.80 -10.13 -16.00
C ALA C 60 -18.74 -8.98 -14.98
N VAL C 61 -17.80 -9.04 -14.01
CA VAL C 61 -17.59 -7.95 -13.01
C VAL C 61 -17.45 -6.62 -13.77
N LYS C 62 -16.63 -6.56 -14.81
CA LYS C 62 -16.25 -5.32 -15.53
C LYS C 62 -17.49 -4.55 -16.00
N ASP C 63 -18.47 -5.27 -16.57
CA ASP C 63 -19.74 -4.69 -17.11
C ASP C 63 -20.59 -4.16 -15.95
N ILE C 64 -20.89 -5.05 -14.99
CA ILE C 64 -21.80 -4.80 -13.84
C ILE C 64 -21.35 -3.53 -13.10
N LEU C 65 -20.05 -3.39 -12.81
CA LEU C 65 -19.46 -2.17 -12.18
C LEU C 65 -19.80 -0.94 -13.03
N GLU C 66 -19.70 -1.05 -14.35
CA GLU C 66 -19.95 0.08 -15.29
C GLU C 66 -21.42 0.53 -15.16
N ILE C 67 -22.35 -0.41 -15.21
CA ILE C 67 -23.82 -0.16 -15.07
C ILE C 67 -24.08 0.57 -13.75
N VAL C 68 -23.78 -0.05 -12.59
CA VAL C 68 -24.19 0.48 -11.26
C VAL C 68 -23.29 1.66 -10.86
N GLY C 69 -22.14 1.84 -11.54
CA GLY C 69 -21.29 3.04 -11.39
C GLY C 69 -20.49 3.03 -10.08
N TRP C 70 -20.02 1.85 -9.67
CA TRP C 70 -19.13 1.74 -8.49
C TRP C 70 -17.75 1.29 -8.96
N PRO C 71 -16.68 1.73 -8.25
CA PRO C 71 -15.32 1.29 -8.51
C PRO C 71 -15.00 -0.14 -8.04
N SER C 72 -15.61 -0.62 -6.94
CA SER C 72 -15.14 -1.78 -6.13
C SER C 72 -15.96 -3.08 -6.33
N MET C 73 -15.27 -4.22 -6.24
CA MET C 73 -15.68 -5.58 -6.72
C MET C 73 -16.99 -6.03 -6.05
N PRO C 74 -16.99 -6.33 -4.73
CA PRO C 74 -18.10 -7.07 -4.11
C PRO C 74 -19.28 -6.13 -3.85
N LEU C 75 -20.52 -6.56 -4.15
CA LEU C 75 -21.73 -5.69 -4.15
C LEU C 75 -22.83 -6.22 -3.20
N ILE C 76 -23.37 -5.32 -2.36
CA ILE C 76 -24.60 -5.56 -1.55
C ILE C 76 -25.79 -4.85 -2.21
N PHE C 77 -26.92 -5.54 -2.26
CA PHE C 77 -28.24 -5.00 -2.65
C PHE C 77 -29.24 -5.20 -1.50
N VAL C 78 -30.07 -4.18 -1.30
CA VAL C 78 -31.27 -4.14 -0.43
C VAL C 78 -32.51 -3.78 -1.27
N LYS C 79 -33.55 -4.61 -1.12
CA LYS C 79 -34.85 -4.48 -1.83
C LYS C 79 -34.62 -3.86 -3.19
N GLY C 80 -33.72 -4.46 -3.99
CA GLY C 80 -33.48 -4.17 -5.41
C GLY C 80 -32.86 -2.80 -5.65
N ASN C 81 -32.06 -2.27 -4.72
CA ASN C 81 -31.30 -1.00 -4.88
C ASN C 81 -29.83 -1.23 -4.50
N CYS C 82 -28.90 -0.84 -5.39
CA CYS C 82 -27.45 -1.05 -5.22
C CYS C 82 -26.88 0.01 -4.27
N CYS C 83 -26.25 -0.43 -3.16
CA CYS C 83 -25.79 0.40 -2.01
C CYS C 83 -24.31 0.74 -2.10
N GLY C 84 -23.46 -0.22 -2.50
CA GLY C 84 -22.01 -0.02 -2.66
C GLY C 84 -21.22 -1.16 -2.06
N PHE C 86 -18.19 -2.75 2.67
CA PHE C 86 -19.29 -2.30 3.57
C PHE C 86 -19.23 -0.78 3.77
N LYS C 87 -18.25 -0.06 3.17
CA LYS C 87 -17.98 1.38 3.42
C LYS C 87 -19.31 2.15 3.46
N GLU C 88 -20.08 2.04 2.38
CA GLU C 88 -21.37 2.75 2.16
C GLU C 88 -22.41 2.20 3.14
N LEU C 89 -22.42 0.88 3.32
CA LEU C 89 -23.47 0.15 4.09
C LEU C 89 -23.38 0.56 5.56
N TYR C 90 -22.19 0.59 6.15
CA TYR C 90 -22.02 0.82 7.60
C TYR C 90 -22.37 2.28 7.91
N GLN C 91 -22.26 3.19 6.93
CA GLN C 91 -22.71 4.60 7.09
C GLN C 91 -24.23 4.60 7.28
N LEU C 92 -24.95 3.99 6.34
CA LEU C 92 -26.43 3.84 6.42
C LEU C 92 -26.85 3.30 7.80
N GLU C 93 -26.17 2.26 8.32
CA GLU C 93 -26.49 1.63 9.63
C GLU C 93 -26.11 2.56 10.78
N GLU C 94 -24.87 3.06 10.83
CA GLU C 94 -24.37 4.04 11.85
C GLU C 94 -25.43 5.13 12.07
N SER C 95 -26.11 5.62 11.02
CA SER C 95 -27.37 6.42 11.12
C SER C 95 -28.52 5.42 11.28
N GLY C 96 -29.75 5.86 11.58
CA GLY C 96 -30.95 4.99 11.66
C GLY C 96 -31.53 4.64 10.29
N PHE C 97 -30.86 5.07 9.21
CA PHE C 97 -31.34 4.99 7.80
C PHE C 97 -31.63 3.53 7.45
N LEU C 98 -30.67 2.60 7.67
CA LEU C 98 -30.81 1.17 7.25
C LEU C 98 -31.96 0.51 8.01
N ASN C 99 -32.03 0.73 9.33
CA ASN C 99 -33.12 0.25 10.22
C ASN C 99 -34.47 0.80 9.74
N GLU C 100 -34.57 2.11 9.45
CA GLU C 100 -35.84 2.72 8.92
C GLU C 100 -36.20 2.08 7.56
N TRP C 101 -35.21 1.91 6.68
CA TRP C 101 -35.38 1.44 5.28
C TRP C 101 -36.00 0.05 5.26
N LEU C 102 -35.63 -0.84 6.20
CA LEU C 102 -36.03 -2.28 6.18
C LEU C 102 -37.48 -2.42 6.62
N LYS C 103 -37.99 -1.49 7.43
CA LYS C 103 -39.42 -1.45 7.88
C LYS C 103 -40.36 -1.41 6.67
N GLU C 104 -41.55 -2.01 6.79
CA GLU C 104 -42.64 -1.92 5.78
C GLU C 104 -43.02 -0.44 5.61
N HIS C 105 -43.45 -0.04 4.42
CA HIS C 105 -43.80 1.36 4.08
C HIS C 105 -45.12 1.40 3.30
N GLU C 106 -45.80 2.54 3.34
CA GLU C 106 -47.15 2.76 2.75
C GLU C 106 -47.09 2.49 1.23
N TYR C 107 -46.08 3.05 0.56
CA TYR C 107 -45.96 2.98 -0.92
C TYR C 107 -44.64 2.29 -1.34
N ASP C 108 -44.65 1.65 -2.51
CA ASP C 108 -43.46 1.01 -3.14
C ASP C 108 -42.53 2.11 -3.67
N LEU C 109 -43.13 3.21 -4.14
CA LEU C 109 -42.43 4.32 -4.83
C LEU C 109 -43.25 5.60 -4.66
N ALA C 110 -42.62 6.68 -4.18
CA ALA C 110 -43.26 8.01 -4.13
C ALA C 110 -42.63 8.88 -5.21
N ILE C 111 -43.47 9.43 -6.09
CA ILE C 111 -43.02 10.27 -7.23
C ILE C 111 -43.36 11.71 -6.88
N VAL C 112 -42.33 12.56 -6.83
CA VAL C 112 -42.50 14.02 -6.64
C VAL C 112 -42.43 14.70 -8.01
N GLY C 113 -43.58 15.08 -8.56
CA GLY C 113 -43.71 15.81 -9.85
C GLY C 113 -44.71 15.11 -10.74
N GLY C 114 -45.74 15.81 -11.22
CA GLY C 114 -46.74 15.26 -12.17
C GLY C 114 -46.46 15.72 -13.58
N GLY C 115 -45.17 15.79 -13.95
CA GLY C 115 -44.73 16.27 -15.26
C GLY C 115 -44.52 15.15 -16.25
N SER C 116 -43.87 15.48 -17.36
CA SER C 116 -43.53 14.53 -18.45
C SER C 116 -42.94 13.25 -17.84
N GLY C 117 -41.84 13.38 -17.09
CA GLY C 117 -41.16 12.26 -16.42
C GLY C 117 -42.01 11.61 -15.34
N GLY C 118 -42.46 12.41 -14.37
CA GLY C 118 -43.34 11.91 -13.30
C GLY C 118 -44.44 11.00 -13.83
N LEU C 119 -45.25 11.48 -14.78
CA LEU C 119 -46.45 10.75 -15.26
C LEU C 119 -46.00 9.46 -15.97
N ALA C 120 -44.95 9.54 -16.77
CA ALA C 120 -44.37 8.42 -17.55
C ALA C 120 -43.92 7.32 -16.57
N ALA C 121 -43.12 7.73 -15.58
CA ALA C 121 -42.63 6.85 -14.50
C ALA C 121 -43.83 6.22 -13.77
N ALA C 122 -44.78 7.03 -13.32
CA ALA C 122 -46.00 6.56 -12.63
C ALA C 122 -46.73 5.51 -13.48
N LYS C 123 -46.97 5.80 -14.76
CA LYS C 123 -47.67 4.83 -15.65
C LYS C 123 -46.81 3.58 -15.74
N GLU C 124 -45.50 3.71 -15.98
CA GLU C 124 -44.64 2.51 -16.21
C GLU C 124 -44.58 1.63 -14.96
N ALA C 125 -44.40 2.24 -13.78
CA ALA C 125 -44.32 1.57 -12.45
C ALA C 125 -45.56 0.69 -12.24
N VAL C 126 -46.74 1.29 -12.32
CA VAL C 126 -48.04 0.60 -12.04
C VAL C 126 -48.25 -0.52 -13.08
N ARG C 127 -47.78 -0.35 -14.33
CA ARG C 127 -47.81 -1.42 -15.34
C ARG C 127 -47.05 -2.65 -14.81
N LEU C 128 -46.02 -2.43 -13.97
CA LEU C 128 -45.21 -3.51 -13.36
C LEU C 128 -45.75 -3.82 -11.96
N GLY C 129 -47.03 -3.48 -11.72
CA GLY C 129 -47.84 -3.91 -10.56
C GLY C 129 -47.29 -3.43 -9.22
N LYS C 130 -46.99 -2.14 -9.09
CA LYS C 130 -46.39 -1.56 -7.86
C LYS C 130 -47.32 -0.50 -7.28
N LYS C 131 -47.40 -0.40 -5.96
CA LYS C 131 -48.17 0.65 -5.24
C LYS C 131 -47.38 1.95 -5.34
N VAL C 132 -47.93 2.94 -6.06
CA VAL C 132 -47.21 4.18 -6.44
C VAL C 132 -48.10 5.37 -6.08
N VAL C 133 -47.50 6.44 -5.56
CA VAL C 133 -48.19 7.72 -5.29
C VAL C 133 -47.48 8.81 -6.11
N CYS C 134 -48.28 9.66 -6.77
CA CYS C 134 -47.82 10.80 -7.59
C CYS C 134 -48.30 12.12 -6.97
N LEU C 135 -47.35 13.03 -6.74
CA LEU C 135 -47.61 14.36 -6.14
C LEU C 135 -47.33 15.44 -7.18
N ASP C 136 -48.35 16.19 -7.63
CA ASP C 136 -48.16 17.40 -8.47
C ASP C 136 -48.79 18.60 -7.76
N PHE C 137 -48.11 19.73 -7.78
CA PHE C 137 -48.66 21.03 -7.30
C PHE C 137 -48.05 22.15 -8.14
N VAL C 138 -48.86 23.12 -8.56
CA VAL C 138 -48.43 24.28 -9.41
C VAL C 138 -48.45 25.54 -8.53
N LYS C 139 -47.31 25.85 -7.93
CA LYS C 139 -47.31 27.11 -7.16
C LYS C 139 -47.52 28.19 -8.23
N PRO C 140 -48.52 29.09 -8.13
CA PRO C 140 -48.68 30.11 -9.16
C PRO C 140 -47.53 31.11 -9.00
N SER C 141 -47.20 31.82 -10.08
CA SER C 141 -46.10 32.82 -10.03
C SER C 141 -46.62 34.16 -9.50
N ALA C 142 -45.74 35.17 -9.53
CA ALA C 142 -46.10 36.52 -9.02
C ALA C 142 -47.31 37.07 -9.79
N MET C 143 -47.38 36.86 -11.11
CA MET C 143 -48.53 37.32 -11.92
C MET C 143 -49.83 36.64 -11.48
N GLY C 144 -49.78 35.39 -11.00
CA GLY C 144 -51.00 34.71 -10.54
C GLY C 144 -51.61 33.84 -11.61
N THR C 145 -50.82 32.87 -12.09
CA THR C 145 -51.27 31.94 -13.15
C THR C 145 -51.16 30.50 -12.62
N THR C 146 -52.20 29.70 -12.83
CA THR C 146 -52.23 28.29 -12.36
C THR C 146 -52.82 27.40 -13.45
N TRP C 147 -52.55 26.09 -13.39
CA TRP C 147 -53.02 25.13 -14.42
C TRP C 147 -53.08 23.71 -13.83
N GLY C 148 -53.58 22.77 -14.64
CA GLY C 148 -53.85 21.38 -14.21
C GLY C 148 -52.69 20.44 -14.48
N LEU C 149 -52.97 19.15 -14.39
CA LEU C 149 -51.95 18.06 -14.35
C LEU C 149 -51.26 17.98 -15.72
N GLY C 150 -50.00 17.58 -15.74
CA GLY C 150 -49.26 17.34 -16.99
C GLY C 150 -47.92 18.05 -16.99
N GLY C 151 -47.76 19.06 -16.16
CA GLY C 151 -46.47 19.76 -16.01
C GLY C 151 -46.22 20.70 -17.17
N THR C 152 -44.94 21.04 -17.38
CA THR C 152 -44.50 22.17 -18.22
C THR C 152 -45.00 21.98 -19.67
N CYS C 153 -44.78 20.79 -20.23
CA CYS C 153 -45.03 20.54 -21.67
C CYS C 153 -46.50 20.78 -22.00
N VAL C 154 -47.38 20.14 -21.22
CA VAL C 154 -48.84 20.09 -21.48
C VAL C 154 -49.40 21.51 -21.39
N ASN C 155 -48.97 22.24 -20.36
CA ASN C 155 -49.71 23.44 -19.88
C ASN C 155 -49.04 24.72 -20.39
N VAL C 156 -47.70 24.79 -20.39
CA VAL C 156 -47.00 26.09 -20.64
C VAL C 156 -45.72 25.87 -21.45
N GLY C 157 -45.66 24.84 -22.29
CA GLY C 157 -44.45 24.44 -23.05
C GLY C 157 -44.78 24.01 -24.48
N CYS C 158 -44.26 22.85 -24.89
CA CYS C 158 -44.38 22.25 -26.25
C CYS C 158 -45.81 22.47 -26.81
N ILE C 159 -46.83 21.98 -26.08
CA ILE C 159 -48.22 21.81 -26.62
C ILE C 159 -48.77 23.18 -27.04
N PRO C 160 -48.95 24.17 -26.13
CA PRO C 160 -49.51 25.46 -26.55
C PRO C 160 -48.64 26.14 -27.62
N LYS C 161 -47.33 26.16 -27.39
CA LYS C 161 -46.32 26.78 -28.26
C LYS C 161 -46.50 26.31 -29.71
N LYS C 162 -46.50 24.99 -29.92
CA LYS C 162 -46.60 24.39 -31.27
C LYS C 162 -47.93 24.83 -31.91
N LEU C 163 -49.02 24.78 -31.14
CA LEU C 163 -50.36 25.18 -31.63
C LEU C 163 -50.35 26.66 -32.02
N MET C 164 -49.68 27.52 -31.26
CA MET C 164 -49.61 28.96 -31.62
C MET C 164 -48.67 29.18 -32.83
N HIS C 165 -47.58 28.42 -32.93
CA HIS C 165 -46.76 28.38 -34.18
C HIS C 165 -47.64 28.00 -35.38
N GLN C 166 -48.43 26.93 -35.25
CA GLN C 166 -49.28 26.38 -36.35
C GLN C 166 -50.25 27.47 -36.83
N ALA C 167 -50.82 28.20 -35.87
CA ALA C 167 -51.64 29.41 -36.10
C ALA C 167 -50.85 30.35 -37.01
N ALA C 168 -49.63 30.71 -36.60
CA ALA C 168 -48.77 31.66 -37.36
C ALA C 168 -48.57 31.10 -38.79
N LEU C 169 -48.17 29.83 -38.92
CA LEU C 169 -48.02 29.20 -40.27
C LEU C 169 -49.32 29.32 -41.10
N LEU C 170 -50.48 29.00 -40.51
CA LEU C 170 -51.77 29.02 -41.27
C LEU C 170 -52.02 30.41 -41.87
N GLY C 171 -51.57 31.46 -41.17
CA GLY C 171 -51.52 32.84 -41.70
C GLY C 171 -50.80 32.90 -43.05
N GLU C 172 -49.57 32.37 -43.11
CA GLU C 172 -48.77 32.43 -44.36
C GLU C 172 -49.42 31.51 -45.41
N TYR C 173 -50.22 30.51 -44.99
CA TYR C 173 -50.87 29.52 -45.89
C TYR C 173 -52.05 30.14 -46.64
N ILE C 174 -52.77 31.07 -45.99
CA ILE C 174 -53.86 31.85 -46.64
C ILE C 174 -53.31 32.50 -47.90
N GLU C 175 -52.16 33.16 -47.78
CA GLU C 175 -51.51 33.89 -48.92
C GLU C 175 -51.18 32.88 -50.03
N ASP C 176 -50.64 31.70 -49.66
CA ASP C 176 -50.27 30.63 -50.63
C ASP C 176 -51.53 30.15 -51.34
N ALA C 177 -52.61 29.88 -50.59
CA ALA C 177 -53.92 29.44 -51.13
C ALA C 177 -54.26 30.24 -52.40
N LYS C 178 -54.13 31.57 -52.31
CA LYS C 178 -54.45 32.53 -53.42
C LYS C 178 -53.55 32.25 -54.64
N LYS C 179 -52.25 32.01 -54.43
CA LYS C 179 -51.29 31.84 -55.56
C LYS C 179 -51.56 30.52 -56.26
N PHE C 180 -52.23 29.56 -55.59
CA PHE C 180 -52.57 28.22 -56.11
C PHE C 180 -53.97 28.24 -56.73
N GLY C 181 -54.52 29.46 -56.86
CA GLY C 181 -55.96 29.74 -56.99
C GLY C 181 -56.55 30.06 -55.63
N LEU C 191 -57.93 37.00 -37.70
CA LEU C 191 -58.03 35.87 -36.74
C LEU C 191 -57.92 36.43 -35.31
N ASN C 192 -58.93 36.17 -34.47
CA ASN C 192 -59.12 36.79 -33.14
C ASN C 192 -58.23 36.11 -32.09
N TRP C 193 -57.51 36.87 -31.24
CA TRP C 193 -56.71 36.30 -30.12
C TRP C 193 -57.58 35.38 -29.24
N HIS C 194 -58.74 35.89 -28.85
CA HIS C 194 -59.68 35.26 -27.90
C HIS C 194 -60.06 33.86 -28.39
N GLN C 195 -60.31 33.71 -29.70
CA GLN C 195 -60.65 32.41 -30.34
C GLN C 195 -59.46 31.44 -30.19
N LEU C 196 -58.27 31.82 -30.67
CA LEU C 196 -57.02 31.01 -30.61
C LEU C 196 -56.79 30.55 -29.17
N LYS C 197 -56.79 31.51 -28.24
CA LYS C 197 -56.57 31.25 -26.78
C LYS C 197 -57.51 30.15 -26.30
N ASN C 198 -58.82 30.32 -26.54
CA ASN C 198 -59.83 29.35 -26.04
C ASN C 198 -59.62 28.03 -26.75
N ALA C 199 -59.41 28.06 -28.05
CA ALA C 199 -59.11 26.86 -28.88
C ALA C 199 -58.01 26.05 -28.18
N VAL C 200 -56.88 26.72 -27.91
CA VAL C 200 -55.68 26.14 -27.24
C VAL C 200 -56.08 25.60 -25.85
N GLN C 201 -56.61 26.48 -24.99
CA GLN C 201 -56.92 26.14 -23.58
C GLN C 201 -57.93 24.99 -23.50
N ASN C 202 -58.85 24.88 -24.46
CA ASN C 202 -59.79 23.74 -24.53
C ASN C 202 -58.98 22.45 -24.65
N HIS C 203 -57.94 22.41 -25.49
CA HIS C 203 -57.12 21.19 -25.71
C HIS C 203 -56.37 20.89 -24.41
N ILE C 204 -55.65 21.91 -23.89
CA ILE C 204 -54.92 21.81 -22.59
C ILE C 204 -55.86 21.22 -21.52
N ALA C 205 -57.11 21.70 -21.45
CA ALA C 205 -58.14 21.18 -20.52
C ALA C 205 -58.32 19.67 -20.72
N SER C 206 -58.54 19.26 -21.98
CA SER C 206 -58.79 17.85 -22.36
C SER C 206 -57.57 17.02 -21.97
N LEU C 207 -56.35 17.52 -22.20
CA LEU C 207 -55.10 16.86 -21.74
C LEU C 207 -55.10 16.74 -20.21
N ASN C 208 -55.14 17.87 -19.49
CA ASN C 208 -54.97 17.74 -18.01
C ASN C 208 -56.10 16.84 -17.50
N TRP C 209 -57.29 16.83 -18.08
CA TRP C 209 -58.37 15.91 -17.61
C TRP C 209 -58.01 14.46 -17.98
N GLY C 210 -57.63 14.21 -19.23
CA GLY C 210 -57.11 12.92 -19.71
C GLY C 210 -56.06 12.33 -18.77
N TYR C 211 -55.04 13.09 -18.42
CA TYR C 211 -53.95 12.60 -17.52
C TYR C 211 -54.56 12.22 -16.14
N ARG C 212 -55.43 13.07 -15.59
CA ARG C 212 -56.05 12.86 -14.25
C ARG C 212 -56.89 11.58 -14.31
N VAL C 213 -57.63 11.37 -15.40
CA VAL C 213 -58.39 10.10 -15.65
C VAL C 213 -57.41 8.94 -15.68
N GLN C 214 -56.47 8.98 -16.62
CA GLN C 214 -55.48 7.90 -16.87
C GLN C 214 -54.92 7.37 -15.54
N LEU C 215 -54.60 8.24 -14.57
CA LEU C 215 -54.02 7.83 -13.27
C LEU C 215 -55.03 7.03 -12.44
N LYS C 216 -56.27 7.52 -12.39
CA LYS C 216 -57.40 6.88 -11.65
C LYS C 216 -57.69 5.53 -12.31
N GLU C 217 -57.80 5.49 -13.65
CA GLU C 217 -58.04 4.23 -14.42
C GLU C 217 -56.97 3.19 -14.08
N LYS C 218 -55.71 3.61 -13.87
CA LYS C 218 -54.55 2.68 -13.73
C LYS C 218 -54.24 2.38 -12.26
N SER C 219 -55.00 2.94 -11.31
CA SER C 219 -54.90 2.73 -9.85
C SER C 219 -53.64 3.40 -9.28
N VAL C 220 -53.23 4.56 -9.81
CA VAL C 220 -52.14 5.40 -9.21
C VAL C 220 -52.77 6.42 -8.28
N THR C 221 -52.38 6.46 -7.00
CA THR C 221 -52.80 7.52 -6.06
C THR C 221 -52.23 8.85 -6.51
N TYR C 222 -53.07 9.87 -6.69
CA TYR C 222 -52.65 11.22 -7.15
C TYR C 222 -53.00 12.20 -6.04
N MET C 223 -52.00 12.94 -5.54
CA MET C 223 -52.26 14.02 -4.52
C MET C 223 -51.82 15.38 -5.09
N ASN C 224 -52.77 16.32 -5.24
CA ASN C 224 -52.49 17.71 -5.67
C ASN C 224 -51.95 18.49 -4.47
N SER C 225 -50.72 18.17 -4.06
CA SER C 225 -50.09 18.63 -2.81
C SER C 225 -48.59 18.84 -3.05
N TYR C 226 -48.02 19.94 -2.56
CA TYR C 226 -46.55 20.20 -2.64
C TYR C 226 -45.85 19.40 -1.53
N ALA C 227 -44.79 18.66 -1.85
CA ALA C 227 -44.09 17.70 -0.98
C ALA C 227 -42.74 18.24 -0.49
N THR C 228 -42.34 17.91 0.74
CA THR C 228 -41.00 18.18 1.33
C THR C 228 -40.58 16.99 2.20
N PHE C 229 -39.32 16.55 2.14
CA PHE C 229 -38.77 15.42 2.94
C PHE C 229 -38.68 15.82 4.41
N THR C 230 -39.37 15.08 5.29
CA THR C 230 -39.40 15.36 6.75
C THR C 230 -38.73 14.19 7.51
N GLY C 231 -38.44 13.09 6.82
CA GLY C 231 -37.73 11.92 7.38
C GLY C 231 -36.99 11.14 6.31
N SER C 232 -36.23 10.13 6.74
CA SER C 232 -35.44 9.22 5.86
C SER C 232 -36.33 8.61 4.78
N HIS C 233 -37.60 8.34 5.11
CA HIS C 233 -38.59 7.70 4.22
C HIS C 233 -39.96 8.39 4.38
N GLU C 234 -39.97 9.70 4.66
CA GLU C 234 -41.20 10.47 5.00
C GLU C 234 -41.21 11.78 4.19
N LEU C 235 -42.25 11.95 3.36
CA LEU C 235 -42.61 13.25 2.74
C LEU C 235 -43.76 13.86 3.54
N SER C 236 -43.67 15.13 3.93
CA SER C 236 -44.82 15.97 4.36
C SER C 236 -45.32 16.76 3.15
N VAL C 237 -46.63 16.69 2.88
CA VAL C 237 -47.25 17.24 1.64
C VAL C 237 -48.40 18.18 2.04
N LYS C 238 -48.42 19.38 1.46
CA LYS C 238 -49.40 20.45 1.77
C LYS C 238 -50.29 20.66 0.53
N ASN C 239 -51.63 20.59 0.69
CA ASN C 239 -52.57 20.81 -0.45
C ASN C 239 -52.96 22.30 -0.48
N LYS C 240 -53.83 22.67 -1.44
CA LYS C 240 -54.27 24.06 -1.72
C LYS C 240 -54.95 24.66 -0.49
N LYS C 241 -55.85 23.92 0.14
CA LYS C 241 -56.61 24.35 1.35
C LYS C 241 -55.63 24.72 2.47
N GLY C 242 -54.48 24.06 2.53
CA GLY C 242 -53.47 24.21 3.60
C GLY C 242 -53.33 22.93 4.40
N LYS C 243 -54.24 21.97 4.17
CA LYS C 243 -54.22 20.62 4.76
C LYS C 243 -52.85 19.97 4.49
N VAL C 244 -52.31 19.27 5.49
CA VAL C 244 -50.93 18.69 5.51
C VAL C 244 -51.01 17.20 5.83
N GLU C 245 -50.44 16.34 4.97
CA GLU C 245 -50.41 14.87 5.19
C GLU C 245 -48.95 14.39 5.21
N LYS C 246 -48.67 13.24 5.86
CA LYS C 246 -47.36 12.54 5.78
C LYS C 246 -47.52 11.29 4.90
N VAL C 247 -46.56 11.05 4.01
CA VAL C 247 -46.52 9.95 3.00
C VAL C 247 -45.18 9.22 3.15
N THR C 248 -45.19 7.89 3.04
CA THR C 248 -44.04 7.00 3.34
C THR C 248 -43.84 5.99 2.20
N ALA C 249 -42.59 5.67 1.88
CA ALA C 249 -42.25 4.77 0.74
C ALA C 249 -40.85 4.17 0.89
N ASP C 250 -40.63 3.03 0.22
CA ASP C 250 -39.32 2.31 0.13
C ASP C 250 -38.40 3.06 -0.85
N ARG C 251 -38.98 3.83 -1.77
CA ARG C 251 -38.19 4.56 -2.77
C ARG C 251 -38.84 5.90 -3.10
N PHE C 252 -38.04 6.84 -3.58
CA PHE C 252 -38.50 8.18 -4.05
C PHE C 252 -37.89 8.51 -5.41
N LEU C 253 -38.74 9.08 -6.26
CA LEU C 253 -38.30 9.68 -7.55
C LEU C 253 -38.57 11.17 -7.52
N ILE C 254 -37.53 11.98 -7.65
CA ILE C 254 -37.67 13.46 -7.70
C ILE C 254 -37.67 13.90 -9.17
N ALA C 255 -38.76 14.52 -9.62
CA ALA C 255 -39.00 14.99 -11.00
C ALA C 255 -39.71 16.35 -10.95
N VAL C 256 -39.10 17.26 -10.21
CA VAL C 256 -39.51 18.69 -10.08
C VAL C 256 -38.85 19.51 -11.18
N GLY C 257 -39.38 19.51 -12.40
CA GLY C 257 -38.84 20.34 -13.51
C GLY C 257 -38.81 21.83 -13.14
N LEU C 258 -38.05 22.61 -13.89
CA LEU C 258 -37.54 23.97 -13.53
C LEU C 258 -38.66 25.02 -13.53
N ARG C 259 -38.30 26.29 -13.33
CA ARG C 259 -39.24 27.45 -13.38
C ARG C 259 -38.55 28.62 -14.07
N PRO C 260 -39.30 29.49 -14.79
CA PRO C 260 -38.70 30.64 -15.45
C PRO C 260 -37.83 31.48 -14.48
N ARG C 261 -36.61 31.84 -14.90
CA ARG C 261 -35.58 32.49 -14.06
C ARG C 261 -35.72 34.02 -14.15
N PHE C 262 -35.69 34.73 -13.01
CA PHE C 262 -35.73 36.21 -12.88
C PHE C 262 -34.64 36.75 -11.94
N PRO C 263 -33.54 37.42 -12.39
CA PRO C 263 -32.52 37.94 -11.46
C PRO C 263 -33.07 38.84 -10.32
N GLY C 267 -29.56 42.48 -10.81
CA GLY C 267 -30.34 43.74 -10.85
C GLY C 267 -31.82 43.50 -10.59
N ALA C 268 -32.52 44.56 -10.14
CA ALA C 268 -33.98 44.54 -9.89
C ALA C 268 -34.73 44.14 -11.17
N LEU C 269 -35.87 43.46 -10.99
CA LEU C 269 -36.88 43.14 -12.05
C LEU C 269 -38.28 43.57 -11.59
N GLU C 270 -39.03 44.17 -12.52
CA GLU C 270 -40.46 44.56 -12.34
C GLU C 270 -41.29 43.31 -12.64
N CYS C 271 -42.61 43.44 -12.62
CA CYS C 271 -43.61 42.37 -12.87
C CYS C 271 -43.93 42.27 -14.36
N CYS C 272 -43.04 41.64 -15.12
CA CYS C 272 -43.15 41.40 -16.58
C CYS C 272 -43.60 39.96 -16.87
N ILE C 273 -44.34 39.75 -17.96
CA ILE C 273 -45.05 38.49 -18.32
C ILE C 273 -44.05 37.35 -18.50
N SER C 274 -44.51 36.10 -18.44
CA SER C 274 -43.69 34.86 -18.63
C SER C 274 -44.43 33.88 -19.53
N SER C 275 -43.73 32.84 -20.00
CA SER C 275 -44.34 31.79 -20.87
C SER C 275 -45.59 31.27 -20.14
N ASP C 276 -45.45 30.96 -18.85
CA ASP C 276 -46.49 30.25 -18.07
C ASP C 276 -47.71 31.15 -17.92
N ASP C 277 -47.51 32.46 -18.01
CA ASP C 277 -48.60 33.47 -18.07
C ASP C 277 -49.04 33.74 -19.52
N LEU C 278 -48.10 33.64 -20.47
CA LEU C 278 -48.33 33.99 -21.91
C LEU C 278 -49.40 33.05 -22.50
N PHE C 279 -49.35 31.78 -22.12
CA PHE C 279 -50.28 30.77 -22.68
C PHE C 279 -51.50 30.65 -21.77
N SER C 280 -51.97 31.72 -21.13
CA SER C 280 -53.39 31.81 -20.68
C SER C 280 -53.92 33.26 -20.80
N LEU C 281 -53.20 34.14 -21.51
CA LEU C 281 -53.51 35.60 -21.51
C LEU C 281 -54.97 35.83 -21.91
N PRO C 282 -55.74 36.63 -21.14
CA PRO C 282 -57.11 37.00 -21.54
C PRO C 282 -57.23 38.14 -22.55
N TYR C 283 -56.11 38.75 -22.96
CA TYR C 283 -56.04 39.90 -23.90
C TYR C 283 -54.98 39.60 -24.98
N ASN C 284 -55.10 40.27 -26.12
CA ASN C 284 -54.06 40.28 -27.17
C ASN C 284 -52.83 40.95 -26.57
N PRO C 285 -51.64 40.30 -26.59
CA PRO C 285 -50.43 40.88 -25.99
C PRO C 285 -50.00 42.22 -26.58
N GLY C 286 -50.44 42.52 -27.79
CA GLY C 286 -50.17 43.80 -28.49
C GLY C 286 -48.69 43.95 -28.82
N LYS C 287 -48.21 45.19 -28.81
CA LYS C 287 -46.79 45.52 -29.08
C LYS C 287 -45.93 44.89 -28.00
N THR C 288 -45.03 43.98 -28.40
CA THR C 288 -44.36 43.06 -27.45
C THR C 288 -42.83 43.16 -27.55
N LEU C 289 -42.18 43.18 -26.39
CA LEU C 289 -40.72 43.06 -26.18
C LEU C 289 -40.44 41.68 -25.56
N CYS C 290 -39.60 40.86 -26.20
CA CYS C 290 -39.10 39.55 -25.69
C CYS C 290 -37.63 39.71 -25.24
N VAL C 291 -37.35 39.43 -23.97
CA VAL C 291 -35.98 39.54 -23.37
C VAL C 291 -35.41 38.13 -23.20
N SER C 294 -32.86 32.79 -25.73
CA SER C 294 -33.18 31.35 -25.53
C SER C 294 -34.09 30.87 -26.66
N TYR C 295 -34.19 29.55 -26.88
CA TYR C 295 -35.15 28.99 -27.86
C TYR C 295 -36.55 29.56 -27.55
N VAL C 296 -36.91 29.65 -26.26
CA VAL C 296 -38.27 30.12 -25.84
C VAL C 296 -38.54 31.52 -26.41
N SER C 297 -37.64 32.47 -26.16
CA SER C 297 -37.77 33.88 -26.58
C SER C 297 -38.06 33.93 -28.09
N LEU C 298 -37.17 33.29 -28.87
CA LEU C 298 -37.19 33.32 -30.34
C LEU C 298 -38.47 32.63 -30.86
N GLU C 299 -38.76 31.40 -30.39
CA GLU C 299 -39.98 30.65 -30.83
C GLU C 299 -41.22 31.55 -30.69
N CYS C 300 -41.38 32.18 -29.51
CA CYS C 300 -42.53 33.07 -29.17
C CYS C 300 -42.52 34.32 -30.05
N ALA C 301 -41.44 35.10 -29.97
CA ALA C 301 -41.21 36.28 -30.83
C ALA C 301 -41.70 35.95 -32.25
N GLY C 302 -41.26 34.81 -32.76
CA GLY C 302 -41.71 34.24 -34.05
C GLY C 302 -43.22 34.30 -34.21
N PHE C 303 -43.98 33.58 -33.39
CA PHE C 303 -45.42 33.34 -33.68
C PHE C 303 -46.18 34.65 -33.37
N LEU C 304 -45.72 35.37 -32.36
CA LEU C 304 -46.35 36.67 -32.01
C LEU C 304 -46.31 37.60 -33.23
N LYS C 305 -45.18 37.66 -33.95
CA LYS C 305 -45.06 38.43 -35.22
C LYS C 305 -46.00 37.83 -36.26
N GLY C 306 -46.10 36.49 -36.28
CA GLY C 306 -46.87 35.74 -37.29
C GLY C 306 -48.37 35.95 -37.14
N ILE C 307 -48.86 36.31 -35.95
CA ILE C 307 -50.31 36.60 -35.79
C ILE C 307 -50.57 38.13 -35.84
N GLY C 308 -49.56 38.93 -36.17
CA GLY C 308 -49.76 40.32 -36.65
C GLY C 308 -49.19 41.38 -35.72
N ASN C 309 -48.77 41.00 -34.51
CA ASN C 309 -48.23 41.92 -33.47
C ASN C 309 -46.89 42.50 -33.90
N ASP C 310 -46.60 43.72 -33.45
CA ASP C 310 -45.24 44.33 -33.50
C ASP C 310 -44.38 43.69 -32.40
N VAL C 311 -43.34 42.97 -32.82
CA VAL C 311 -42.45 42.19 -31.91
C VAL C 311 -41.04 42.75 -31.95
N THR C 312 -40.43 42.90 -30.77
CA THR C 312 -38.99 43.26 -30.60
C THR C 312 -38.29 42.23 -29.72
N VAL C 313 -37.05 41.85 -30.04
CA VAL C 313 -36.24 40.88 -29.25
C VAL C 313 -35.00 41.59 -28.73
N MET C 314 -34.81 41.63 -27.41
CA MET C 314 -33.56 42.20 -26.81
C MET C 314 -32.71 41.03 -26.36
N VAL C 315 -31.45 40.93 -26.82
CA VAL C 315 -30.50 39.87 -26.35
C VAL C 315 -29.25 40.51 -25.74
N ARG C 316 -28.64 39.83 -24.76
CA ARG C 316 -27.38 40.23 -24.07
C ARG C 316 -26.23 40.11 -25.07
N SER C 317 -25.99 38.89 -25.59
CA SER C 317 -24.86 38.55 -26.48
C SER C 317 -25.07 37.78 -27.79
N VAL C 318 -25.39 36.48 -27.72
CA VAL C 318 -25.60 35.62 -28.92
C VAL C 318 -26.98 34.96 -28.82
N LEU C 319 -27.56 34.58 -29.96
CA LEU C 319 -28.83 33.81 -29.99
C LEU C 319 -28.50 32.32 -29.80
N LEU C 320 -29.36 31.58 -29.10
CA LEU C 320 -29.25 30.10 -29.00
C LEU C 320 -27.81 29.67 -28.65
N ARG C 321 -27.18 30.32 -27.66
CA ARG C 321 -25.90 29.86 -27.06
C ARG C 321 -26.04 28.36 -26.73
N GLY C 322 -25.15 27.52 -27.28
CA GLY C 322 -25.23 26.04 -27.22
C GLY C 322 -25.53 25.45 -28.58
N PHE C 323 -26.18 26.21 -29.46
CA PHE C 323 -26.55 25.77 -30.83
C PHE C 323 -25.60 26.35 -31.88
N ASP C 324 -25.65 25.77 -33.08
CA ASP C 324 -24.83 26.15 -34.26
C ASP C 324 -25.09 27.62 -34.60
N GLN C 325 -24.09 28.46 -34.34
CA GLN C 325 -24.21 29.93 -34.47
C GLN C 325 -24.31 30.33 -35.96
N ASP C 326 -23.85 29.49 -36.90
CA ASP C 326 -24.20 29.64 -38.34
C ASP C 326 -25.73 29.58 -38.44
N MET C 327 -26.34 28.52 -37.92
CA MET C 327 -27.82 28.33 -38.02
C MET C 327 -28.52 29.47 -37.29
N ALA C 328 -28.01 29.86 -36.12
CA ALA C 328 -28.58 31.00 -35.37
C ALA C 328 -28.52 32.27 -36.25
N GLU C 329 -27.37 32.55 -36.86
CA GLU C 329 -27.23 33.77 -37.69
C GLU C 329 -28.30 33.76 -38.79
N ARG C 330 -28.64 32.59 -39.33
CA ARG C 330 -29.58 32.49 -40.48
C ARG C 330 -31.00 32.76 -40.00
N ILE C 331 -31.39 32.12 -38.90
CA ILE C 331 -32.71 32.34 -38.23
C ILE C 331 -32.89 33.85 -38.06
N LYS C 332 -31.87 34.53 -37.53
CA LYS C 332 -31.94 35.99 -37.27
C LYS C 332 -32.17 36.73 -38.60
N LYS C 333 -31.43 36.40 -39.66
CA LYS C 333 -31.55 37.15 -40.93
C LYS C 333 -32.98 37.00 -41.46
N HIS C 334 -33.54 35.79 -41.37
CA HIS C 334 -34.89 35.46 -41.88
C HIS C 334 -35.94 36.17 -41.03
N MET C 335 -35.96 35.86 -39.73
CA MET C 335 -36.85 36.55 -38.75
C MET C 335 -36.74 38.07 -38.92
N THR C 336 -35.56 38.60 -39.30
CA THR C 336 -35.40 40.06 -39.59
C THR C 336 -36.23 40.42 -40.83
N GLU C 337 -36.02 39.73 -41.95
CA GLU C 337 -36.78 39.95 -43.21
C GLU C 337 -38.27 39.75 -42.94
N ARG C 338 -38.67 39.00 -41.90
CA ARG C 338 -40.11 38.80 -41.58
C ARG C 338 -40.60 39.84 -40.57
N GLY C 339 -39.82 40.90 -40.30
CA GLY C 339 -40.34 42.11 -39.65
C GLY C 339 -40.09 42.14 -38.16
N VAL C 340 -39.47 41.11 -37.59
CA VAL C 340 -39.02 41.12 -36.17
C VAL C 340 -37.81 42.04 -36.05
N LYS C 341 -37.75 42.83 -34.98
CA LYS C 341 -36.67 43.81 -34.69
C LYS C 341 -35.77 43.25 -33.58
N PHE C 342 -34.45 43.28 -33.80
CA PHE C 342 -33.43 42.71 -32.88
C PHE C 342 -32.60 43.85 -32.26
N VAL C 343 -32.25 43.76 -30.97
CA VAL C 343 -31.29 44.70 -30.32
C VAL C 343 -30.38 43.94 -29.33
N GLN C 344 -29.15 44.45 -29.21
CA GLN C 344 -28.09 44.06 -28.24
C GLN C 344 -28.39 44.65 -26.87
N LYS C 349 -34.36 49.30 -15.92
CA LYS C 349 -35.58 49.45 -15.09
C LYS C 349 -36.81 49.21 -15.95
N TYR C 350 -37.85 48.60 -15.37
CA TYR C 350 -39.19 48.46 -15.97
C TYR C 350 -40.21 49.23 -15.12
N GLU C 351 -41.03 50.07 -15.74
CA GLU C 351 -42.02 50.93 -15.03
C GLU C 351 -43.41 50.60 -15.55
N ARG C 352 -44.41 50.44 -14.67
CA ARG C 352 -45.84 50.25 -15.03
C ARG C 352 -46.47 51.61 -15.37
N LEU C 353 -47.06 51.76 -16.56
CA LEU C 353 -47.98 52.88 -16.87
C LEU C 353 -49.43 52.46 -16.61
N LYS C 354 -49.77 51.20 -16.93
CA LYS C 354 -51.17 50.68 -16.95
C LYS C 354 -51.17 49.21 -16.53
N LYS C 355 -52.20 48.77 -15.80
CA LYS C 355 -52.46 47.34 -15.53
C LYS C 355 -53.29 46.82 -16.70
N PRO C 356 -53.27 45.51 -17.01
CA PRO C 356 -53.67 45.00 -18.32
C PRO C 356 -55.10 44.51 -18.63
N THR C 357 -56.04 44.59 -17.69
CA THR C 357 -57.38 43.97 -17.86
C THR C 357 -58.29 45.02 -18.52
N ASP C 358 -59.62 44.89 -18.42
CA ASP C 358 -60.65 45.43 -19.33
C ASP C 358 -60.48 44.81 -20.73
N SER C 359 -60.30 43.48 -20.78
CA SER C 359 -60.15 42.68 -22.03
C SER C 359 -58.99 43.19 -22.89
N GLU C 360 -58.20 44.14 -22.39
CA GLU C 360 -57.21 44.98 -23.13
C GLU C 360 -55.88 44.85 -22.41
N PRO C 361 -54.70 44.92 -23.07
CA PRO C 361 -53.41 44.82 -22.40
C PRO C 361 -53.03 46.10 -21.68
N GLY C 362 -52.01 46.00 -20.82
CA GLY C 362 -51.44 47.11 -20.03
C GLY C 362 -50.35 47.81 -20.83
N MET C 363 -49.56 48.66 -20.18
CA MET C 363 -48.48 49.44 -20.82
C MET C 363 -47.29 49.51 -19.86
N ILE C 364 -46.15 48.99 -20.33
CA ILE C 364 -44.84 49.01 -19.61
C ILE C 364 -43.90 49.98 -20.33
N ARG C 365 -43.23 50.83 -19.55
CA ARG C 365 -42.10 51.68 -19.98
C ARG C 365 -40.81 50.93 -19.66
N VAL C 366 -39.98 50.72 -20.69
CA VAL C 366 -38.68 50.00 -20.61
C VAL C 366 -37.55 51.00 -20.79
N HIS C 367 -36.67 51.09 -19.78
CA HIS C 367 -35.45 51.94 -19.76
C HIS C 367 -34.24 51.14 -20.25
N VAL C 379 -31.86 55.06 -23.13
CA VAL C 379 -33.00 54.91 -24.07
C VAL C 379 -34.20 54.45 -23.24
N THR C 380 -35.41 54.89 -23.60
CA THR C 380 -36.69 54.39 -23.04
C THR C 380 -37.63 54.03 -24.20
N GLU C 381 -38.58 53.13 -23.98
CA GLU C 381 -39.66 52.87 -24.97
C GLU C 381 -40.84 52.18 -24.29
N ASP C 382 -42.05 52.43 -24.79
CA ASP C 382 -43.33 51.91 -24.22
C ASP C 382 -43.74 50.66 -25.02
N PHE C 383 -43.96 49.53 -24.35
CA PHE C 383 -44.52 48.29 -24.96
C PHE C 383 -45.78 47.89 -24.21
N ASN C 384 -46.70 47.17 -24.86
CA ASN C 384 -47.98 46.71 -24.22
C ASN C 384 -47.65 45.57 -23.24
N THR C 385 -46.76 44.67 -23.68
CA THR C 385 -46.45 43.37 -23.05
C THR C 385 -44.94 43.13 -23.12
N VAL C 386 -44.29 42.80 -21.99
CA VAL C 386 -42.83 42.46 -21.93
C VAL C 386 -42.69 41.02 -21.44
N LEU C 387 -42.15 40.14 -22.29
CA LEU C 387 -41.92 38.70 -22.02
C LEU C 387 -40.47 38.50 -21.56
N MET C 388 -40.31 38.08 -20.30
CA MET C 388 -39.01 37.70 -19.71
C MET C 388 -38.77 36.22 -20.04
N ALA C 389 -37.65 35.92 -20.69
CA ALA C 389 -37.39 34.61 -21.32
C ALA C 389 -35.89 34.35 -21.41
N ILE C 390 -35.18 34.47 -20.30
CA ILE C 390 -33.69 34.33 -20.30
C ILE C 390 -33.30 32.87 -20.02
N GLY C 391 -33.96 32.22 -19.06
CA GLY C 391 -33.60 30.85 -18.63
C GLY C 391 -34.60 30.27 -17.67
N ARG C 392 -34.39 29.02 -17.26
CA ARG C 392 -35.24 28.26 -16.30
C ARG C 392 -34.34 27.65 -15.23
N ASP C 393 -34.75 27.69 -13.95
CA ASP C 393 -33.90 27.25 -12.81
C ASP C 393 -34.66 26.26 -11.92
N ALA C 394 -33.90 25.41 -11.23
CA ALA C 394 -34.39 24.37 -10.30
C ALA C 394 -34.77 25.02 -8.97
N MET C 395 -36.02 24.87 -8.53
CA MET C 395 -36.56 25.45 -7.29
C MET C 395 -36.64 24.36 -6.22
N THR C 396 -35.51 23.98 -5.61
CA THR C 396 -35.40 22.75 -4.77
C THR C 396 -35.00 23.07 -3.32
N ASP C 397 -34.95 24.34 -2.92
CA ASP C 397 -34.51 24.75 -1.56
C ASP C 397 -35.48 24.20 -0.52
N ASP C 398 -36.79 24.34 -0.80
CA ASP C 398 -37.87 24.01 0.16
C ASP C 398 -38.28 22.53 -0.01
N LEU C 399 -37.39 21.68 -0.52
CA LEU C 399 -37.66 20.22 -0.71
C LEU C 399 -37.20 19.41 0.50
N GLY C 400 -36.27 19.95 1.29
CA GLY C 400 -35.67 19.25 2.44
C GLY C 400 -34.84 18.05 1.99
N LEU C 401 -34.09 18.20 0.90
CA LEU C 401 -33.14 17.17 0.40
C LEU C 401 -31.97 17.02 1.40
N ASP C 402 -31.69 18.08 2.15
CA ASP C 402 -30.71 18.11 3.27
C ASP C 402 -31.10 17.05 4.34
N VAL C 403 -32.39 16.82 4.59
CA VAL C 403 -32.92 15.83 5.57
C VAL C 403 -32.49 14.41 5.17
N VAL C 404 -32.68 14.05 3.90
CA VAL C 404 -32.34 12.70 3.37
C VAL C 404 -30.89 12.70 2.84
N GLY C 405 -30.21 13.85 2.91
CA GLY C 405 -28.79 13.98 2.51
C GLY C 405 -28.61 13.66 1.04
N VAL C 406 -29.50 14.22 0.20
CA VAL C 406 -29.39 14.14 -1.29
C VAL C 406 -28.63 15.37 -1.78
N ASN C 407 -27.40 15.15 -2.26
CA ASN C 407 -26.48 16.24 -2.72
C ASN C 407 -27.06 16.89 -3.97
N ARG C 408 -26.95 18.22 -4.04
CA ARG C 408 -27.32 19.09 -5.18
C ARG C 408 -26.08 19.80 -5.70
N ALA C 409 -26.07 20.17 -6.98
CA ALA C 409 -25.04 21.02 -7.62
C ALA C 409 -25.25 22.48 -7.18
N LYS C 410 -24.40 23.41 -7.64
CA LYS C 410 -24.46 24.85 -7.31
C LYS C 410 -25.86 25.40 -7.62
N SER C 411 -26.35 25.13 -8.84
CA SER C 411 -27.79 25.29 -9.22
C SER C 411 -28.55 24.24 -8.42
N GLY C 412 -29.87 24.34 -8.35
CA GLY C 412 -30.68 23.45 -7.50
C GLY C 412 -30.73 22.01 -8.00
N LYS C 413 -29.96 21.64 -9.04
CA LYS C 413 -30.12 20.33 -9.73
C LYS C 413 -29.48 19.22 -8.88
N ILE C 414 -30.02 18.02 -8.98
CA ILE C 414 -29.61 16.83 -8.17
C ILE C 414 -28.45 16.14 -8.90
N ILE C 415 -27.33 15.95 -8.20
CA ILE C 415 -26.12 15.30 -8.79
C ILE C 415 -26.04 13.86 -8.27
N GLY C 416 -26.88 12.97 -8.80
CA GLY C 416 -26.89 11.55 -8.40
C GLY C 416 -26.30 10.65 -9.45
N ARG C 417 -25.48 9.67 -9.04
CA ARG C 417 -24.84 8.72 -9.98
C ARG C 417 -25.95 8.22 -10.91
N ARG C 418 -25.74 8.28 -12.23
CA ARG C 418 -26.62 7.64 -13.24
C ARG C 418 -28.02 8.19 -12.96
N GLU C 419 -28.95 7.32 -12.57
CA GLU C 419 -30.35 7.73 -12.28
C GLU C 419 -30.61 7.52 -10.78
N GLN C 420 -29.54 7.56 -10.00
CA GLN C 420 -29.51 7.32 -8.53
C GLN C 420 -28.87 8.53 -7.84
N SER C 421 -29.43 9.11 -6.76
CA SER C 421 -28.71 10.17 -6.01
C SER C 421 -27.34 9.62 -5.62
N VAL C 422 -26.29 10.40 -5.87
CA VAL C 422 -24.89 9.91 -5.67
C VAL C 422 -24.66 9.74 -4.18
N SER C 423 -25.44 10.41 -3.34
CA SER C 423 -25.37 10.29 -1.85
C SER C 423 -26.27 9.15 -1.36
N CYS C 424 -27.56 9.10 -1.75
CA CYS C 424 -28.59 8.24 -1.11
C CYS C 424 -29.13 7.17 -2.07
N PRO C 425 -28.88 5.86 -1.81
CA PRO C 425 -29.22 4.78 -2.73
C PRO C 425 -30.69 4.40 -3.06
N TYR C 426 -31.67 4.93 -2.32
CA TYR C 426 -33.12 4.63 -2.53
C TYR C 426 -33.87 5.87 -3.05
N VAL C 427 -33.14 6.97 -3.32
CA VAL C 427 -33.69 8.23 -3.92
C VAL C 427 -33.09 8.44 -5.31
N TYR C 428 -33.95 8.63 -6.32
CA TYR C 428 -33.58 8.77 -7.75
C TYR C 428 -34.12 10.10 -8.29
N ALA C 429 -33.63 10.53 -9.46
CA ALA C 429 -33.99 11.81 -10.10
C ALA C 429 -33.92 11.71 -11.63
N ILE C 430 -34.85 12.36 -12.34
CA ILE C 430 -34.99 12.33 -13.83
C ILE C 430 -35.45 13.69 -14.35
N GLY C 431 -35.32 13.89 -15.66
CA GLY C 431 -35.78 15.10 -16.37
C GLY C 431 -34.94 16.29 -15.97
N ASP C 432 -35.55 17.46 -15.92
CA ASP C 432 -34.81 18.75 -16.00
C ASP C 432 -33.94 18.89 -14.75
N VAL C 433 -34.41 18.39 -13.61
CA VAL C 433 -33.77 18.57 -12.27
C VAL C 433 -32.54 17.67 -12.12
N LEU C 434 -32.34 16.65 -12.98
CA LEU C 434 -31.16 15.74 -12.93
C LEU C 434 -29.93 16.44 -13.53
N TYR C 435 -28.90 16.72 -12.73
CA TYR C 435 -27.74 17.56 -13.14
C TYR C 435 -27.25 17.16 -14.53
N GLY C 436 -27.24 18.11 -15.47
CA GLY C 436 -26.80 17.94 -16.87
C GLY C 436 -27.65 16.98 -17.70
N SER C 437 -28.92 16.77 -17.36
CA SER C 437 -29.92 16.12 -18.26
C SER C 437 -30.41 17.17 -19.25
N PRO C 438 -30.45 16.86 -20.56
CA PRO C 438 -31.04 17.77 -21.54
C PRO C 438 -32.48 18.04 -21.13
N GLU C 439 -32.87 19.32 -21.18
CA GLU C 439 -34.20 19.78 -20.69
C GLU C 439 -35.20 19.63 -21.83
N LEU C 440 -35.67 18.39 -22.07
CA LEU C 440 -36.48 17.99 -23.25
C LEU C 440 -37.50 16.93 -22.85
N THR C 441 -38.73 17.06 -23.32
CA THR C 441 -39.86 16.19 -22.89
C THR C 441 -39.51 14.72 -23.11
N PRO C 442 -39.21 14.27 -24.35
CA PRO C 442 -38.97 12.85 -24.61
C PRO C 442 -37.82 12.24 -23.80
N VAL C 443 -36.87 13.05 -23.32
CA VAL C 443 -35.77 12.56 -22.44
C VAL C 443 -36.33 12.21 -21.07
N ALA C 444 -37.12 13.10 -20.47
CA ALA C 444 -37.77 12.85 -19.16
C ALA C 444 -38.51 11.52 -19.26
N ILE C 445 -39.34 11.40 -20.30
CA ILE C 445 -40.25 10.23 -20.48
C ILE C 445 -39.40 8.95 -20.54
N GLN C 446 -38.36 8.95 -21.39
CA GLN C 446 -37.50 7.77 -21.62
C GLN C 446 -36.82 7.43 -20.30
N ALA C 447 -36.18 8.43 -19.69
CA ALA C 447 -35.43 8.29 -18.42
C ALA C 447 -36.35 7.65 -17.38
N GLY C 448 -37.59 8.13 -17.29
CA GLY C 448 -38.60 7.56 -16.39
C GLY C 448 -38.93 6.12 -16.73
N LYS C 449 -39.39 5.88 -17.96
CA LYS C 449 -39.80 4.53 -18.41
C LYS C 449 -38.66 3.52 -18.12
N VAL C 450 -37.43 3.85 -18.50
CA VAL C 450 -36.28 2.90 -18.41
C VAL C 450 -35.93 2.62 -16.93
N LEU C 451 -35.73 3.67 -16.15
CA LEU C 451 -35.43 3.56 -14.71
C LEU C 451 -36.37 2.54 -14.05
N MET C 452 -37.67 2.75 -14.24
CA MET C 452 -38.72 1.88 -13.65
C MET C 452 -38.46 0.42 -14.06
N ARG C 453 -38.07 0.20 -15.31
CA ARG C 453 -37.82 -1.18 -15.83
C ARG C 453 -36.55 -1.74 -15.20
N ARG C 454 -35.52 -0.90 -14.97
CA ARG C 454 -34.31 -1.33 -14.21
C ARG C 454 -34.71 -1.71 -12.78
N LEU C 455 -35.29 -0.78 -12.02
CA LEU C 455 -35.62 -0.95 -10.58
C LEU C 455 -36.50 -2.19 -10.35
N PHE C 456 -37.55 -2.39 -11.14
CA PHE C 456 -38.62 -3.36 -10.81
C PHE C 456 -38.55 -4.63 -11.67
N THR C 457 -37.61 -4.71 -12.62
CA THR C 457 -37.44 -5.90 -13.50
C THR C 457 -36.00 -6.42 -13.41
N GLY C 458 -35.05 -5.57 -13.02
CA GLY C 458 -33.61 -5.89 -13.02
C GLY C 458 -33.08 -6.07 -14.42
N SER C 459 -33.51 -5.24 -15.36
CA SER C 459 -32.91 -5.14 -16.71
C SER C 459 -31.70 -4.20 -16.63
N SER C 460 -30.83 -4.25 -17.63
CA SER C 460 -29.55 -3.49 -17.69
C SER C 460 -29.65 -2.35 -18.72
N GLU C 461 -30.87 -1.92 -19.04
CA GLU C 461 -31.16 -0.96 -20.15
C GLU C 461 -30.82 0.45 -19.68
N LEU C 462 -30.05 1.23 -20.42
CA LEU C 462 -29.66 2.62 -20.02
C LEU C 462 -30.24 3.65 -20.99
N THR C 463 -30.77 4.77 -20.50
CA THR C 463 -31.25 5.88 -21.36
C THR C 463 -30.05 6.44 -22.11
N GLU C 464 -30.21 6.72 -23.40
CA GLU C 464 -29.15 7.17 -24.33
C GLU C 464 -29.24 8.69 -24.47
N TYR C 465 -28.41 9.42 -23.71
CA TYR C 465 -28.51 10.90 -23.57
C TYR C 465 -27.59 11.61 -24.59
N ASP C 466 -26.85 10.89 -25.44
CA ASP C 466 -25.99 11.56 -26.47
C ASP C 466 -26.65 11.55 -27.86
N LYS C 467 -26.27 12.50 -28.72
CA LYS C 467 -26.73 12.59 -30.13
C LYS C 467 -28.26 12.75 -30.19
N ILE C 468 -28.82 13.60 -29.33
CA ILE C 468 -30.30 13.80 -29.23
C ILE C 468 -30.74 14.77 -30.33
N PRO C 469 -31.71 14.40 -31.17
CA PRO C 469 -32.27 15.34 -32.14
C PRO C 469 -33.18 16.38 -31.48
N THR C 470 -33.12 17.63 -31.93
CA THR C 470 -34.02 18.75 -31.50
C THR C 470 -34.62 19.44 -32.72
N THR C 471 -35.66 20.22 -32.50
CA THR C 471 -36.21 21.19 -33.48
C THR C 471 -36.60 22.46 -32.71
N VAL C 472 -36.09 23.61 -33.15
CA VAL C 472 -36.56 24.96 -32.74
C VAL C 472 -37.70 25.38 -33.67
N PHE C 473 -38.90 25.64 -33.17
CA PHE C 473 -40.09 25.96 -34.01
C PHE C 473 -40.18 27.47 -34.27
N THR C 474 -39.10 28.02 -34.81
CA THR C 474 -39.01 29.41 -35.32
C THR C 474 -39.87 29.53 -36.59
N PRO C 475 -40.21 30.76 -37.03
CA PRO C 475 -41.08 30.94 -38.20
C PRO C 475 -40.71 30.04 -39.38
N LEU C 476 -39.41 29.91 -39.66
CA LEU C 476 -38.84 28.85 -40.53
C LEU C 476 -38.09 27.88 -39.61
N GLU C 477 -38.57 26.64 -39.50
CA GLU C 477 -38.13 25.66 -38.47
C GLU C 477 -36.65 25.26 -38.68
N TYR C 478 -35.94 25.02 -37.58
CA TYR C 478 -34.53 24.56 -37.50
C TYR C 478 -34.44 23.22 -36.76
N GLY C 479 -34.02 22.18 -37.50
CA GLY C 479 -33.80 20.80 -37.01
C GLY C 479 -32.32 20.47 -37.00
N SER C 480 -31.87 19.75 -35.97
CA SER C 480 -30.43 19.53 -35.68
C SER C 480 -30.29 18.17 -35.03
N CYS C 481 -29.14 17.56 -35.24
CA CYS C 481 -28.73 16.35 -34.48
C CYS C 481 -27.21 16.27 -34.49
N GLY C 482 -26.59 16.09 -33.32
CA GLY C 482 -25.13 15.93 -33.21
C GLY C 482 -24.39 17.25 -33.04
N LEU C 483 -23.10 17.25 -33.35
CA LEU C 483 -22.21 18.41 -33.09
C LEU C 483 -22.55 19.53 -34.07
N SER C 484 -22.39 20.77 -33.63
CA SER C 484 -22.37 21.96 -34.50
C SER C 484 -21.06 21.98 -35.29
N GLU C 485 -21.00 22.77 -36.35
CA GLU C 485 -19.81 22.93 -37.22
C GLU C 485 -18.66 23.39 -36.34
N TYR C 486 -18.95 24.23 -35.34
CA TYR C 486 -17.95 24.78 -34.40
C TYR C 486 -17.41 23.65 -33.53
N SER C 487 -18.25 23.04 -32.71
CA SER C 487 -17.85 21.93 -31.79
C SER C 487 -16.96 20.94 -32.55
N ALA C 488 -17.38 20.51 -33.74
CA ALA C 488 -16.65 19.54 -34.61
C ALA C 488 -15.23 20.05 -34.88
N ILE C 489 -15.09 21.32 -35.24
CA ILE C 489 -13.75 21.91 -35.55
C ILE C 489 -12.95 22.02 -34.25
N GLN C 490 -13.53 22.63 -33.21
CA GLN C 490 -12.93 22.70 -31.85
C GLN C 490 -12.38 21.31 -31.48
N LYS C 491 -13.13 20.24 -31.73
CA LYS C 491 -12.77 18.89 -31.21
C LYS C 491 -11.74 18.19 -32.09
N TYR C 492 -11.89 18.26 -33.43
CA TYR C 492 -11.14 17.40 -34.40
C TYR C 492 -10.20 18.17 -35.32
N GLY C 493 -10.38 19.48 -35.49
CA GLY C 493 -9.50 20.36 -36.28
C GLY C 493 -9.96 20.49 -37.72
N LYS C 494 -9.93 21.71 -38.28
CA LYS C 494 -10.60 22.08 -39.56
C LYS C 494 -10.13 21.16 -40.69
N GLU C 495 -8.85 20.77 -40.68
CA GLU C 495 -8.25 19.88 -41.71
C GLU C 495 -8.96 18.51 -41.74
N ASN C 496 -9.71 18.12 -40.70
CA ASN C 496 -10.32 16.75 -40.60
C ASN C 496 -11.85 16.80 -40.62
N ILE C 497 -12.45 17.95 -40.94
CA ILE C 497 -13.93 18.09 -40.98
C ILE C 497 -14.34 18.45 -42.41
N ASN C 498 -15.16 17.60 -43.03
CA ASN C 498 -15.92 17.98 -44.25
C ASN C 498 -17.30 18.45 -43.83
N VAL C 499 -17.71 19.61 -44.33
CA VAL C 499 -19.10 20.12 -44.27
C VAL C 499 -19.69 20.07 -45.67
N TYR C 500 -20.67 19.19 -45.88
CA TYR C 500 -21.43 19.12 -47.15
C TYR C 500 -22.68 19.98 -46.95
N HIS C 501 -23.07 20.76 -47.97
CA HIS C 501 -24.25 21.66 -47.86
C HIS C 501 -24.91 21.91 -49.21
N ASN C 502 -26.13 22.43 -49.14
CA ASN C 502 -26.93 22.85 -50.30
C ASN C 502 -28.01 23.83 -49.87
N VAL C 503 -28.42 24.66 -50.80
CA VAL C 503 -29.68 25.43 -50.70
C VAL C 503 -30.74 24.72 -51.54
N PHE C 504 -32.00 25.00 -51.31
CA PHE C 504 -33.12 24.34 -52.03
C PHE C 504 -34.39 25.17 -51.83
N ILE C 505 -35.43 24.82 -52.57
CA ILE C 505 -36.73 25.54 -52.56
C ILE C 505 -37.85 24.52 -52.43
N PRO C 506 -38.47 24.41 -51.25
CA PRO C 506 -39.55 23.45 -51.08
C PRO C 506 -40.60 23.73 -52.17
N LEU C 507 -41.08 22.68 -52.81
CA LEU C 507 -41.96 22.76 -53.99
C LEU C 507 -43.23 23.53 -53.62
N GLU C 508 -43.70 23.31 -52.39
CA GLU C 508 -44.84 24.01 -51.75
C GLU C 508 -44.68 25.52 -51.90
N TYR C 509 -43.46 26.02 -52.05
CA TYR C 509 -43.14 27.48 -52.09
C TYR C 509 -42.83 27.94 -53.54
N ALA C 510 -42.83 27.04 -54.52
CA ALA C 510 -42.24 27.31 -55.87
C ALA C 510 -43.02 28.38 -56.61
N VAL C 511 -44.35 28.40 -56.46
CA VAL C 511 -45.31 29.25 -57.21
C VAL C 511 -45.64 30.52 -56.42
N THR C 512 -44.98 30.74 -55.28
CA THR C 512 -45.29 31.85 -54.34
C THR C 512 -44.17 32.90 -54.40
N GLU C 513 -44.32 33.98 -53.65
CA GLU C 513 -43.25 35.01 -53.48
C GLU C 513 -42.84 35.03 -52.00
N ARG C 514 -42.72 33.86 -51.36
CA ARG C 514 -42.38 33.77 -49.92
C ARG C 514 -40.92 34.22 -49.72
N LYS C 515 -40.63 34.87 -48.60
CA LYS C 515 -39.26 35.27 -48.17
C LYS C 515 -38.45 33.99 -47.88
N GLU C 516 -39.11 32.93 -47.43
CA GLU C 516 -38.47 31.63 -47.05
C GLU C 516 -37.72 31.00 -48.24
N LYS C 517 -37.99 31.40 -49.49
CA LYS C 517 -37.41 30.75 -50.70
C LYS C 517 -35.90 30.95 -50.75
N THR C 518 -35.36 32.02 -50.16
CA THR C 518 -33.90 32.33 -50.23
C THR C 518 -33.22 32.05 -48.88
N HIS C 519 -33.82 31.24 -48.01
CA HIS C 519 -33.30 31.03 -46.62
C HIS C 519 -33.21 29.54 -46.23
N CYS C 520 -33.92 28.63 -46.91
CA CYS C 520 -33.86 27.16 -46.68
C CYS C 520 -32.46 26.66 -47.02
N TYR C 521 -31.85 25.89 -46.12
CA TYR C 521 -30.44 25.42 -46.17
C TYR C 521 -30.30 24.18 -45.29
N CYS C 522 -29.53 23.20 -45.75
CA CYS C 522 -29.21 22.00 -44.93
C CYS C 522 -27.71 21.76 -45.04
N LYS C 523 -27.15 21.13 -44.02
CA LYS C 523 -25.69 20.85 -44.01
C LYS C 523 -25.41 19.65 -43.11
N LEU C 524 -24.32 18.96 -43.44
CA LEU C 524 -23.92 17.63 -42.98
C LEU C 524 -22.44 17.74 -42.58
N ILE C 525 -22.13 17.41 -41.33
CA ILE C 525 -20.79 17.60 -40.73
C ILE C 525 -20.17 16.23 -40.52
N CYS C 526 -18.99 16.03 -41.11
CA CYS C 526 -18.36 14.71 -41.36
C CYS C 526 -16.90 14.71 -40.94
N LEU C 527 -16.47 13.60 -40.31
CA LEU C 527 -15.07 13.32 -39.89
C LEU C 527 -14.31 12.74 -41.09
N LYS C 528 -13.53 13.59 -41.76
CA LYS C 528 -12.83 13.25 -43.03
C LYS C 528 -11.90 12.05 -42.79
N ASN C 529 -11.21 12.03 -41.66
CA ASN C 529 -10.25 11.02 -41.15
C ASN C 529 -10.84 9.60 -41.13
N GLU C 530 -12.17 9.50 -41.05
CA GLU C 530 -12.87 8.23 -40.72
C GLU C 530 -14.08 8.04 -41.64
N GLN C 531 -13.84 8.22 -42.94
CA GLN C 531 -14.76 7.89 -44.08
C GLN C 531 -15.98 8.82 -44.07
N ASP C 532 -15.78 10.08 -43.68
CA ASP C 532 -16.88 11.06 -43.54
C ASP C 532 -17.96 10.45 -42.63
N LEU C 533 -17.57 9.90 -41.47
CA LEU C 533 -18.51 9.56 -40.37
C LEU C 533 -19.31 10.83 -40.06
N ILE C 534 -20.61 10.72 -39.83
CA ILE C 534 -21.50 11.90 -39.63
C ILE C 534 -21.51 12.25 -38.13
N LEU C 535 -21.09 13.46 -37.78
CA LEU C 535 -21.00 13.94 -36.38
C LEU C 535 -22.25 14.77 -36.05
N GLY C 536 -22.89 15.31 -37.09
CA GLY C 536 -24.01 16.26 -36.95
C GLY C 536 -24.64 16.60 -38.29
N PHE C 537 -25.94 16.88 -38.25
CA PHE C 537 -26.67 17.52 -39.36
C PHE C 537 -27.61 18.59 -38.81
N HIS C 538 -27.94 19.53 -39.71
CA HIS C 538 -28.59 20.83 -39.46
C HIS C 538 -29.42 21.21 -40.68
N ILE C 539 -30.70 21.49 -40.50
CA ILE C 539 -31.58 21.89 -41.61
C ILE C 539 -32.53 23.00 -41.15
N LEU C 540 -32.70 23.96 -42.05
CA LEU C 540 -33.60 25.12 -41.92
C LEU C 540 -34.69 24.96 -42.99
N THR C 541 -35.94 24.67 -42.61
CA THR C 541 -36.99 24.30 -43.61
C THR C 541 -38.35 24.17 -42.97
N PRO C 542 -39.45 24.28 -43.75
CA PRO C 542 -40.75 23.74 -43.32
C PRO C 542 -40.60 22.28 -42.89
N ASN C 543 -41.28 21.89 -41.82
CA ASN C 543 -41.36 20.50 -41.29
C ASN C 543 -39.98 19.95 -40.90
N ALA C 544 -39.09 20.77 -40.36
CA ALA C 544 -37.75 20.34 -39.92
C ALA C 544 -37.88 19.21 -38.89
N GLY C 545 -38.88 19.31 -38.02
CA GLY C 545 -39.11 18.31 -36.96
C GLY C 545 -39.25 16.92 -37.56
N GLU C 546 -40.12 16.79 -38.55
CA GLU C 546 -40.55 15.51 -39.13
C GLU C 546 -39.38 14.93 -39.93
N ILE C 547 -38.52 15.78 -40.50
CA ILE C 547 -37.39 15.35 -41.38
C ILE C 547 -36.27 14.77 -40.52
N THR C 548 -35.92 15.49 -39.46
CA THR C 548 -34.78 15.24 -38.56
C THR C 548 -34.95 13.91 -37.79
N GLN C 549 -36.14 13.69 -37.25
CA GLN C 549 -36.45 12.55 -36.35
C GLN C 549 -35.85 11.26 -36.90
N GLY C 550 -36.13 10.91 -38.16
CA GLY C 550 -35.75 9.58 -38.68
C GLY C 550 -34.28 9.56 -39.05
N PHE C 551 -33.78 10.63 -39.66
CA PHE C 551 -32.35 10.78 -40.03
C PHE C 551 -31.48 10.71 -38.77
N ALA C 552 -32.00 11.11 -37.60
CA ALA C 552 -31.28 11.00 -36.32
C ALA C 552 -30.88 9.54 -36.04
N ILE C 553 -31.69 8.57 -36.47
CA ILE C 553 -31.36 7.15 -36.16
C ILE C 553 -30.06 6.75 -36.88
N ALA C 554 -29.64 7.46 -37.92
CA ALA C 554 -28.38 7.16 -38.62
C ALA C 554 -27.22 7.24 -37.62
N LEU C 555 -27.28 8.15 -36.65
CA LEU C 555 -26.13 8.36 -35.73
C LEU C 555 -26.06 7.26 -34.65
N LYS C 556 -27.11 6.44 -34.51
CA LYS C 556 -27.06 5.25 -33.63
C LYS C 556 -26.24 4.13 -34.29
N PHE C 557 -25.85 4.26 -35.56
CA PHE C 557 -25.14 3.21 -36.32
C PHE C 557 -23.81 3.72 -36.90
N ASP C 558 -23.37 4.91 -36.51
CA ASP C 558 -22.10 5.49 -37.05
C ASP C 558 -22.17 5.48 -38.57
N ALA C 559 -23.30 5.92 -39.12
CA ALA C 559 -23.49 6.19 -40.56
C ALA C 559 -22.43 7.14 -41.08
N LYS C 560 -21.89 6.82 -42.27
CA LYS C 560 -21.00 7.68 -43.08
C LYS C 560 -21.82 8.46 -44.11
N LYS C 561 -21.29 9.58 -44.61
CA LYS C 561 -21.80 10.30 -45.81
C LYS C 561 -22.11 9.30 -46.93
N ALA C 562 -21.29 8.28 -47.13
CA ALA C 562 -21.47 7.20 -48.13
C ALA C 562 -22.84 6.52 -47.97
N ASP C 563 -23.36 6.43 -46.75
CA ASP C 563 -24.66 5.77 -46.45
C ASP C 563 -25.82 6.67 -46.85
N PHE C 564 -25.70 7.98 -46.67
CA PHE C 564 -26.70 9.00 -47.09
C PHE C 564 -26.81 9.01 -48.62
N ASP C 565 -25.66 8.88 -49.30
CA ASP C 565 -25.57 8.96 -50.78
C ASP C 565 -26.13 7.67 -51.38
N ARG C 566 -26.02 6.54 -50.69
CA ARG C 566 -26.48 5.26 -51.27
C ARG C 566 -27.95 5.01 -50.89
N LEU C 567 -28.57 5.93 -50.14
CA LEU C 567 -30.01 5.88 -49.79
C LEU C 567 -30.81 6.49 -50.94
N ILE C 568 -31.80 5.79 -51.47
CA ILE C 568 -32.67 6.36 -52.53
C ILE C 568 -33.66 7.35 -51.89
N GLY C 569 -33.85 8.50 -52.54
CA GLY C 569 -34.72 9.57 -52.05
C GLY C 569 -36.19 9.26 -52.30
N ILE C 570 -37.08 9.99 -51.63
CA ILE C 570 -38.52 10.08 -51.97
C ILE C 570 -38.70 11.42 -52.67
N HIS C 571 -39.26 11.40 -53.89
CA HIS C 571 -39.40 12.62 -54.71
C HIS C 571 -40.87 12.89 -55.03
N PRO C 572 -41.34 14.14 -54.94
CA PRO C 572 -40.60 15.28 -54.42
C PRO C 572 -40.84 15.47 -52.92
N THR C 573 -39.76 15.52 -52.14
CA THR C 573 -39.74 15.93 -50.71
C THR C 573 -38.55 16.85 -50.50
N VAL C 574 -38.50 17.56 -49.37
CA VAL C 574 -37.30 18.33 -48.94
C VAL C 574 -36.23 17.36 -48.47
N ALA C 575 -36.61 16.40 -47.62
CA ALA C 575 -35.81 15.34 -46.99
C ALA C 575 -34.83 14.71 -48.00
N GLU C 576 -35.24 14.43 -49.23
CA GLU C 576 -34.34 13.80 -50.24
C GLU C 576 -33.09 14.66 -50.47
N ASN C 577 -33.12 15.95 -50.16
CA ASN C 577 -31.94 16.82 -50.36
C ASN C 577 -30.72 16.25 -49.62
N PHE C 578 -30.88 15.55 -48.49
CA PHE C 578 -29.77 14.94 -47.70
C PHE C 578 -28.99 13.80 -48.36
N THR C 579 -29.54 13.24 -49.44
CA THR C 579 -29.05 12.04 -50.13
C THR C 579 -28.22 12.40 -51.40
N THR C 580 -28.08 13.71 -51.63
CA THR C 580 -27.59 14.28 -52.92
C THR C 580 -26.67 15.47 -52.64
N LEU C 581 -26.21 15.68 -51.41
CA LEU C 581 -25.21 16.74 -51.11
C LEU C 581 -23.87 16.38 -51.78
N THR C 582 -23.31 17.32 -52.52
CA THR C 582 -22.00 17.15 -53.22
C THR C 582 -21.06 18.32 -52.91
N LEU C 583 -21.59 19.52 -52.66
CA LEU C 583 -20.83 20.79 -52.47
C LEU C 583 -20.19 20.80 -51.08
N VAL C 584 -18.92 21.18 -51.00
CA VAL C 584 -18.19 21.26 -49.70
C VAL C 584 -18.05 22.74 -49.30
N LYS C 585 -18.51 23.08 -48.09
CA LYS C 585 -18.34 24.43 -47.50
C LYS C 585 -16.83 24.60 -47.28
N GLU C 586 -16.23 25.67 -47.82
CA GLU C 586 -14.77 25.92 -47.75
C GLU C 586 -14.54 27.23 -47.00
N ASP C 587 -14.91 27.24 -45.72
CA ASP C 587 -14.62 28.35 -44.75
C ASP C 587 -15.54 29.53 -45.07
PA FAD D . 33.33 -26.92 -1.50
O1A FAD D . 32.87 -25.51 -1.69
O2A FAD D . 32.53 -28.03 -2.11
O5B FAD D . 34.88 -27.05 -1.96
C5B FAD D . 35.46 -28.31 -2.38
C4B FAD D . 36.28 -28.14 -3.64
O4B FAD D . 37.43 -29.02 -3.58
C3B FAD D . 35.58 -28.48 -4.96
O3B FAD D . 35.87 -27.51 -5.96
C2B FAD D . 36.14 -29.86 -5.31
O2B FAD D . 36.18 -30.15 -6.69
C1B FAD D . 37.55 -29.74 -4.79
N9A FAD D . 38.23 -31.03 -4.53
C8A FAD D . 37.63 -32.21 -4.16
N7A FAD D . 38.51 -33.18 -4.01
C5A FAD D . 39.73 -32.62 -4.31
C6A FAD D . 41.04 -33.13 -4.32
N6A FAD D . 41.35 -34.39 -4.03
N1A FAD D . 42.04 -32.27 -4.66
C2A FAD D . 41.73 -31.01 -4.96
N3A FAD D . 40.54 -30.42 -4.96
C4A FAD D . 39.57 -31.28 -4.63
N1 FAD D . 25.02 -22.98 1.59
C2 FAD D . 24.57 -21.80 2.10
O2 FAD D . 25.08 -21.29 3.12
N3 FAD D . 23.52 -21.15 1.55
C4 FAD D . 22.86 -21.64 0.45
O4 FAD D . 21.91 -21.02 -0.01
C4X FAD D . 23.31 -22.81 -0.13
N5 FAD D . 22.70 -23.26 -1.19
C5X FAD D . 23.20 -24.40 -1.76
C6 FAD D . 22.60 -24.86 -2.94
C7 FAD D . 23.07 -25.97 -3.61
C7M FAD D . 22.39 -26.42 -4.88
C8 FAD D . 24.18 -26.68 -3.07
C8M FAD D . 24.70 -27.92 -3.74
C9 FAD D . 24.73 -26.26 -1.88
C9A FAD D . 24.29 -25.12 -1.23
N10 FAD D . 24.89 -24.64 -0.06
C10 FAD D . 24.44 -23.46 0.52
C1' FAD D . 26.00 -25.38 0.53
C2' FAD D . 27.35 -24.90 0.09
O2' FAD D . 27.47 -25.00 -1.32
C3' FAD D . 28.44 -25.72 0.79
O3' FAD D . 28.05 -25.93 2.16
C4' FAD D . 29.81 -25.06 0.78
O4' FAD D . 30.21 -24.72 -0.54
C5' FAD D . 30.85 -25.94 1.40
O5' FAD D . 32.15 -25.39 1.10
P FAD D . 33.44 -26.29 1.37
O1P FAD D . 34.58 -25.34 1.46
O2P FAD D . 33.17 -27.23 2.50
O3P FAD D . 33.45 -27.21 0.06
PB ATR E . 19.01 -36.35 5.59
O1B ATR E . 19.10 -34.89 5.21
O2B ATR E . 17.80 -36.71 6.41
O3B ATR E . 20.29 -36.94 6.11
PA ATR E . 19.64 -36.83 2.89
O1A ATR E . 20.70 -37.90 2.80
O2A ATR E . 20.02 -35.38 2.87
O3A ATR E . 18.75 -37.12 4.20
O5' ATR E . 18.58 -37.08 1.72
C5' ATR E . 18.06 -36.00 0.95
C4' ATR E . 16.55 -36.14 0.83
O4' ATR E . 16.19 -36.96 -0.28
C3' ATR E . 15.98 -36.78 2.08
O3' ATR E . 14.94 -35.97 2.62
C2' ATR E . 15.45 -38.12 1.63
O2' ATR E . 14.20 -38.46 2.21
P2' ATR E . 14.14 -39.74 3.17
O1P ATR E . 14.67 -39.22 4.48
O2P ATR E . 12.68 -40.12 3.19
O3P ATR E . 15.04 -40.74 2.50
C1' ATR E . 15.33 -38.02 0.13
N9 ATR E . 15.80 -39.30 -0.46
C8 ATR E . 16.91 -39.96 -0.11
N7 ATR E . 17.06 -41.09 -0.83
C5 ATR E . 16.02 -41.16 -1.68
C6 ATR E . 15.56 -42.11 -2.73
N6 ATR E . 16.26 -43.22 -3.03
N1 ATR E . 14.41 -41.81 -3.37
C2 ATR E . 13.71 -40.71 -3.09
N3 ATR E . 14.06 -39.81 -2.16
C4 ATR E . 15.18 -39.98 -1.43
C1 MPD F . 33.03 -31.36 15.07
C2 MPD F . 31.98 -30.29 15.31
O2 MPD F . 30.83 -30.92 15.89
CM MPD F . 31.54 -29.67 13.99
C3 MPD F . 32.48 -29.22 16.29
C4 MPD F . 32.39 -29.72 17.71
O4 MPD F . 33.39 -29.07 18.49
C5 MPD F . 31.05 -29.50 18.33
C1 MPD G . 4.02 -15.42 -12.50
C2 MPD G . 4.02 -15.39 -14.02
O2 MPD G . 2.65 -15.43 -14.44
CM MPD G . 4.71 -16.60 -14.60
C3 MPD G . 4.65 -14.09 -14.55
C4 MPD G . 4.06 -13.71 -15.88
O4 MPD G . 4.74 -12.57 -16.39
C5 MPD G . 4.14 -14.82 -16.90
NA NA H . 36.89 -25.92 0.45
PA FAD I . -1.08 10.97 14.89
O1A FAD I . -0.72 9.74 14.13
O2A FAD I . -0.90 12.28 14.21
O5B FAD I . -2.60 10.85 15.40
C5B FAD I . -3.19 11.96 16.11
C4B FAD I . -4.66 12.02 15.80
O4B FAD I . -5.31 12.93 16.72
C3B FAD I . -5.03 12.53 14.40
O3B FAD I . -6.17 11.84 13.92
C2B FAD I . -5.47 13.96 14.68
O2B FAD I . -6.27 14.52 13.68
C1B FAD I . -6.20 13.73 15.99
N9A FAD I . -6.45 14.95 16.73
C8A FAD I . -5.65 16.05 16.82
N7A FAD I . -6.16 16.99 17.58
C5A FAD I . -7.38 16.48 18.00
C6A FAD I . -8.40 17.00 18.83
N6A FAD I . -8.35 18.19 19.39
N1A FAD I . -9.47 16.21 19.05
C2A FAD I . -9.52 15.00 18.47
N3A FAD I . -8.63 14.41 17.68
C4A FAD I . -7.57 15.22 17.49
N1 FAD I . 6.88 6.92 11.46
C2 FAD I . 7.48 5.74 11.33
O2 FAD I . 7.74 5.05 12.32
N3 FAD I . 7.85 5.23 10.13
C4 FAD I . 7.61 5.92 8.97
O4 FAD I . 7.95 5.44 7.90
C4X FAD I . 6.97 7.15 9.05
N5 FAD I . 6.73 7.80 7.94
C5X FAD I . 6.09 9.01 8.06
C6 FAD I . 5.82 9.73 6.87
C7 FAD I . 5.18 10.94 6.90
C7M FAD I . 4.91 11.68 5.63
C8 FAD I . 4.79 11.48 8.14
C8M FAD I . 4.09 12.82 8.20
C9 FAD I . 5.06 10.80 9.31
C9A FAD I . 5.71 9.56 9.28
N10 FAD I . 5.99 8.83 10.45
C10 FAD I . 6.62 7.61 10.37
C1' FAD I . 5.61 9.37 11.76
C2' FAD I . 4.36 8.72 12.31
O2' FAD I . 3.36 8.73 11.31
C3' FAD I . 3.86 9.51 13.51
O3' FAD I . 4.94 9.74 14.40
C4' FAD I . 2.74 8.81 14.28
O4' FAD I . 1.63 8.61 13.41
C5' FAD I . 2.28 9.61 15.47
O5' FAD I . 1.14 8.96 16.08
P FAD I . 0.29 9.76 17.15
O1P FAD I . -0.86 8.91 17.57
O2P FAD I . 1.21 10.30 18.18
O3P FAD I . -0.25 10.97 16.25
AU AU J . -4.87 -2.65 39.99
C1 MPD K . 9.66 9.73 28.05
C2 MPD K . 10.62 10.83 27.61
O2 MPD K . 10.23 12.04 28.27
CM MPD K . 10.52 11.07 26.11
C3 MPD K . 12.05 10.51 28.02
C4 MPD K . 13.03 10.89 26.94
O4 MPD K . 12.94 12.29 26.70
C5 MPD K . 14.45 10.52 27.27
C1 MPD L . 9.81 1.59 -15.65
C2 MPD L . 10.80 2.63 -16.15
O2 MPD L . 10.29 3.92 -15.76
CM MPD L . 10.88 2.62 -17.66
C3 MPD L . 12.18 2.46 -15.51
C4 MPD L . 13.05 3.66 -15.74
O4 MPD L . 12.30 4.84 -15.46
C5 MPD L . 14.31 3.66 -14.92
C1 MPD M . 15.35 9.47 15.82
C2 MPD M . 16.15 8.61 16.77
O2 MPD M . 15.85 9.04 18.11
CM MPD M . 15.75 7.14 16.66
C3 MPD M . 17.66 8.78 16.55
C4 MPD M . 18.02 8.58 15.10
O4 MPD M . 18.03 9.84 14.45
C5 MPD M . 19.34 7.90 14.90
PA FAD N . -42.01 19.17 -15.43
O1A FAD N . -42.68 18.82 -16.71
O2A FAD N . -41.64 20.60 -15.19
O5B FAD N . -42.89 18.64 -14.19
C5B FAD N . -42.73 19.28 -12.91
C4B FAD N . -44.10 19.52 -12.31
O4B FAD N . -44.08 19.16 -10.91
C3B FAD N . -44.60 20.97 -12.35
O3B FAD N . -46.01 21.04 -12.57
C2B FAD N . -44.23 21.50 -10.96
O2B FAD N . -45.03 22.58 -10.55
C1B FAD N . -44.47 20.26 -10.11
N9A FAD N . -43.69 20.23 -8.88
C8A FAD N . -42.44 20.74 -8.67
N7A FAD N . -42.02 20.54 -7.44
C5A FAD N . -43.05 19.87 -6.81
C6A FAD N . -43.22 19.38 -5.50
N6A FAD N . -42.30 19.50 -4.54
N1A FAD N . -44.38 18.75 -5.21
C2A FAD N . -45.30 18.63 -6.18
N3A FAD N . -45.26 19.05 -7.45
C4A FAD N . -44.09 19.67 -7.69
N1 FAD N . -39.40 20.06 -24.65
C2 FAD N . -39.54 19.43 -25.83
O2 FAD N . -39.14 18.27 -25.98
N3 FAD N . -40.11 20.02 -26.92
C4 FAD N . -40.59 21.31 -26.86
O4 FAD N . -41.11 21.80 -27.86
C4X FAD N . -40.46 22.01 -25.65
N5 FAD N . -40.92 23.23 -25.58
C5X FAD N . -40.79 23.89 -24.39
C6 FAD N . -41.26 25.21 -24.30
C7 FAD N . -41.16 25.94 -23.14
C7M FAD N . -41.68 27.35 -23.08
C8 FAD N . -40.56 25.34 -22.00
C8M FAD N . -40.44 26.12 -20.71
C9 FAD N . -40.09 24.05 -22.08
C9A FAD N . -40.19 23.31 -23.26
N10 FAD N . -39.73 22.00 -23.37
C10 FAD N . -39.84 21.30 -24.56
C1' FAD N . -39.10 21.34 -22.21
C2' FAD N . -40.01 20.31 -21.57
O2' FAD N . -41.36 20.72 -21.72
C3' FAD N . -39.70 20.13 -20.08
O3' FAD N . -38.28 20.08 -19.91
C4' FAD N . -40.32 18.88 -19.48
O4' FAD N . -41.74 18.97 -19.54
C5' FAD N . -39.90 18.66 -18.05
O5' FAD N . -40.41 17.37 -17.58
P FAD N . -40.18 16.95 -16.05
O1P FAD N . -41.10 15.81 -15.74
O2P FAD N . -38.72 16.78 -15.81
O3P FAD N . -40.69 18.27 -15.28
#